data_4GVL
#
_entry.id   4GVL
#
_cell.length_a   110.648
_cell.length_b   161.693
_cell.length_c   310.127
_cell.angle_alpha   90.00
_cell.angle_beta   90.00
_cell.angle_gamma   90.00
#
_symmetry.space_group_name_H-M   'I 2 2 2'
#
loop_
_entity.id
_entity.type
_entity.pdbx_description
1 polymer 'TrkA domain protein'
2 non-polymer 'ZINC ION'
3 non-polymer 'ADENOSINE MONOPHOSPHATE'
4 non-polymer 'CALCIUM ION'
#
_entity_poly.entity_id   1
_entity_poly.type   'polypeptide(L)'
_entity_poly.pdbx_seq_one_letter_code
;MFLAPWIERRLRYHPTIELPDDTRGHILIFGIDPITRTLIRKLESRNHLFVVVTDNYDQALHLEEQEGFKVVYGSPTDAH
VLAGLRVAAARSIIANLSDPDNANLCLTVRSLCQTPIIAVVKEPVHGELLRLAGANQVVPLTRILGRYLGIRATTCGALA
HILDSFGNLQIAELPVHGTPFAGKTIGESGIRQRTGLSIIGVWERGSLTTPQRETVLTEQSLLVLAGTKSQLAALEYLIG
EAPEDELIFIIGHGRIGCAAAAFLDRKPVPFILIDRQESPVCNDHVVVYGDATVGQTLRQAGIDRASGIIVTTNDDSTNI
FLTLACRHLHSHIRIVARANGEENVDQLYAAGADFVVSNASVGANILGNLLEHKESAFLSEGMAVFRRPLPPAMAGKTIA
ETRLRPLTGCSIVAIEAPDRADILISPPPETILAEGARLILIGTSEQEKTFDQTIAARLVPR
;
_entity_poly.pdbx_strand_id   A,B,C,D
#
# COMPACT_ATOMS: atom_id res chain seq x y z
N ALA A 4 -22.08 29.04 12.42
CA ALA A 4 -22.92 28.11 13.23
C ALA A 4 -22.28 26.72 13.33
N PRO A 5 -21.87 26.31 14.55
CA PRO A 5 -20.90 25.22 14.81
C PRO A 5 -21.31 23.83 14.31
N TRP A 6 -22.61 23.55 14.33
CA TRP A 6 -23.11 22.26 13.87
C TRP A 6 -23.40 22.23 12.36
N ILE A 7 -23.55 23.41 11.75
CA ILE A 7 -23.71 23.49 10.30
C ILE A 7 -22.34 23.45 9.58
N GLU A 8 -21.34 24.10 10.19
CA GLU A 8 -19.96 24.05 9.69
C GLU A 8 -19.45 22.60 9.67
N ARG A 9 -20.03 21.79 10.53
CA ARG A 9 -19.78 20.36 10.61
C ARG A 9 -20.26 19.63 9.34
N ARG A 10 -21.38 20.07 8.79
CA ARG A 10 -21.97 19.43 7.61
C ARG A 10 -21.42 19.95 6.28
N LEU A 11 -20.54 20.92 6.34
CA LEU A 11 -19.88 21.43 5.14
C LEU A 11 -18.58 20.70 4.90
N ARG A 12 -17.90 21.04 3.79
CA ARG A 12 -16.62 20.42 3.45
C ARG A 12 -15.59 20.70 4.53
N TYR A 13 -14.73 19.72 4.79
CA TYR A 13 -13.81 19.84 5.89
C TYR A 13 -12.59 20.70 5.60
N HIS A 14 -12.35 21.66 6.48
CA HIS A 14 -11.10 22.41 6.51
C HIS A 14 -10.60 22.49 7.93
N PRO A 15 -9.34 22.09 8.16
CA PRO A 15 -8.80 21.99 9.51
C PRO A 15 -8.35 23.33 10.06
N THR A 16 -8.12 23.40 11.37
CA THR A 16 -7.56 24.60 11.99
C THR A 16 -6.04 24.60 11.80
N ILE A 17 -5.56 25.72 11.25
CA ILE A 17 -4.15 25.91 10.91
C ILE A 17 -3.39 26.53 12.07
N GLU A 18 -4.04 27.44 12.79
CA GLU A 18 -3.40 28.16 13.89
C GLU A 18 -4.39 28.51 15.01
N LEU A 19 -3.86 28.65 16.23
CA LEU A 19 -4.62 29.18 17.36
C LEU A 19 -4.74 30.70 17.26
N PRO A 20 -5.83 31.27 17.82
CA PRO A 20 -5.96 32.73 17.92
C PRO A 20 -4.87 33.36 18.79
N ASP A 21 -4.41 34.54 18.37
CA ASP A 21 -3.29 35.25 19.00
C ASP A 21 -3.29 35.29 20.53
N ASP A 22 -4.45 35.57 21.12
CA ASP A 22 -4.59 35.77 22.57
C ASP A 22 -4.58 34.49 23.41
N THR A 23 -4.22 33.36 22.82
CA THR A 23 -4.19 32.07 23.51
C THR A 23 -3.01 31.98 24.49
N ARG A 24 -3.31 31.71 25.77
CA ARG A 24 -2.27 31.56 26.79
C ARG A 24 -2.47 30.28 27.60
N GLY A 25 -1.41 29.85 28.30
CA GLY A 25 -1.49 28.82 29.35
C GLY A 25 -1.93 27.44 28.93
N HIS A 26 -1.83 27.17 27.64
CA HIS A 26 -2.30 25.91 27.07
C HIS A 26 -1.19 24.86 26.99
N ILE A 27 -1.60 23.60 27.06
CA ILE A 27 -0.69 22.46 26.91
C ILE A 27 -0.85 21.86 25.52
N LEU A 28 0.18 21.94 24.69
CA LEU A 28 0.13 21.27 23.39
C LEU A 28 0.84 19.92 23.31
N ILE A 29 0.28 19.05 22.49
CA ILE A 29 0.76 17.68 22.36
C ILE A 29 1.12 17.34 20.92
N PHE A 30 2.36 16.90 20.74
CA PHE A 30 2.87 16.46 19.45
C PHE A 30 3.08 14.97 19.53
N GLY A 31 2.30 14.22 18.74
CA GLY A 31 2.39 12.78 18.73
C GLY A 31 1.29 12.16 19.56
N ILE A 32 0.04 12.40 19.14
CA ILE A 32 -1.13 11.80 19.77
C ILE A 32 -1.15 10.27 19.72
N ASP A 33 -1.34 9.65 20.87
CA ASP A 33 -1.55 8.21 20.95
C ASP A 33 -2.32 7.84 22.22
N PRO A 34 -2.61 6.54 22.44
CA PRO A 34 -3.38 6.15 23.61
C PRO A 34 -2.88 6.82 24.86
N ILE A 35 -1.56 6.79 25.06
CA ILE A 35 -0.98 7.35 26.27
C ILE A 35 -1.36 8.82 26.42
N THR A 36 -1.13 9.61 25.39
CA THR A 36 -1.47 11.02 25.46
C THR A 36 -2.98 11.25 25.47
N ARG A 37 -3.75 10.30 24.95
CA ARG A 37 -5.19 10.47 24.94
C ARG A 37 -5.79 10.21 26.31
N THR A 38 -5.18 9.29 27.04
CA THR A 38 -5.51 9.03 28.42
C THR A 38 -5.09 10.21 29.29
N LEU A 39 -4.01 10.89 28.89
CA LEU A 39 -3.53 12.07 29.58
C LEU A 39 -4.57 13.18 29.59
N ILE A 40 -5.14 13.49 28.44
CA ILE A 40 -6.14 14.54 28.30
C ILE A 40 -7.41 14.24 29.09
N ARG A 41 -7.78 12.96 29.20
CA ARG A 41 -8.88 12.54 30.05
C ARG A 41 -8.57 12.79 31.53
N LYS A 42 -7.47 12.20 31.98
CA LYS A 42 -7.06 12.22 33.39
C LYS A 42 -6.96 13.65 33.97
N LEU A 43 -6.44 14.59 33.18
CA LEU A 43 -6.35 15.99 33.61
C LEU A 43 -7.47 16.86 33.04
N GLU A 44 -8.71 16.41 33.26
CA GLU A 44 -9.89 17.17 32.89
C GLU A 44 -10.46 17.84 34.14
N SER A 45 -10.00 17.42 35.32
CA SER A 45 -10.35 18.07 36.59
C SER A 45 -9.86 19.52 36.54
N ARG A 46 -8.59 19.68 36.15
CA ARG A 46 -8.00 20.98 35.85
C ARG A 46 -8.64 21.50 34.55
N ASN A 47 -8.85 22.80 34.46
CA ASN A 47 -9.35 23.37 33.22
C ASN A 47 -8.23 23.71 32.24
N HIS A 48 -7.24 22.80 32.16
CA HIS A 48 -6.18 22.88 31.17
C HIS A 48 -6.75 22.78 29.77
N LEU A 49 -6.19 23.58 28.86
CA LEU A 49 -6.56 23.52 27.46
C LEU A 49 -5.51 22.74 26.67
N PHE A 50 -5.93 21.59 26.14
CA PHE A 50 -5.03 20.76 25.35
C PHE A 50 -5.22 21.05 23.87
N VAL A 51 -4.10 21.18 23.17
CA VAL A 51 -4.12 21.27 21.72
C VAL A 51 -3.23 20.18 21.13
N VAL A 52 -3.84 19.26 20.37
CA VAL A 52 -3.01 18.26 19.70
C VAL A 52 -2.71 18.70 18.27
N VAL A 53 -1.45 18.52 17.89
CA VAL A 53 -0.94 18.93 16.58
C VAL A 53 -0.71 17.68 15.76
N THR A 54 -1.12 17.73 14.51
CA THR A 54 -0.88 16.62 13.60
C THR A 54 -0.56 17.13 12.21
N ASP A 55 0.31 16.41 11.51
CA ASP A 55 0.66 16.75 10.12
C ASP A 55 -0.14 15.90 9.13
N ASN A 56 -0.84 14.90 9.67
CA ASN A 56 -1.73 14.06 8.88
C ASN A 56 -3.10 14.71 8.69
N TYR A 57 -3.46 14.97 7.43
CA TYR A 57 -4.75 15.59 7.11
C TYR A 57 -5.95 14.77 7.59
N ASP A 58 -5.91 13.46 7.33
CA ASP A 58 -7.01 12.57 7.71
C ASP A 58 -7.17 12.41 9.21
N GLN A 59 -6.07 12.25 9.92
CA GLN A 59 -6.09 12.11 11.36
C GLN A 59 -6.70 13.35 11.99
N ALA A 60 -6.47 14.52 11.38
CA ALA A 60 -7.06 15.76 11.86
C ALA A 60 -8.58 15.68 11.81
N LEU A 61 -9.11 15.19 10.69
CA LEU A 61 -10.55 15.08 10.49
C LEU A 61 -11.23 14.24 11.58
N HIS A 62 -10.70 13.04 11.81
CA HIS A 62 -11.33 12.10 12.72
C HIS A 62 -11.13 12.45 14.19
N LEU A 63 -10.32 13.48 14.45
CA LEU A 63 -10.07 13.90 15.82
C LEU A 63 -10.83 15.17 16.17
N GLU A 64 -11.36 15.83 15.15
CA GLU A 64 -12.07 17.09 15.35
C GLU A 64 -13.32 16.84 16.16
N GLU A 65 -14.04 15.79 15.80
CA GLU A 65 -15.29 15.45 16.45
C GLU A 65 -15.02 14.68 17.75
N GLN A 66 -13.92 15.02 18.42
CA GLN A 66 -13.55 14.39 19.68
C GLN A 66 -13.30 15.41 20.79
N GLU A 67 -13.82 15.11 21.99
CA GLU A 67 -13.86 16.08 23.09
C GLU A 67 -12.72 15.94 24.11
N GLY A 68 -12.38 17.06 24.74
CA GLY A 68 -11.27 17.16 25.69
C GLY A 68 -10.16 18.03 25.12
N PHE A 69 -10.11 18.11 23.80
CA PHE A 69 -9.00 18.74 23.11
C PHE A 69 -9.39 19.25 21.73
N LYS A 70 -8.65 20.24 21.25
CA LYS A 70 -8.83 20.70 19.89
C LYS A 70 -7.63 20.38 18.99
N VAL A 71 -7.86 20.34 17.69
CA VAL A 71 -6.86 19.83 16.76
C VAL A 71 -6.33 20.91 15.85
N VAL A 72 -5.01 20.88 15.63
CA VAL A 72 -4.38 21.78 14.66
C VAL A 72 -3.62 20.97 13.61
N TYR A 73 -3.81 21.37 12.36
CA TYR A 73 -3.16 20.72 11.24
C TYR A 73 -1.98 21.55 10.79
N GLY A 74 -0.79 20.99 10.96
CA GLY A 74 0.42 21.66 10.55
C GLY A 74 1.64 20.80 10.76
N SER A 75 2.78 21.27 10.28
CA SER A 75 4.01 20.54 10.50
C SER A 75 4.63 20.93 11.84
N PRO A 76 4.70 19.98 12.78
CA PRO A 76 5.25 20.24 14.12
C PRO A 76 6.59 21.00 14.11
N THR A 77 7.41 20.73 13.10
CA THR A 77 8.78 21.20 13.11
C THR A 77 9.02 22.46 12.26
N ASP A 78 7.95 23.02 11.72
CA ASP A 78 8.02 24.31 11.05
C ASP A 78 7.92 25.39 12.12
N ALA A 79 8.90 26.29 12.13
CA ALA A 79 8.94 27.38 13.08
C ALA A 79 7.74 28.29 12.97
N HIS A 80 7.15 28.34 11.77
CA HIS A 80 5.97 29.14 11.54
C HIS A 80 4.72 28.48 12.12
N VAL A 81 4.64 27.17 12.00
CA VAL A 81 3.54 26.41 12.58
C VAL A 81 3.49 26.62 14.10
N LEU A 82 4.64 26.41 14.75
CA LEU A 82 4.77 26.66 16.18
C LEU A 82 4.42 28.10 16.57
N ALA A 83 4.78 29.05 15.72
CA ALA A 83 4.51 30.46 15.99
C ALA A 83 3.01 30.72 16.05
N GLY A 84 2.26 30.13 15.14
CA GLY A 84 0.81 30.26 15.11
C GLY A 84 0.18 29.51 16.26
N LEU A 85 0.88 28.48 16.74
CA LEU A 85 0.46 27.69 17.89
C LEU A 85 0.71 28.41 19.22
N ARG A 86 1.38 29.56 19.16
CA ARG A 86 1.62 30.43 20.32
C ARG A 86 2.47 29.74 21.41
N VAL A 87 3.51 29.02 20.99
CA VAL A 87 4.36 28.21 21.89
C VAL A 87 4.95 28.93 23.10
N ALA A 88 5.28 30.21 22.92
CA ALA A 88 5.82 31.03 23.99
C ALA A 88 4.80 31.13 25.10
N ALA A 89 3.56 31.43 24.71
CA ALA A 89 2.44 31.61 25.63
C ALA A 89 1.95 30.31 26.26
N ALA A 90 2.39 29.18 25.72
CA ALA A 90 1.97 27.87 26.21
C ALA A 90 2.48 27.60 27.62
N ARG A 91 1.73 26.78 28.37
CA ARG A 91 2.09 26.35 29.71
C ARG A 91 3.24 25.34 29.65
N SER A 92 3.09 24.30 28.84
CA SER A 92 4.17 23.32 28.61
C SER A 92 3.93 22.52 27.33
N ILE A 93 4.92 21.72 26.91
CA ILE A 93 4.83 21.00 25.64
C ILE A 93 5.19 19.53 25.79
N ILE A 94 4.38 18.65 25.19
CA ILE A 94 4.75 17.24 25.16
C ILE A 94 5.26 16.74 23.79
N ALA A 95 6.48 16.24 23.79
CA ALA A 95 7.10 15.74 22.58
C ALA A 95 7.02 14.21 22.55
N ASN A 96 6.09 13.73 21.74
CA ASN A 96 5.85 12.29 21.61
C ASN A 96 5.91 11.87 20.14
N LEU A 97 6.91 12.36 19.42
CA LEU A 97 7.18 11.90 18.06
C LEU A 97 8.33 10.88 18.07
N SER A 98 8.93 10.60 16.92
CA SER A 98 10.14 9.78 16.91
C SER A 98 11.28 10.61 17.47
N ASP A 99 12.31 9.96 17.99
CA ASP A 99 13.47 10.68 18.49
C ASP A 99 13.93 11.79 17.51
N PRO A 100 14.24 11.43 16.24
CA PRO A 100 14.67 12.47 15.31
C PRO A 100 13.74 13.68 15.25
N ASP A 101 12.43 13.46 15.14
CA ASP A 101 11.50 14.58 15.02
C ASP A 101 11.44 15.34 16.31
N ASN A 102 11.52 14.59 17.41
CA ASN A 102 11.53 15.21 18.72
C ASN A 102 12.66 16.24 18.78
N ALA A 103 13.88 15.75 18.49
CA ALA A 103 15.08 16.58 18.42
C ALA A 103 14.87 17.83 17.58
N ASN A 104 14.37 17.64 16.36
CA ASN A 104 14.04 18.77 15.50
C ASN A 104 13.06 19.70 16.19
N LEU A 105 11.97 19.14 16.71
CA LEU A 105 10.93 19.92 17.39
C LEU A 105 11.51 20.79 18.52
N CYS A 106 12.20 20.16 19.46
CA CYS A 106 12.87 20.88 20.55
C CYS A 106 13.78 22.03 20.11
N LEU A 107 14.62 21.78 19.11
CA LEU A 107 15.51 22.80 18.63
C LEU A 107 14.74 23.94 18.01
N THR A 108 13.68 23.62 17.27
CA THR A 108 12.86 24.66 16.67
C THR A 108 12.19 25.46 17.79
N VAL A 109 11.66 24.73 18.78
CA VAL A 109 10.91 25.36 19.86
C VAL A 109 11.81 26.29 20.63
N ARG A 110 12.99 25.79 20.99
CA ARG A 110 13.98 26.60 21.69
C ARG A 110 14.32 27.83 20.88
N SER A 111 14.27 27.72 19.55
CA SER A 111 14.57 28.88 18.70
C SER A 111 13.60 30.03 19.00
N LEU A 112 12.44 29.70 19.55
CA LEU A 112 11.36 30.66 19.73
C LEU A 112 11.11 31.10 21.17
N CYS A 113 11.37 30.21 22.13
CA CYS A 113 10.92 30.43 23.49
C CYS A 113 11.52 29.44 24.47
N GLN A 114 11.33 29.73 25.76
CA GLN A 114 11.87 28.91 26.83
C GLN A 114 10.88 27.86 27.40
N THR A 115 9.70 27.75 26.75
CA THR A 115 8.60 26.92 27.25
C THR A 115 9.05 25.48 27.56
N PRO A 116 8.72 24.97 28.77
CA PRO A 116 9.18 23.64 29.18
C PRO A 116 8.68 22.49 28.28
N ILE A 117 9.60 21.57 27.94
CA ILE A 117 9.28 20.45 27.07
C ILE A 117 9.46 19.15 27.83
N ILE A 118 8.45 18.29 27.76
CA ILE A 118 8.58 16.90 28.20
C ILE A 118 8.54 16.03 26.98
N ALA A 119 9.60 15.23 26.82
CA ALA A 119 9.80 14.43 25.63
C ALA A 119 9.81 12.95 25.96
N VAL A 120 9.07 12.17 25.20
CA VAL A 120 9.05 10.72 25.38
C VAL A 120 10.13 10.11 24.48
N VAL A 121 10.96 9.28 25.08
CA VAL A 121 12.17 8.82 24.44
C VAL A 121 12.04 7.35 24.12
N LYS A 122 11.97 7.06 22.83
CA LYS A 122 11.85 5.68 22.36
C LYS A 122 13.14 4.92 22.65
N GLU A 123 14.27 5.60 22.59
CA GLU A 123 15.54 4.90 22.76
C GLU A 123 16.33 5.43 23.94
N PRO A 124 16.35 4.66 25.04
CA PRO A 124 17.04 5.04 26.27
C PRO A 124 18.39 5.73 26.06
N VAL A 125 19.21 5.21 25.15
CA VAL A 125 20.52 5.83 24.86
C VAL A 125 20.41 7.27 24.31
N HIS A 126 19.35 7.58 23.57
CA HIS A 126 19.11 8.92 23.02
C HIS A 126 18.59 9.92 24.05
N GLY A 127 18.52 9.50 25.32
CA GLY A 127 18.06 10.38 26.39
C GLY A 127 18.82 11.70 26.40
N GLU A 128 20.15 11.58 26.53
CA GLU A 128 21.09 12.71 26.50
C GLU A 128 20.81 13.65 25.36
N LEU A 129 20.74 13.11 24.15
CA LEU A 129 20.61 13.92 22.95
C LEU A 129 19.38 14.83 22.96
N LEU A 130 18.27 14.32 23.51
CA LEU A 130 17.06 15.13 23.56
C LEU A 130 17.10 16.25 24.60
N ARG A 131 17.81 16.02 25.70
CA ARG A 131 18.06 17.08 26.68
C ARG A 131 18.88 18.18 26.04
N LEU A 132 19.93 17.80 25.32
CA LEU A 132 20.71 18.74 24.55
C LEU A 132 19.80 19.53 23.61
N ALA A 133 18.83 18.83 23.04
CA ALA A 133 17.96 19.42 22.03
C ALA A 133 17.09 20.55 22.59
N GLY A 134 16.85 20.50 23.90
CA GLY A 134 16.11 21.55 24.59
C GLY A 134 15.13 21.04 25.63
N ALA A 135 14.95 19.73 25.65
CA ALA A 135 13.94 19.10 26.49
C ALA A 135 14.33 19.18 27.95
N ASN A 136 13.37 19.62 28.78
CA ASN A 136 13.56 19.76 30.21
C ASN A 136 13.45 18.42 30.90
N GLN A 137 12.51 17.60 30.46
CA GLN A 137 12.27 16.31 31.08
C GLN A 137 12.20 15.21 30.02
N VAL A 138 12.83 14.08 30.31
CA VAL A 138 12.95 13.00 29.33
C VAL A 138 12.44 11.67 29.86
N VAL A 139 11.43 11.11 29.21
CA VAL A 139 10.79 9.88 29.71
C VAL A 139 10.98 8.66 28.81
N PRO A 140 11.76 7.68 29.28
CA PRO A 140 11.98 6.47 28.53
C PRO A 140 10.83 5.48 28.75
N LEU A 141 9.64 5.85 28.27
CA LEU A 141 8.43 5.06 28.54
C LEU A 141 8.52 3.58 28.20
N THR A 142 9.12 3.26 27.05
CA THR A 142 9.31 1.86 26.64
C THR A 142 10.13 1.08 27.68
N ARG A 143 11.16 1.71 28.23
CA ARG A 143 12.01 1.02 29.19
C ARG A 143 11.31 0.81 30.51
N ILE A 144 10.59 1.83 30.96
CA ILE A 144 9.80 1.74 32.18
C ILE A 144 8.79 0.60 32.04
N LEU A 145 7.96 0.66 30.99
CA LEU A 145 6.97 -0.40 30.72
C LEU A 145 7.63 -1.77 30.63
N GLY A 146 8.78 -1.85 29.97
CA GLY A 146 9.53 -3.09 29.91
C GLY A 146 9.84 -3.61 31.31
N ARG A 147 10.36 -2.73 32.16
CA ARG A 147 10.76 -3.09 33.52
C ARG A 147 9.56 -3.59 34.32
N TYR A 148 8.43 -2.90 34.16
CA TYR A 148 7.25 -3.21 34.94
C TYR A 148 6.64 -4.56 34.58
N LEU A 149 6.79 -4.96 33.33
CA LEU A 149 6.48 -6.35 32.93
C LEU A 149 7.44 -7.35 33.60
N GLY A 150 8.73 -7.06 33.58
CA GLY A 150 9.74 -7.97 34.11
C GLY A 150 9.61 -8.23 35.60
N ILE A 151 9.27 -7.16 36.32
CA ILE A 151 9.07 -7.23 37.77
C ILE A 151 7.95 -8.22 38.11
N ARG A 152 6.90 -8.18 37.30
CA ARG A 152 5.70 -8.98 37.53
C ARG A 152 5.82 -10.41 37.07
N ALA A 153 6.75 -10.68 36.16
CA ALA A 153 6.73 -11.93 35.42
C ALA A 153 7.42 -13.09 36.12
N THR A 154 8.24 -12.80 37.13
CA THR A 154 8.97 -13.86 37.83
C THR A 154 8.01 -14.69 38.65
N THR A 155 8.39 -15.93 38.93
CA THR A 155 7.57 -16.82 39.74
C THR A 155 7.32 -16.17 41.09
N CYS A 156 8.29 -15.41 41.57
CA CYS A 156 8.26 -14.99 42.96
C CYS A 156 8.19 -13.52 43.35
N GLY A 157 8.79 -12.62 42.58
CA GLY A 157 8.74 -11.21 42.99
C GLY A 157 9.90 -10.88 43.91
N ALA A 158 10.72 -9.94 43.46
CA ALA A 158 11.97 -9.61 44.13
C ALA A 158 12.14 -8.08 44.19
N LEU A 159 13.08 -7.61 45.00
CA LEU A 159 13.32 -6.18 45.06
C LEU A 159 13.74 -5.64 43.71
N ALA A 160 13.16 -4.51 43.33
CA ALA A 160 13.54 -3.81 42.12
C ALA A 160 13.92 -2.39 42.51
N HIS A 161 15.23 -2.14 42.52
CA HIS A 161 15.78 -0.85 42.91
C HIS A 161 15.23 0.31 42.06
N ILE A 162 14.93 1.44 42.70
CA ILE A 162 14.47 2.65 42.00
C ILE A 162 15.36 3.87 42.23
N LEU A 163 15.89 3.99 43.45
CA LEU A 163 16.69 5.15 43.78
C LEU A 163 17.77 4.80 44.75
N ASP A 164 18.95 5.34 44.45
CA ASP A 164 20.10 5.29 45.32
C ASP A 164 20.46 6.74 45.56
N SER A 165 19.93 7.31 46.66
CA SER A 165 20.16 8.71 46.95
C SER A 165 21.49 8.94 47.64
N PHE A 166 22.47 9.36 46.85
CA PHE A 166 23.85 9.56 47.31
C PHE A 166 24.34 8.46 48.23
N GLY A 167 24.29 7.22 47.74
CA GLY A 167 24.90 6.08 48.42
C GLY A 167 24.50 5.73 49.85
N ASN A 168 23.48 6.39 50.39
CA ASN A 168 22.87 5.89 51.67
C ASN A 168 21.42 5.43 51.59
N LEU A 169 20.44 6.34 51.68
CA LEU A 169 19.05 5.89 51.64
C LEU A 169 18.65 5.38 50.27
N GLN A 170 18.07 4.19 50.26
CA GLN A 170 17.66 3.51 49.03
C GLN A 170 16.15 3.42 48.97
N ILE A 171 15.64 3.47 47.74
CA ILE A 171 14.22 3.22 47.48
C ILE A 171 14.03 2.02 46.56
N ALA A 172 13.29 1.02 47.04
CA ALA A 172 13.03 -0.17 46.25
C ALA A 172 11.55 -0.40 46.03
N GLU A 173 11.22 -1.13 44.97
CA GLU A 173 9.89 -1.66 44.75
C GLU A 173 9.95 -3.14 45.09
N LEU A 174 8.81 -3.70 45.51
CA LEU A 174 8.72 -5.16 45.75
C LEU A 174 7.34 -5.69 45.48
N PRO A 175 7.16 -6.37 44.34
CA PRO A 175 5.89 -7.03 44.04
C PRO A 175 5.75 -8.21 44.95
N VAL A 176 4.53 -8.40 45.46
CA VAL A 176 4.27 -9.30 46.58
C VAL A 176 4.02 -10.75 46.15
N HIS A 177 3.63 -10.90 44.88
CA HIS A 177 2.98 -12.10 44.38
C HIS A 177 3.55 -13.45 44.81
N GLY A 178 4.85 -13.66 44.76
CA GLY A 178 5.31 -15.01 45.08
C GLY A 178 5.65 -15.17 46.54
N THR A 179 5.83 -14.04 47.19
CA THR A 179 6.53 -13.89 48.47
C THR A 179 5.69 -14.37 49.65
N PRO A 180 6.31 -14.51 50.84
CA PRO A 180 5.56 -14.89 52.04
C PRO A 180 4.66 -13.79 52.60
N PHE A 181 4.52 -12.69 51.88
CA PHE A 181 3.69 -11.59 52.36
C PHE A 181 2.31 -11.57 51.73
N ALA A 182 2.20 -12.17 50.54
CA ALA A 182 0.92 -12.24 49.87
C ALA A 182 -0.12 -12.82 50.82
N GLY A 183 -1.24 -12.13 50.96
CA GLY A 183 -2.37 -12.63 51.72
C GLY A 183 -2.37 -12.18 53.17
N LYS A 184 -1.25 -11.62 53.61
CA LYS A 184 -1.11 -11.08 54.94
C LYS A 184 -1.39 -9.58 54.92
N THR A 185 -1.70 -9.02 56.08
CA THR A 185 -1.73 -7.57 56.24
C THR A 185 -0.30 -7.11 56.34
N ILE A 186 -0.10 -5.80 56.15
CA ILE A 186 1.24 -5.23 56.30
C ILE A 186 1.75 -5.54 57.68
N GLY A 187 0.90 -5.37 58.68
CA GLY A 187 1.22 -5.73 60.06
C GLY A 187 1.79 -7.14 60.20
N GLU A 188 1.01 -8.12 59.73
CA GLU A 188 1.41 -9.52 59.79
C GLU A 188 2.69 -9.84 59.01
N SER A 189 3.01 -9.01 58.02
CA SER A 189 4.14 -9.28 57.17
C SER A 189 5.44 -9.22 57.95
N GLY A 190 5.48 -8.37 58.97
CA GLY A 190 6.65 -8.21 59.84
C GLY A 190 7.91 -7.66 59.18
N ILE A 191 7.74 -6.91 58.09
CA ILE A 191 8.88 -6.33 57.37
C ILE A 191 9.70 -5.36 58.24
N ARG A 192 9.13 -4.22 58.58
CA ARG A 192 9.81 -3.25 59.46
C ARG A 192 10.38 -3.92 60.73
N GLN A 193 9.62 -4.81 61.35
CA GLN A 193 10.11 -5.47 62.54
C GLN A 193 11.50 -6.09 62.33
N ARG A 194 11.66 -6.75 61.19
CA ARG A 194 12.79 -7.65 61.00
C ARG A 194 13.84 -7.02 60.11
N THR A 195 13.52 -5.83 59.62
CA THR A 195 14.33 -5.16 58.62
C THR A 195 14.75 -3.74 58.99
N GLY A 196 13.82 -3.00 59.58
CA GLY A 196 14.00 -1.59 59.81
C GLY A 196 13.72 -0.79 58.56
N LEU A 197 13.11 -1.38 57.53
CA LEU A 197 12.78 -0.59 56.33
C LEU A 197 11.54 0.26 56.57
N SER A 198 11.46 1.41 55.91
CA SER A 198 10.19 2.13 55.91
C SER A 198 9.40 1.66 54.70
N ILE A 199 8.10 1.41 54.90
CA ILE A 199 7.19 1.15 53.78
C ILE A 199 6.51 2.46 53.43
N ILE A 200 7.00 3.10 52.37
CA ILE A 200 6.48 4.39 51.97
C ILE A 200 5.15 4.20 51.31
N GLY A 201 4.97 3.09 50.62
CA GLY A 201 3.80 2.95 49.77
C GLY A 201 3.33 1.56 49.43
N VAL A 202 2.12 1.52 48.87
CA VAL A 202 1.60 0.35 48.21
C VAL A 202 0.93 0.81 46.93
N TRP A 203 1.43 0.28 45.82
CA TRP A 203 0.75 0.46 44.55
C TRP A 203 -0.30 -0.64 44.42
N GLU A 204 -1.52 -0.23 44.09
CA GLU A 204 -2.57 -1.21 43.97
C GLU A 204 -3.13 -1.34 42.57
N ARG A 205 -3.74 -0.28 42.05
CA ARG A 205 -4.20 -0.38 40.67
C ARG A 205 -3.76 0.84 39.88
N GLY A 206 -2.46 1.10 39.96
CA GLY A 206 -1.88 2.31 39.41
C GLY A 206 -2.01 3.45 40.40
N SER A 207 -2.53 3.14 41.58
CA SER A 207 -2.77 4.13 42.61
C SER A 207 -1.89 3.89 43.79
N LEU A 208 -1.22 4.96 44.24
CA LEU A 208 -0.28 4.87 45.37
C LEU A 208 -1.00 5.16 46.69
N THR A 209 -1.09 4.13 47.53
CA THR A 209 -1.88 4.21 48.74
C THR A 209 -0.98 4.30 49.95
N THR A 210 -1.49 4.90 51.02
CA THR A 210 -0.79 4.92 52.29
C THR A 210 -0.95 3.56 52.99
N PRO A 211 0.18 2.97 53.38
CA PRO A 211 0.21 1.70 54.09
C PRO A 211 -0.31 1.77 55.53
N GLN A 212 -1.52 1.26 55.75
CA GLN A 212 -2.01 0.98 57.09
C GLN A 212 -1.45 -0.36 57.52
N ARG A 213 -1.29 -0.57 58.83
CA ARG A 213 -0.89 -1.87 59.36
C ARG A 213 -1.89 -2.98 59.04
N GLU A 214 -3.11 -2.59 58.67
CA GLU A 214 -4.18 -3.57 58.45
C GLU A 214 -4.64 -3.63 56.99
N THR A 215 -3.92 -3.00 56.07
CA THR A 215 -4.21 -3.23 54.64
C THR A 215 -3.72 -4.63 54.27
N VAL A 216 -4.59 -5.39 53.59
CA VAL A 216 -4.23 -6.72 53.16
C VAL A 216 -3.46 -6.67 51.85
N LEU A 217 -2.21 -7.09 51.92
CA LEU A 217 -1.39 -7.24 50.74
C LEU A 217 -1.87 -8.45 49.95
N THR A 218 -2.09 -8.23 48.67
CA THR A 218 -2.52 -9.26 47.75
C THR A 218 -1.40 -9.53 46.75
N GLU A 219 -1.66 -10.40 45.79
CA GLU A 219 -0.69 -10.73 44.75
C GLU A 219 -0.49 -9.57 43.76
N GLN A 220 -1.37 -8.58 43.77
CA GLN A 220 -1.26 -7.46 42.83
C GLN A 220 -0.50 -6.29 43.42
N SER A 221 -0.04 -6.47 44.65
CA SER A 221 0.45 -5.35 45.42
C SER A 221 1.92 -5.08 45.20
N LEU A 222 2.23 -3.80 45.07
CA LEU A 222 3.59 -3.38 44.92
C LEU A 222 3.97 -2.49 46.09
N LEU A 223 4.69 -3.06 47.05
CA LEU A 223 5.28 -2.29 48.13
C LEU A 223 6.34 -1.33 47.61
N VAL A 224 6.40 -0.13 48.17
CA VAL A 224 7.50 0.79 47.93
C VAL A 224 8.25 1.01 49.23
N LEU A 225 9.50 0.57 49.26
CA LEU A 225 10.32 0.56 50.46
C LEU A 225 11.42 1.61 50.45
N ALA A 226 11.81 2.04 51.64
CA ALA A 226 12.91 2.99 51.81
C ALA A 226 13.83 2.45 52.91
N GLY A 227 15.14 2.57 52.70
CA GLY A 227 16.10 2.09 53.67
C GLY A 227 17.53 1.96 53.19
N THR A 228 18.40 1.57 54.13
CA THR A 228 19.79 1.21 53.91
C THR A 228 19.90 0.05 52.92
N LYS A 229 21.08 -0.09 52.31
CA LYS A 229 21.40 -1.29 51.53
C LYS A 229 21.33 -2.57 52.36
N SER A 230 21.81 -2.52 53.60
CA SER A 230 21.83 -3.70 54.48
C SER A 230 20.42 -4.08 54.89
N GLN A 231 19.54 -3.08 54.93
CA GLN A 231 18.16 -3.35 55.26
C GLN A 231 17.46 -4.02 54.08
N LEU A 232 17.72 -3.56 52.87
CA LEU A 232 17.22 -4.25 51.67
C LEU A 232 17.76 -5.66 51.60
N ALA A 233 19.04 -5.80 51.92
CA ALA A 233 19.69 -7.10 52.01
C ALA A 233 18.91 -8.00 52.94
N ALA A 234 18.43 -7.44 54.04
CA ALA A 234 17.69 -8.22 55.03
C ALA A 234 16.37 -8.70 54.43
N LEU A 235 15.65 -7.78 53.80
CA LEU A 235 14.36 -8.13 53.22
C LEU A 235 14.55 -9.25 52.20
N GLU A 236 15.64 -9.16 51.43
CA GLU A 236 15.96 -10.18 50.45
C GLU A 236 16.10 -11.53 51.15
N TYR A 237 16.79 -11.58 52.28
CA TYR A 237 16.88 -12.82 53.05
C TYR A 237 15.50 -13.36 53.47
N LEU A 238 14.60 -12.46 53.84
CA LEU A 238 13.27 -12.85 54.27
C LEU A 238 12.38 -13.40 53.16
N ILE A 239 12.56 -12.94 51.93
CA ILE A 239 11.72 -13.39 50.82
C ILE A 239 11.94 -14.89 50.48
N GLY A 240 13.10 -15.44 50.86
CA GLY A 240 13.43 -16.83 50.59
C GLY A 240 14.20 -16.95 49.27
N GLU A 241 14.75 -18.13 49.02
CA GLU A 241 15.46 -18.41 47.76
C GLU A 241 14.45 -18.58 46.63
N ALA A 242 14.73 -17.98 45.48
CA ALA A 242 13.86 -18.14 44.30
C ALA A 242 13.89 -19.59 43.79
N PRO A 243 12.78 -20.08 43.21
CA PRO A 243 12.76 -21.48 42.79
C PRO A 243 13.56 -21.67 41.50
N GLU A 244 14.13 -22.86 41.30
CA GLU A 244 14.96 -23.07 40.12
C GLU A 244 14.11 -23.40 38.89
N ASP A 245 14.79 -23.61 37.76
CA ASP A 245 14.15 -23.92 36.48
C ASP A 245 13.25 -22.78 36.03
N GLU A 246 13.54 -21.57 36.47
CA GLU A 246 12.70 -20.44 36.10
C GLU A 246 13.04 -20.00 34.69
N LEU A 247 12.03 -19.87 33.86
CA LEU A 247 12.24 -19.56 32.46
C LEU A 247 11.03 -18.82 31.96
N ILE A 248 11.26 -17.67 31.34
CA ILE A 248 10.15 -16.79 30.95
C ILE A 248 10.06 -16.58 29.45
N PHE A 249 8.86 -16.81 28.91
CA PHE A 249 8.56 -16.60 27.50
C PHE A 249 8.07 -15.20 27.22
N ILE A 250 8.74 -14.50 26.33
CA ILE A 250 8.32 -13.16 26.05
C ILE A 250 7.73 -13.03 24.65
N ILE A 251 6.42 -12.89 24.57
CA ILE A 251 5.78 -12.82 23.28
C ILE A 251 5.64 -11.37 22.81
N GLY A 252 6.34 -11.07 21.72
CA GLY A 252 6.50 -9.71 21.26
C GLY A 252 7.92 -9.33 21.63
N HIS A 253 8.68 -8.88 20.63
CA HIS A 253 10.03 -8.41 20.85
C HIS A 253 10.26 -7.07 20.15
N GLY A 254 9.20 -6.26 20.08
CA GLY A 254 9.37 -4.85 19.77
C GLY A 254 10.05 -4.17 20.96
N ARG A 255 9.98 -2.84 21.02
CA ARG A 255 10.68 -2.13 22.08
C ARG A 255 10.36 -2.61 23.51
N ILE A 256 9.09 -2.70 23.87
CA ILE A 256 8.74 -3.05 25.25
C ILE A 256 9.24 -4.46 25.62
N GLY A 257 8.93 -5.46 24.79
CA GLY A 257 9.42 -6.82 25.03
C GLY A 257 10.93 -6.83 25.21
N CYS A 258 11.64 -6.23 24.24
CA CYS A 258 13.08 -6.09 24.29
C CYS A 258 13.51 -5.53 25.64
N ALA A 259 12.82 -4.48 26.10
CA ALA A 259 13.10 -3.84 27.38
C ALA A 259 12.92 -4.80 28.56
N ALA A 260 11.80 -5.52 28.56
CA ALA A 260 11.54 -6.53 29.58
C ALA A 260 12.65 -7.57 29.54
N ALA A 261 12.98 -8.04 28.34
CA ALA A 261 14.03 -9.04 28.15
C ALA A 261 15.36 -8.56 28.71
N ALA A 262 15.73 -7.33 28.40
CA ALA A 262 16.97 -6.75 28.91
C ALA A 262 16.91 -6.64 30.41
N PHE A 263 15.72 -6.33 30.94
CA PHE A 263 15.57 -6.20 32.38
C PHE A 263 15.86 -7.53 33.04
N LEU A 264 15.14 -8.55 32.59
CA LEU A 264 15.27 -9.91 33.13
C LEU A 264 16.69 -10.46 33.04
N ASP A 265 17.51 -9.86 32.19
CA ASP A 265 18.85 -10.35 31.97
C ASP A 265 19.83 -9.98 33.08
N ARG A 266 19.45 -9.01 33.92
CA ARG A 266 20.35 -8.51 34.97
C ARG A 266 20.47 -9.48 36.14
N LYS A 267 19.37 -9.70 36.85
CA LYS A 267 19.22 -10.86 37.73
C LYS A 267 19.23 -12.02 36.73
N PRO A 268 20.26 -12.86 36.78
CA PRO A 268 20.37 -13.82 35.67
C PRO A 268 19.09 -14.68 35.54
N VAL A 269 18.12 -14.22 34.75
CA VAL A 269 16.87 -14.96 34.52
C VAL A 269 16.67 -15.40 33.06
N PRO A 270 16.70 -16.72 32.79
CA PRO A 270 16.54 -17.28 31.46
C PRO A 270 15.25 -16.84 30.78
N PHE A 271 15.31 -16.48 29.51
CA PHE A 271 14.11 -16.15 28.77
C PHE A 271 14.17 -16.58 27.31
N ILE A 272 13.02 -16.59 26.66
CA ILE A 272 12.90 -16.91 25.26
C ILE A 272 12.02 -15.85 24.64
N LEU A 273 12.35 -15.40 23.43
CA LEU A 273 11.55 -14.39 22.76
C LEU A 273 10.96 -14.93 21.47
N ILE A 274 9.76 -14.50 21.14
CA ILE A 274 9.10 -14.86 19.88
C ILE A 274 8.63 -13.60 19.17
N ASP A 275 8.74 -13.58 17.86
CA ASP A 275 8.16 -12.48 17.10
C ASP A 275 7.97 -12.87 15.65
N ARG A 276 7.00 -12.22 15.01
CA ARG A 276 6.73 -12.40 13.58
C ARG A 276 7.88 -11.86 12.77
N GLN A 277 8.47 -10.77 13.26
CA GLN A 277 9.42 -9.98 12.51
C GLN A 277 10.79 -10.04 13.12
N GLU A 278 11.79 -9.78 12.29
CA GLU A 278 13.15 -9.52 12.75
C GLU A 278 13.23 -8.06 13.16
N SER A 279 13.85 -7.84 14.31
CA SER A 279 13.94 -6.52 14.90
C SER A 279 14.86 -5.60 14.11
N PRO A 280 14.35 -4.41 13.76
CA PRO A 280 15.14 -3.43 13.01
C PRO A 280 16.08 -2.64 13.92
N VAL A 281 16.13 -2.99 15.20
CA VAL A 281 16.73 -2.14 16.22
C VAL A 281 17.64 -2.92 17.18
N CYS A 282 17.35 -4.18 17.41
CA CYS A 282 18.04 -4.94 18.44
C CYS A 282 18.91 -6.07 17.89
N ASN A 283 20.22 -5.97 18.10
CA ASN A 283 21.14 -7.01 17.64
C ASN A 283 21.65 -7.92 18.75
N ASP A 284 21.16 -7.70 19.97
CA ASP A 284 21.69 -8.37 21.16
C ASP A 284 20.91 -9.63 21.54
N HIS A 285 19.78 -9.86 20.88
CA HIS A 285 18.82 -10.87 21.34
C HIS A 285 18.45 -11.96 20.33
N VAL A 286 18.73 -13.21 20.69
CA VAL A 286 18.33 -14.39 19.90
C VAL A 286 16.82 -14.64 20.01
N VAL A 287 16.16 -14.71 18.85
CA VAL A 287 14.70 -14.64 18.77
C VAL A 287 14.13 -15.77 17.91
N VAL A 288 13.14 -16.49 18.44
CA VAL A 288 12.42 -17.53 17.71
C VAL A 288 11.33 -16.89 16.87
N TYR A 289 11.04 -17.45 15.71
CA TYR A 289 10.17 -16.76 14.76
C TYR A 289 8.84 -17.43 14.44
N GLY A 290 7.78 -16.66 14.61
CA GLY A 290 6.45 -17.13 14.31
C GLY A 290 5.34 -16.28 14.88
N ASP A 291 4.14 -16.52 14.36
CA ASP A 291 2.92 -15.99 14.91
C ASP A 291 2.56 -16.84 16.12
N ALA A 292 2.59 -16.23 17.32
CA ALA A 292 2.18 -16.91 18.54
C ALA A 292 0.78 -17.51 18.40
N THR A 293 -0.11 -16.69 17.83
CA THR A 293 -1.49 -17.03 17.46
C THR A 293 -1.63 -18.39 16.79
N VAL A 294 -0.72 -18.73 15.89
CA VAL A 294 -0.69 -20.04 15.25
C VAL A 294 -0.21 -21.08 16.26
N GLY A 295 -0.74 -22.31 16.13
CA GLY A 295 -0.78 -23.26 17.25
C GLY A 295 0.53 -23.79 17.78
N GLN A 296 1.19 -24.60 16.96
CA GLN A 296 2.42 -25.27 17.37
C GLN A 296 3.59 -24.32 17.47
N THR A 297 3.45 -23.11 16.94
CA THR A 297 4.49 -22.09 17.05
C THR A 297 5.03 -22.05 18.46
N LEU A 298 4.12 -21.82 19.42
CA LEU A 298 4.50 -21.75 20.82
C LEU A 298 4.95 -23.09 21.34
N ARG A 299 4.16 -24.14 21.12
CA ARG A 299 4.51 -25.47 21.58
C ARG A 299 5.94 -25.84 21.16
N GLN A 300 6.21 -25.77 19.87
CA GLN A 300 7.51 -26.18 19.31
C GLN A 300 8.65 -25.26 19.74
N ALA A 301 8.32 -24.06 20.18
CA ALA A 301 9.31 -23.16 20.75
C ALA A 301 9.58 -23.51 22.21
N GLY A 302 8.80 -24.44 22.77
CA GLY A 302 9.01 -24.93 24.13
C GLY A 302 8.40 -24.09 25.24
N ILE A 303 7.18 -23.59 25.00
CA ILE A 303 6.40 -22.91 26.04
C ILE A 303 5.88 -23.91 27.07
N ASP A 304 6.15 -25.18 26.84
CA ASP A 304 5.77 -26.24 27.78
C ASP A 304 6.53 -26.14 29.08
N ARG A 305 7.79 -25.70 29.02
CA ARG A 305 8.62 -25.66 30.21
C ARG A 305 8.87 -24.23 30.70
N ALA A 306 8.03 -23.30 30.25
CA ALA A 306 8.06 -21.94 30.75
C ALA A 306 7.50 -21.92 32.16
N SER A 307 8.01 -21.00 32.98
CA SER A 307 7.45 -20.75 34.30
C SER A 307 6.49 -19.57 34.24
N GLY A 308 6.75 -18.62 33.34
CA GLY A 308 5.85 -17.49 33.17
C GLY A 308 5.88 -16.96 31.75
N ILE A 309 4.96 -16.06 31.41
CA ILE A 309 4.87 -15.55 30.06
C ILE A 309 4.53 -14.07 30.03
N ILE A 310 5.39 -13.28 29.41
CA ILE A 310 5.05 -11.90 29.14
C ILE A 310 4.41 -11.82 27.76
N VAL A 311 3.19 -11.32 27.71
CA VAL A 311 2.47 -11.20 26.47
C VAL A 311 2.55 -9.75 26.05
N THR A 312 3.49 -9.41 25.18
CA THR A 312 3.79 -8.00 24.88
C THR A 312 3.61 -7.60 23.44
N THR A 313 2.59 -8.13 22.77
CA THR A 313 2.26 -7.70 21.42
C THR A 313 1.78 -6.25 21.38
N ASN A 314 1.80 -5.65 20.20
CA ASN A 314 1.33 -4.29 20.04
C ASN A 314 -0.12 -4.19 19.63
N ASP A 315 -0.86 -5.31 19.76
CA ASP A 315 -2.28 -5.36 19.38
C ASP A 315 -3.06 -6.08 20.47
N ASP A 316 -4.06 -5.41 21.04
CA ASP A 316 -4.69 -5.90 22.27
C ASP A 316 -5.47 -7.20 22.14
N SER A 317 -6.31 -7.31 21.10
CA SER A 317 -7.04 -8.53 20.86
C SER A 317 -6.11 -9.73 20.79
N THR A 318 -4.94 -9.57 20.16
CA THR A 318 -3.94 -10.62 20.12
C THR A 318 -3.56 -11.06 21.52
N ASN A 319 -3.21 -10.09 22.37
CA ASN A 319 -2.78 -10.38 23.74
C ASN A 319 -3.90 -10.98 24.57
N ILE A 320 -5.14 -10.58 24.29
CA ILE A 320 -6.28 -11.19 24.94
C ILE A 320 -6.37 -12.66 24.51
N PHE A 321 -6.30 -12.87 23.20
CA PHE A 321 -6.34 -14.21 22.66
C PHE A 321 -5.25 -15.11 23.23
N LEU A 322 -4.07 -14.53 23.47
CA LEU A 322 -2.90 -15.32 23.85
C LEU A 322 -2.95 -15.71 25.32
N THR A 323 -3.47 -14.79 26.12
CA THR A 323 -3.67 -15.01 27.54
C THR A 323 -4.68 -16.13 27.72
N LEU A 324 -5.85 -16.02 27.07
CA LEU A 324 -6.85 -17.08 27.08
C LEU A 324 -6.20 -18.40 26.75
N ALA A 325 -5.49 -18.40 25.63
CA ALA A 325 -4.89 -19.60 25.07
C ALA A 325 -3.99 -20.29 26.08
N CYS A 326 -3.14 -19.51 26.75
CA CYS A 326 -2.19 -20.06 27.71
C CYS A 326 -2.82 -20.45 29.02
N ARG A 327 -3.69 -19.59 29.53
CA ARG A 327 -4.39 -19.90 30.73
C ARG A 327 -5.10 -21.23 30.49
N HIS A 328 -5.64 -21.39 29.29
CA HIS A 328 -6.38 -22.60 28.99
C HIS A 328 -5.50 -23.83 28.94
N LEU A 329 -4.43 -23.77 28.17
CA LEU A 329 -3.65 -24.98 27.90
C LEU A 329 -2.49 -25.24 28.87
N HIS A 330 -2.06 -24.19 29.57
CA HIS A 330 -1.02 -24.30 30.60
C HIS A 330 -1.45 -23.47 31.81
N SER A 331 -2.39 -24.01 32.57
CA SER A 331 -3.07 -23.28 33.66
C SER A 331 -2.18 -22.86 34.82
N HIS A 332 -1.20 -23.68 35.15
CA HIS A 332 -0.25 -23.41 36.23
C HIS A 332 0.69 -22.24 35.92
N ILE A 333 0.98 -22.03 34.63
CA ILE A 333 1.94 -21.03 34.15
C ILE A 333 1.49 -19.57 34.43
N ARG A 334 2.34 -18.81 35.13
CA ARG A 334 2.07 -17.40 35.48
C ARG A 334 2.09 -16.50 34.24
N ILE A 335 1.19 -15.52 34.16
CA ILE A 335 1.04 -14.71 32.95
C ILE A 335 0.94 -13.19 33.19
N VAL A 336 1.93 -12.45 32.71
CA VAL A 336 1.81 -11.01 32.71
C VAL A 336 1.52 -10.56 31.30
N ALA A 337 0.56 -9.65 31.14
CA ALA A 337 0.11 -9.24 29.85
C ALA A 337 0.15 -7.74 29.72
N ARG A 338 0.41 -7.26 28.50
CA ARG A 338 0.51 -5.82 28.29
C ARG A 338 -0.74 -5.29 27.62
N ALA A 339 -1.27 -4.21 28.16
CA ALA A 339 -2.43 -3.57 27.59
C ALA A 339 -1.99 -2.23 27.05
N ASN A 340 -2.14 -2.03 25.75
CA ASN A 340 -1.86 -0.72 25.20
C ASN A 340 -3.16 -0.06 24.87
N GLY A 341 -3.63 0.82 25.72
CA GLY A 341 -5.01 1.32 25.62
C GLY A 341 -5.79 0.70 26.77
N GLU A 342 -6.48 1.56 27.51
CA GLU A 342 -7.06 1.15 28.79
C GLU A 342 -8.34 0.35 28.68
N GLU A 343 -9.00 0.46 27.53
CA GLU A 343 -10.22 -0.27 27.25
C GLU A 343 -10.02 -1.78 27.09
N ASN A 344 -8.94 -2.34 27.61
CA ASN A 344 -8.71 -3.76 27.45
C ASN A 344 -8.15 -4.40 28.70
N VAL A 345 -7.82 -3.57 29.67
CA VAL A 345 -7.20 -4.06 30.89
C VAL A 345 -8.09 -5.10 31.56
N ASP A 346 -9.38 -4.79 31.65
CA ASP A 346 -10.35 -5.66 32.30
C ASP A 346 -10.46 -7.02 31.62
N GLN A 347 -10.56 -7.01 30.29
CA GLN A 347 -10.63 -8.22 29.48
C GLN A 347 -9.39 -9.09 29.62
N LEU A 348 -8.22 -8.47 29.73
CA LEU A 348 -7.01 -9.24 29.94
C LEU A 348 -7.05 -9.98 31.27
N TYR A 349 -7.61 -9.33 32.30
CA TYR A 349 -7.80 -10.04 33.57
C TYR A 349 -8.82 -11.15 33.40
N ALA A 350 -9.93 -10.81 32.74
CA ALA A 350 -10.98 -11.76 32.49
C ALA A 350 -10.44 -12.96 31.77
N ALA A 351 -9.44 -12.77 30.92
CA ALA A 351 -8.93 -13.86 30.10
C ALA A 351 -8.08 -14.81 30.92
N GLY A 352 -7.46 -14.32 31.98
CA GLY A 352 -6.72 -15.19 32.86
C GLY A 352 -5.36 -14.68 33.28
N ALA A 353 -5.06 -13.43 32.91
CA ALA A 353 -3.82 -12.78 33.30
C ALA A 353 -3.66 -12.71 34.82
N ASP A 354 -2.45 -12.97 35.29
CA ASP A 354 -2.09 -12.71 36.66
C ASP A 354 -2.01 -11.22 36.91
N PHE A 355 -1.16 -10.53 36.15
CA PHE A 355 -1.03 -9.08 36.25
C PHE A 355 -1.19 -8.45 34.87
N VAL A 356 -1.65 -7.20 34.81
CA VAL A 356 -1.73 -6.49 33.55
C VAL A 356 -1.00 -5.17 33.67
N VAL A 357 -0.22 -4.81 32.65
CA VAL A 357 0.48 -3.53 32.70
C VAL A 357 -0.16 -2.62 31.67
N SER A 358 -0.77 -1.53 32.16
CA SER A 358 -1.52 -0.67 31.29
C SER A 358 -0.68 0.48 30.74
N ASN A 359 -0.07 0.29 29.57
CA ASN A 359 0.70 1.35 28.92
C ASN A 359 0.11 2.73 29.14
N ALA A 360 -1.17 2.87 28.78
CA ALA A 360 -1.82 4.18 28.79
C ALA A 360 -1.94 4.75 30.19
N SER A 361 -2.32 3.91 31.16
CA SER A 361 -2.36 4.29 32.58
C SER A 361 -0.97 4.73 33.06
N VAL A 362 -0.12 3.76 33.39
CA VAL A 362 1.30 4.00 33.71
C VAL A 362 1.94 5.20 32.98
N GLY A 363 1.76 5.25 31.66
CA GLY A 363 2.30 6.35 30.91
C GLY A 363 1.67 7.67 31.31
N ALA A 364 0.36 7.78 31.13
CA ALA A 364 -0.34 9.06 31.32
C ALA A 364 -0.21 9.52 32.77
N ASN A 365 -0.02 8.55 33.65
CA ASN A 365 0.21 8.82 35.04
C ASN A 365 1.56 9.52 35.21
N ILE A 366 2.64 8.92 34.75
CA ILE A 366 3.98 9.54 34.83
C ILE A 366 4.01 10.92 34.16
N LEU A 367 3.41 11.03 32.99
CA LEU A 367 3.34 12.31 32.32
C LEU A 367 2.51 13.33 33.09
N GLY A 368 1.55 12.85 33.86
CA GLY A 368 0.68 13.72 34.67
C GLY A 368 1.43 14.43 35.77
N ASN A 369 2.18 13.67 36.56
CA ASN A 369 2.99 14.24 37.60
C ASN A 369 4.08 15.17 37.06
N LEU A 370 4.66 14.80 35.92
CA LEU A 370 5.69 15.63 35.33
C LEU A 370 5.15 16.96 34.82
N LEU A 371 3.84 17.03 34.62
CA LEU A 371 3.22 18.28 34.18
C LEU A 371 2.83 19.21 35.33
N GLU A 372 1.78 18.86 36.08
CA GLU A 372 1.28 19.78 37.08
C GLU A 372 2.03 19.73 38.42
N HIS A 373 3.14 19.01 38.45
CA HIS A 373 4.11 19.13 39.54
C HIS A 373 5.45 19.51 38.94
N LYS A 374 5.41 20.43 37.99
CA LYS A 374 6.59 20.92 37.27
C LYS A 374 7.63 21.51 38.23
N GLU A 375 7.25 22.59 38.90
CA GLU A 375 8.14 23.38 39.76
C GLU A 375 8.54 22.66 41.06
N SER A 376 8.29 21.37 41.11
CA SER A 376 8.76 20.56 42.23
C SER A 376 9.58 19.36 41.71
N ALA A 377 9.21 18.88 40.51
CA ALA A 377 9.87 17.75 39.85
C ALA A 377 11.33 18.05 39.50
N PHE A 378 11.53 18.91 38.49
CA PHE A 378 12.89 19.27 38.07
C PHE A 378 13.64 20.17 39.06
N LEU A 379 12.96 20.64 40.10
CA LEU A 379 13.59 21.31 41.22
C LEU A 379 13.93 20.25 42.28
N SER A 380 13.47 19.02 42.03
CA SER A 380 13.93 17.83 42.76
C SER A 380 15.17 17.22 42.06
N GLU A 381 15.78 17.98 41.14
CA GLU A 381 17.00 17.57 40.45
C GLU A 381 18.25 18.04 41.19
N GLY A 382 19.16 17.09 41.44
CA GLY A 382 20.32 17.31 42.31
C GLY A 382 19.94 17.23 43.78
N MET A 383 19.01 16.33 44.11
CA MET A 383 18.41 16.33 45.45
C MET A 383 18.47 15.00 46.19
N ALA A 384 18.45 15.10 47.52
CA ALA A 384 18.64 13.96 48.38
C ALA A 384 17.38 13.61 49.15
N VAL A 385 17.18 12.30 49.37
CA VAL A 385 16.11 11.80 50.20
C VAL A 385 16.79 11.07 51.34
N PHE A 386 16.54 11.53 52.57
CA PHE A 386 17.17 10.90 53.73
C PHE A 386 16.23 10.72 54.91
N ARG A 387 16.71 9.94 55.87
CA ARG A 387 15.93 9.52 57.01
C ARG A 387 16.64 9.95 58.30
N ARG A 388 15.89 10.55 59.21
CA ARG A 388 16.41 10.97 60.51
C ARG A 388 15.42 10.68 61.61
N PRO A 389 15.91 10.22 62.78
CA PRO A 389 15.01 10.18 63.92
C PRO A 389 14.63 11.61 64.30
N LEU A 390 13.34 11.83 64.57
CA LEU A 390 12.83 13.14 64.93
C LEU A 390 13.69 13.62 66.10
N PRO A 391 14.29 14.81 65.96
CA PRO A 391 15.08 15.37 67.06
C PRO A 391 14.23 15.49 68.32
N PRO A 392 14.61 14.76 69.38
CA PRO A 392 13.91 14.64 70.68
C PRO A 392 13.17 15.89 71.17
N ALA A 393 13.79 17.06 71.00
CA ALA A 393 13.24 18.32 71.52
C ALA A 393 11.93 18.73 70.85
N MET A 394 11.76 18.33 69.59
CA MET A 394 10.61 18.74 68.78
C MET A 394 9.39 17.83 68.95
N ALA A 395 9.56 16.80 69.78
CA ALA A 395 8.46 15.88 70.10
C ALA A 395 7.30 16.65 70.72
N GLY A 396 6.18 16.70 70.00
CA GLY A 396 4.99 17.40 70.46
C GLY A 396 4.82 18.78 69.87
N LYS A 397 5.89 19.31 69.27
CA LYS A 397 5.81 20.57 68.54
C LYS A 397 5.30 20.30 67.13
N THR A 398 4.72 21.34 66.52
CA THR A 398 4.25 21.29 65.14
C THR A 398 5.41 21.38 64.14
N ILE A 399 5.15 21.07 62.87
CA ILE A 399 6.17 21.15 61.82
C ILE A 399 6.69 22.57 61.62
N ALA A 400 5.76 23.51 61.44
CA ALA A 400 6.07 24.93 61.37
C ALA A 400 6.76 25.39 62.66
N GLU A 401 6.21 25.02 63.81
CA GLU A 401 6.80 25.28 65.13
C GLU A 401 8.27 24.88 65.22
N THR A 402 8.59 23.75 64.59
CA THR A 402 9.95 23.23 64.55
C THR A 402 10.86 24.10 63.70
N ARG A 403 10.33 24.53 62.56
CA ARG A 403 11.03 25.42 61.63
C ARG A 403 12.22 24.74 60.96
N LEU A 404 12.03 23.52 60.47
CA LEU A 404 13.09 22.81 59.76
C LEU A 404 13.49 23.53 58.47
N ARG A 405 12.54 23.70 57.54
CA ARG A 405 12.84 24.40 56.27
C ARG A 405 13.68 25.67 56.47
N PRO A 406 13.24 26.61 57.34
CA PRO A 406 14.09 27.77 57.58
C PRO A 406 15.46 27.43 58.16
N LEU A 407 15.51 26.48 59.10
CA LEU A 407 16.76 26.15 59.80
C LEU A 407 17.74 25.27 59.01
N THR A 408 17.21 24.36 58.21
CA THR A 408 18.02 23.33 57.54
C THR A 408 17.82 23.28 56.04
N GLY A 409 16.85 24.04 55.55
CA GLY A 409 16.51 24.05 54.13
C GLY A 409 15.80 22.78 53.70
N CYS A 410 15.70 21.84 54.64
CA CYS A 410 15.09 20.55 54.37
C CYS A 410 13.59 20.54 54.67
N SER A 411 12.85 19.83 53.83
CA SER A 411 11.41 19.69 53.97
C SER A 411 11.03 18.27 54.39
N ILE A 412 10.24 18.15 55.44
CA ILE A 412 9.73 16.85 55.86
C ILE A 412 8.74 16.39 54.81
N VAL A 413 8.89 15.15 54.39
CA VAL A 413 8.02 14.63 53.37
C VAL A 413 7.29 13.38 53.89
N ALA A 414 7.84 12.76 54.94
CA ALA A 414 7.23 11.56 55.51
C ALA A 414 7.48 11.44 57.03
N ILE A 415 6.41 11.19 57.79
CA ILE A 415 6.55 10.94 59.22
C ILE A 415 6.12 9.53 59.56
N GLU A 416 7.05 8.76 60.10
CA GLU A 416 6.79 7.38 60.45
C GLU A 416 6.69 7.30 61.97
N ALA A 417 5.50 6.97 62.45
CA ALA A 417 5.21 6.98 63.88
C ALA A 417 5.82 5.79 64.63
N PRO A 418 6.11 5.95 65.94
CA PRO A 418 6.88 4.97 66.70
C PRO A 418 6.25 3.59 66.68
N ASP A 419 5.04 3.46 67.23
CA ASP A 419 4.37 2.16 67.42
C ASP A 419 3.93 1.58 66.07
N ARG A 420 3.04 0.59 66.09
CA ARG A 420 2.53 -0.01 64.85
C ARG A 420 1.78 1.01 63.98
N ALA A 421 1.78 2.27 64.41
CA ALA A 421 1.07 3.39 63.77
C ALA A 421 1.39 3.61 62.30
N ASP A 422 0.49 4.31 61.62
CA ASP A 422 0.59 4.53 60.18
C ASP A 422 1.68 5.53 59.83
N ILE A 423 2.39 5.26 58.75
CA ILE A 423 3.25 6.24 58.10
C ILE A 423 2.35 7.40 57.69
N LEU A 424 2.89 8.61 57.70
CA LEU A 424 2.14 9.79 57.26
C LEU A 424 2.93 10.47 56.17
N ILE A 425 2.38 10.45 54.96
CA ILE A 425 3.06 10.96 53.77
C ILE A 425 2.64 12.39 53.47
N SER A 426 3.60 13.18 53.01
CA SER A 426 3.42 14.62 52.77
C SER A 426 2.53 15.27 53.82
N PRO A 427 2.97 15.23 55.09
CA PRO A 427 2.11 15.69 56.19
C PRO A 427 1.99 17.20 56.13
N PRO A 428 0.82 17.75 56.50
CA PRO A 428 0.59 19.21 56.49
C PRO A 428 1.45 19.92 57.55
N PRO A 429 1.72 21.24 57.34
CA PRO A 429 2.51 22.05 58.28
C PRO A 429 1.96 22.06 59.70
N GLU A 430 0.63 21.92 59.82
CA GLU A 430 -0.05 21.92 61.10
C GLU A 430 0.14 20.63 61.90
N THR A 431 0.87 19.68 61.34
CA THR A 431 1.04 18.36 61.96
C THR A 431 1.86 18.44 63.24
N ILE A 432 1.40 17.73 64.27
CA ILE A 432 2.14 17.57 65.51
C ILE A 432 3.06 16.37 65.36
N LEU A 433 4.34 16.56 65.64
CA LEU A 433 5.32 15.49 65.51
C LEU A 433 5.29 14.60 66.76
N ALA A 434 5.38 13.29 66.56
CA ALA A 434 5.18 12.31 67.64
C ALA A 434 6.39 12.21 68.59
N GLU A 435 6.49 11.11 69.31
CA GLU A 435 7.57 10.93 70.27
C GLU A 435 8.81 10.27 69.66
N GLY A 436 8.65 9.06 69.13
CA GLY A 436 9.78 8.28 68.61
C GLY A 436 9.92 8.25 67.10
N ALA A 437 9.17 9.13 66.42
CA ALA A 437 9.03 9.11 64.96
C ALA A 437 10.33 9.23 64.19
N ARG A 438 10.42 8.48 63.09
CA ARG A 438 11.51 8.64 62.13
C ARG A 438 11.02 9.57 61.05
N LEU A 439 11.91 10.45 60.57
CA LEU A 439 11.55 11.39 59.52
C LEU A 439 12.22 11.02 58.22
N ILE A 440 11.51 11.28 57.13
CA ILE A 440 12.07 11.20 55.80
C ILE A 440 11.97 12.57 55.17
N LEU A 441 13.14 13.08 54.83
CA LEU A 441 13.27 14.46 54.42
C LEU A 441 13.81 14.55 53.01
N ILE A 442 13.46 15.65 52.36
CA ILE A 442 14.02 15.98 51.08
C ILE A 442 14.83 17.28 51.19
N GLY A 443 16.00 17.29 50.59
CA GLY A 443 16.84 18.48 50.55
C GLY A 443 17.94 18.38 49.52
N THR A 444 19.04 19.06 49.76
CA THR A 444 20.26 18.93 48.98
C THR A 444 21.27 18.11 49.77
N SER A 445 22.18 17.46 49.05
CA SER A 445 23.26 16.67 49.64
C SER A 445 24.08 17.46 50.66
N GLU A 446 24.26 18.75 50.36
CA GLU A 446 24.92 19.68 51.26
C GLU A 446 24.09 19.89 52.50
N GLN A 447 22.83 20.27 52.30
CA GLN A 447 21.87 20.45 53.38
C GLN A 447 21.78 19.21 54.25
N GLU A 448 21.80 18.04 53.63
CA GLU A 448 21.83 16.75 54.33
C GLU A 448 23.00 16.65 55.29
N LYS A 449 24.18 17.00 54.81
CA LYS A 449 25.37 16.94 55.63
C LYS A 449 25.29 17.94 56.78
N THR A 450 24.98 19.19 56.45
CA THR A 450 24.87 20.25 57.46
C THR A 450 23.78 19.94 58.49
N PHE A 451 22.73 19.23 58.05
CA PHE A 451 21.57 18.93 58.87
C PHE A 451 21.90 18.56 60.31
N ASP A 452 22.54 17.42 60.51
CA ASP A 452 22.77 16.87 61.84
C ASP A 452 23.52 17.81 62.79
N GLN A 453 24.47 18.55 62.24
CA GLN A 453 25.16 19.60 62.99
C GLN A 453 24.24 20.79 63.24
N THR A 454 23.56 21.26 62.19
CA THR A 454 22.62 22.38 62.28
C THR A 454 21.56 22.13 63.33
N ILE A 455 21.20 20.87 63.52
CA ILE A 455 20.21 20.53 64.52
C ILE A 455 20.85 20.51 65.92
N ALA A 456 22.02 19.89 66.03
CA ALA A 456 22.72 19.79 67.31
C ALA A 456 23.21 21.16 67.78
N ALA A 457 24.08 21.77 66.98
CA ALA A 457 24.67 23.07 67.31
C ALA A 457 23.70 24.25 67.21
N ARG A 458 22.53 24.03 66.60
CA ARG A 458 21.50 25.07 66.49
C ARG A 458 20.11 24.51 66.70
N ALA B 4 -36.02 15.97 5.45
CA ALA B 4 -35.76 14.50 5.33
C ALA B 4 -34.26 14.17 5.45
N PRO B 5 -33.93 12.87 5.61
CA PRO B 5 -32.54 12.42 5.40
C PRO B 5 -32.18 12.35 3.90
N TRP B 6 -33.19 12.58 3.05
CA TRP B 6 -32.98 12.69 1.60
C TRP B 6 -32.21 13.96 1.30
N ILE B 7 -32.83 15.11 1.57
CA ILE B 7 -32.18 16.42 1.44
C ILE B 7 -30.87 16.39 2.23
N GLU B 8 -30.96 15.85 3.45
CA GLU B 8 -29.84 15.80 4.39
C GLU B 8 -28.55 15.22 3.81
N ARG B 9 -28.57 13.94 3.42
CA ARG B 9 -27.36 13.18 3.05
C ARG B 9 -26.59 13.62 1.78
N ARG B 10 -27.08 14.70 1.14
CA ARG B 10 -26.36 15.35 0.05
C ARG B 10 -25.24 16.25 0.57
N LEU B 11 -25.15 16.36 1.89
CA LEU B 11 -24.09 17.12 2.56
C LEU B 11 -23.02 16.16 3.07
N ARG B 12 -21.95 16.73 3.63
CA ARG B 12 -20.82 15.94 4.12
C ARG B 12 -21.28 14.84 5.08
N TYR B 13 -20.80 13.63 4.83
CA TYR B 13 -21.26 12.44 5.56
C TYR B 13 -20.69 12.32 6.97
N HIS B 14 -21.57 11.97 7.90
CA HIS B 14 -21.15 11.59 9.25
C HIS B 14 -21.81 10.29 9.64
N PRO B 15 -21.06 9.40 10.30
CA PRO B 15 -21.62 8.10 10.64
C PRO B 15 -22.43 8.16 11.92
N THR B 16 -23.22 7.12 12.18
CA THR B 16 -23.95 7.00 13.42
C THR B 16 -23.05 6.30 14.43
N ILE B 17 -23.06 6.77 15.67
CA ILE B 17 -22.14 6.29 16.70
C ILE B 17 -22.82 5.41 17.76
N GLU B 18 -24.07 5.72 18.05
CA GLU B 18 -24.81 5.03 19.09
C GLU B 18 -26.26 4.82 18.65
N LEU B 19 -26.95 3.91 19.33
CA LEU B 19 -28.37 3.64 19.08
C LEU B 19 -29.23 4.27 20.18
N PRO B 20 -30.42 4.79 19.82
CA PRO B 20 -31.36 5.32 20.82
C PRO B 20 -31.63 4.35 21.97
N ASP B 21 -31.93 4.90 23.16
CA ASP B 21 -32.03 4.14 24.43
C ASP B 21 -33.05 3.00 24.44
N ASP B 22 -34.19 3.20 23.75
CA ASP B 22 -35.28 2.24 23.77
C ASP B 22 -35.13 1.12 22.74
N THR B 23 -33.92 0.95 22.21
CA THR B 23 -33.67 -0.05 21.20
C THR B 23 -33.61 -1.42 21.85
N ARG B 24 -34.54 -2.30 21.46
CA ARG B 24 -34.66 -3.63 22.04
C ARG B 24 -34.74 -4.69 20.94
N GLY B 25 -34.36 -5.92 21.26
CA GLY B 25 -34.58 -7.07 20.38
C GLY B 25 -34.00 -6.94 18.99
N HIS B 26 -33.00 -6.08 18.85
CA HIS B 26 -32.20 -5.98 17.65
C HIS B 26 -31.16 -7.07 17.63
N ILE B 27 -30.80 -7.52 16.43
CA ILE B 27 -29.64 -8.39 16.27
C ILE B 27 -28.51 -7.56 15.67
N LEU B 28 -27.35 -7.59 16.31
CA LEU B 28 -26.25 -6.78 15.80
C LEU B 28 -25.05 -7.60 15.37
N ILE B 29 -24.56 -7.25 14.19
CA ILE B 29 -23.58 -8.04 13.47
C ILE B 29 -22.19 -7.43 13.52
N PHE B 30 -21.21 -8.24 13.91
CA PHE B 30 -19.83 -7.82 13.89
C PHE B 30 -19.05 -8.63 12.87
N GLY B 31 -18.65 -7.94 11.80
CA GLY B 31 -17.95 -8.60 10.72
C GLY B 31 -18.91 -8.86 9.58
N ILE B 32 -19.30 -7.77 8.92
CA ILE B 32 -20.08 -7.86 7.70
C ILE B 32 -19.29 -8.52 6.56
N ASP B 33 -19.94 -9.42 5.85
CA ASP B 33 -19.36 -10.14 4.72
C ASP B 33 -20.54 -10.75 3.95
N PRO B 34 -20.28 -11.55 2.90
CA PRO B 34 -21.41 -12.06 2.10
C PRO B 34 -22.30 -13.06 2.86
N ILE B 35 -21.76 -13.69 3.89
CA ILE B 35 -22.51 -14.65 4.70
C ILE B 35 -23.50 -13.96 5.64
N THR B 36 -23.08 -12.88 6.28
CA THR B 36 -23.99 -12.13 7.15
C THR B 36 -24.93 -11.22 6.35
N ARG B 37 -24.49 -10.76 5.17
CA ARG B 37 -25.36 -10.02 4.25
C ARG B 37 -26.53 -10.87 3.80
N THR B 38 -26.27 -12.16 3.59
CA THR B 38 -27.29 -13.11 3.17
C THR B 38 -28.23 -13.42 4.34
N LEU B 39 -27.66 -13.51 5.54
CA LEU B 39 -28.43 -13.71 6.76
C LEU B 39 -29.48 -12.62 6.98
N ILE B 40 -29.11 -11.37 6.74
CA ILE B 40 -30.06 -10.26 6.80
C ILE B 40 -31.19 -10.48 5.80
N ARG B 41 -30.88 -10.40 4.52
CA ARG B 41 -31.85 -10.64 3.45
C ARG B 41 -32.82 -11.76 3.75
N LYS B 42 -32.29 -12.90 4.20
CA LYS B 42 -33.06 -14.12 4.39
C LYS B 42 -34.06 -14.04 5.56
N LEU B 43 -33.71 -13.28 6.60
CA LEU B 43 -34.57 -13.12 7.78
C LEU B 43 -35.42 -11.83 7.71
N GLU B 44 -35.89 -11.50 6.51
CA GLU B 44 -36.77 -10.33 6.31
C GLU B 44 -38.25 -10.69 6.32
N SER B 45 -38.56 -11.96 6.59
CA SER B 45 -39.94 -12.38 6.80
C SER B 45 -40.40 -11.86 8.16
N ARG B 46 -39.49 -11.88 9.13
CA ARG B 46 -39.68 -11.22 10.41
C ARG B 46 -39.25 -9.77 10.26
N ASN B 47 -40.02 -8.87 10.84
CA ASN B 47 -39.59 -7.49 10.98
C ASN B 47 -38.49 -7.43 12.07
N HIS B 48 -37.36 -8.07 11.78
CA HIS B 48 -36.16 -8.02 12.62
C HIS B 48 -35.39 -6.73 12.38
N LEU B 49 -34.59 -6.33 13.36
CA LEU B 49 -33.70 -5.17 13.20
C LEU B 49 -32.23 -5.56 13.26
N PHE B 50 -31.55 -5.37 12.14
CA PHE B 50 -30.13 -5.71 12.05
C PHE B 50 -29.23 -4.49 12.11
N VAL B 51 -28.26 -4.56 13.01
CA VAL B 51 -27.32 -3.48 13.19
C VAL B 51 -25.93 -4.01 12.88
N VAL B 52 -25.37 -3.59 11.76
CA VAL B 52 -24.02 -4.02 11.43
C VAL B 52 -23.05 -2.94 11.88
N VAL B 53 -22.07 -3.37 12.66
CA VAL B 53 -21.12 -2.47 13.28
C VAL B 53 -19.79 -2.57 12.56
N THR B 54 -19.28 -1.43 12.13
CA THR B 54 -17.97 -1.39 11.47
C THR B 54 -17.08 -0.34 12.14
N ASP B 55 -15.81 -0.66 12.32
CA ASP B 55 -14.85 0.36 12.79
C ASP B 55 -14.08 0.96 11.63
N ASN B 56 -14.40 0.54 10.41
CA ASN B 56 -13.84 1.16 9.22
C ASN B 56 -14.75 2.28 8.75
N TYR B 57 -14.33 3.52 9.01
CA TYR B 57 -15.09 4.73 8.62
C TYR B 57 -15.51 4.73 7.15
N ASP B 58 -14.67 4.18 6.29
CA ASP B 58 -14.95 4.20 4.86
C ASP B 58 -16.02 3.18 4.48
N GLN B 59 -16.03 2.05 5.18
CA GLN B 59 -17.02 1.01 4.99
C GLN B 59 -18.42 1.49 5.38
N ALA B 60 -18.52 2.12 6.55
CA ALA B 60 -19.77 2.69 7.04
C ALA B 60 -20.47 3.53 5.97
N LEU B 61 -19.70 4.36 5.29
CA LEU B 61 -20.22 5.25 4.24
C LEU B 61 -20.97 4.48 3.17
N HIS B 62 -20.39 3.37 2.72
CA HIS B 62 -20.98 2.63 1.62
C HIS B 62 -22.19 1.79 2.01
N LEU B 63 -22.15 1.23 3.22
CA LEU B 63 -23.25 0.42 3.73
C LEU B 63 -24.49 1.25 4.04
N GLU B 64 -24.28 2.54 4.33
CA GLU B 64 -25.39 3.45 4.66
C GLU B 64 -26.37 3.69 3.51
N GLU B 65 -26.05 3.20 2.32
CA GLU B 65 -26.98 3.31 1.21
C GLU B 65 -27.78 2.02 0.99
N GLN B 66 -27.32 0.93 1.62
CA GLN B 66 -28.01 -0.37 1.54
C GLN B 66 -29.08 -0.57 2.60
N GLU B 67 -30.18 -1.20 2.18
CA GLU B 67 -31.31 -1.47 3.07
C GLU B 67 -31.28 -2.84 3.75
N GLY B 68 -32.22 -3.03 4.68
CA GLY B 68 -32.31 -4.24 5.47
C GLY B 68 -31.71 -4.04 6.84
N PHE B 69 -30.72 -3.16 6.93
CA PHE B 69 -29.88 -3.01 8.12
C PHE B 69 -29.41 -1.59 8.36
N LYS B 70 -29.09 -1.31 9.63
CA LYS B 70 -28.58 -0.02 10.07
C LYS B 70 -27.10 -0.16 10.35
N VAL B 71 -26.30 0.80 9.89
CA VAL B 71 -24.86 0.78 10.15
C VAL B 71 -24.50 1.71 11.30
N VAL B 72 -23.62 1.23 12.17
CA VAL B 72 -23.03 2.07 13.21
C VAL B 72 -21.51 1.99 13.11
N TYR B 73 -20.86 3.13 13.28
CA TYR B 73 -19.40 3.22 13.27
C TYR B 73 -18.84 3.35 14.67
N GLY B 74 -17.78 2.58 14.94
CA GLY B 74 -17.11 2.61 16.23
C GLY B 74 -16.34 1.34 16.48
N SER B 75 -15.46 1.37 17.48
CA SER B 75 -14.65 0.21 17.84
C SER B 75 -15.51 -0.87 18.49
N PRO B 76 -15.67 -2.02 17.83
CA PRO B 76 -16.39 -3.16 18.42
C PRO B 76 -15.86 -3.67 19.77
N THR B 77 -14.67 -3.29 20.19
CA THR B 77 -14.13 -3.92 21.38
C THR B 77 -14.06 -2.99 22.56
N ASP B 78 -14.54 -1.77 22.36
CA ASP B 78 -14.66 -0.78 23.44
C ASP B 78 -16.06 -0.85 24.07
N ALA B 79 -16.09 -1.17 25.36
CA ALA B 79 -17.33 -1.20 26.15
C ALA B 79 -18.25 -0.01 25.88
N HIS B 80 -17.68 1.18 25.85
CA HIS B 80 -18.47 2.37 25.59
C HIS B 80 -19.22 2.34 24.26
N VAL B 81 -18.61 1.75 23.24
CA VAL B 81 -19.30 1.67 21.95
C VAL B 81 -20.46 0.70 22.08
N LEU B 82 -20.16 -0.48 22.62
CA LEU B 82 -21.15 -1.55 22.83
C LEU B 82 -22.32 -1.04 23.65
N ALA B 83 -22.03 -0.31 24.71
CA ALA B 83 -23.07 0.27 25.55
C ALA B 83 -24.02 1.10 24.70
N GLY B 84 -23.46 1.91 23.80
CA GLY B 84 -24.26 2.75 22.89
C GLY B 84 -25.10 1.93 21.91
N LEU B 85 -24.65 0.71 21.66
CA LEU B 85 -25.35 -0.22 20.77
C LEU B 85 -26.45 -0.96 21.52
N ARG B 86 -26.47 -0.79 22.84
CA ARG B 86 -27.50 -1.35 23.70
C ARG B 86 -27.43 -2.88 23.69
N VAL B 87 -26.22 -3.41 23.83
CA VAL B 87 -26.00 -4.86 23.80
C VAL B 87 -26.83 -5.66 24.82
N ALA B 88 -27.12 -5.07 25.98
CA ALA B 88 -27.91 -5.75 26.99
C ALA B 88 -29.33 -5.98 26.51
N ALA B 89 -29.85 -5.01 25.75
CA ALA B 89 -31.21 -5.04 25.22
C ALA B 89 -31.36 -5.80 23.89
N ALA B 90 -30.23 -6.20 23.29
CA ALA B 90 -30.21 -6.86 21.99
C ALA B 90 -30.73 -8.28 22.05
N ARG B 91 -31.35 -8.72 20.95
CA ARG B 91 -31.82 -10.10 20.83
C ARG B 91 -30.64 -11.07 20.81
N SER B 92 -29.76 -10.88 19.85
CA SER B 92 -28.62 -11.77 19.67
C SER B 92 -27.48 -11.01 19.06
N ILE B 93 -26.28 -11.54 19.27
CA ILE B 93 -25.03 -10.96 18.77
C ILE B 93 -24.28 -11.98 17.92
N ILE B 94 -23.95 -11.57 16.70
CA ILE B 94 -23.16 -12.42 15.83
C ILE B 94 -21.71 -11.96 15.71
N ALA B 95 -20.81 -12.79 16.23
CA ALA B 95 -19.40 -12.48 16.26
C ALA B 95 -18.67 -13.11 15.06
N ASN B 96 -18.45 -12.28 14.05
CA ASN B 96 -17.85 -12.71 12.82
C ASN B 96 -16.59 -11.90 12.50
N LEU B 97 -15.66 -11.87 13.43
CA LEU B 97 -14.43 -11.12 13.23
C LEU B 97 -13.28 -12.09 13.26
N SER B 98 -12.06 -11.58 13.33
CA SER B 98 -10.91 -12.46 13.49
C SER B 98 -11.07 -13.22 14.80
N ASP B 99 -10.34 -14.30 14.97
CA ASP B 99 -10.51 -15.03 16.21
C ASP B 99 -10.08 -14.25 17.45
N PRO B 100 -8.92 -13.57 17.39
CA PRO B 100 -8.59 -12.75 18.54
C PRO B 100 -9.65 -11.69 18.76
N ASP B 101 -10.01 -10.95 17.71
CA ASP B 101 -11.04 -9.92 17.85
C ASP B 101 -12.34 -10.46 18.42
N ASN B 102 -12.69 -11.71 18.10
CA ASN B 102 -13.90 -12.28 18.65
C ASN B 102 -13.81 -12.50 20.16
N ALA B 103 -12.70 -13.06 20.63
CA ALA B 103 -12.47 -13.26 22.04
C ALA B 103 -12.63 -11.95 22.77
N ASN B 104 -12.01 -10.90 22.22
CA ASN B 104 -12.05 -9.57 22.80
C ASN B 104 -13.49 -9.08 22.86
N LEU B 105 -14.21 -9.25 21.76
CA LEU B 105 -15.62 -8.88 21.68
C LEU B 105 -16.43 -9.57 22.79
N CYS B 106 -16.43 -10.90 22.77
CA CYS B 106 -17.07 -11.71 23.80
C CYS B 106 -16.78 -11.21 25.18
N LEU B 107 -15.54 -11.36 25.65
CA LEU B 107 -15.19 -10.94 26.98
C LEU B 107 -15.71 -9.54 27.31
N THR B 108 -15.68 -8.64 26.34
CA THR B 108 -16.13 -7.29 26.60
C THR B 108 -17.64 -7.30 26.81
N VAL B 109 -18.40 -7.94 25.92
CA VAL B 109 -19.85 -7.88 26.12
C VAL B 109 -20.22 -8.67 27.35
N ARG B 110 -19.50 -9.76 27.60
CA ARG B 110 -19.77 -10.58 28.74
C ARG B 110 -19.54 -9.80 30.05
N SER B 111 -18.76 -8.73 29.98
CA SER B 111 -18.53 -7.87 31.13
C SER B 111 -19.72 -6.95 31.36
N LEU B 112 -20.61 -6.88 30.38
CA LEU B 112 -21.73 -5.95 30.44
C LEU B 112 -23.11 -6.61 30.56
N CYS B 113 -23.24 -7.84 30.08
CA CYS B 113 -24.53 -8.49 30.01
C CYS B 113 -24.39 -9.93 29.58
N GLN B 114 -25.50 -10.67 29.62
CA GLN B 114 -25.51 -12.05 29.18
C GLN B 114 -26.16 -12.26 27.82
N THR B 115 -26.42 -11.19 27.08
CA THR B 115 -26.98 -11.28 25.73
C THR B 115 -26.30 -12.38 24.93
N PRO B 116 -27.07 -13.27 24.30
CA PRO B 116 -26.45 -14.45 23.65
C PRO B 116 -25.56 -14.11 22.44
N ILE B 117 -24.50 -14.89 22.26
CA ILE B 117 -23.55 -14.68 21.18
C ILE B 117 -23.38 -15.93 20.34
N ILE B 118 -23.61 -15.77 19.05
CA ILE B 118 -23.14 -16.79 18.14
C ILE B 118 -21.86 -16.28 17.47
N ALA B 119 -20.78 -17.03 17.66
CA ALA B 119 -19.51 -16.66 17.06
C ALA B 119 -19.06 -17.63 15.96
N VAL B 120 -18.56 -17.07 14.86
CA VAL B 120 -17.98 -17.87 13.79
C VAL B 120 -16.49 -18.02 14.06
N VAL B 121 -16.05 -19.24 14.26
CA VAL B 121 -14.67 -19.56 14.58
C VAL B 121 -13.89 -19.94 13.31
N LYS B 122 -12.73 -19.32 13.13
CA LYS B 122 -11.98 -19.53 11.90
C LYS B 122 -11.02 -20.70 12.02
N GLU B 123 -10.67 -21.06 13.25
CA GLU B 123 -9.88 -22.26 13.48
C GLU B 123 -10.53 -23.21 14.45
N PRO B 124 -10.97 -24.37 13.96
CA PRO B 124 -11.45 -25.44 14.81
C PRO B 124 -11.03 -25.37 16.29
N VAL B 125 -9.75 -25.42 16.57
CA VAL B 125 -9.26 -25.47 17.96
C VAL B 125 -9.62 -24.25 18.81
N HIS B 126 -9.94 -23.14 18.16
CA HIS B 126 -10.28 -21.90 18.82
C HIS B 126 -11.67 -21.90 19.44
N GLY B 127 -12.55 -22.78 18.97
CA GLY B 127 -13.91 -22.91 19.50
C GLY B 127 -13.98 -22.98 21.01
N GLU B 128 -13.19 -23.89 21.60
CA GLU B 128 -13.03 -23.95 23.05
C GLU B 128 -12.81 -22.57 23.65
N LEU B 129 -11.84 -21.86 23.10
CA LEU B 129 -11.45 -20.54 23.61
C LEU B 129 -12.56 -19.50 23.49
N LEU B 130 -13.30 -19.53 22.39
CA LEU B 130 -14.41 -18.58 22.22
C LEU B 130 -15.57 -18.87 23.19
N ARG B 131 -15.71 -20.12 23.60
CA ARG B 131 -16.64 -20.45 24.67
C ARG B 131 -16.17 -19.83 25.96
N LEU B 132 -14.91 -20.09 26.35
CA LEU B 132 -14.33 -19.49 27.54
C LEU B 132 -14.54 -17.98 27.53
N ALA B 133 -14.37 -17.36 26.38
CA ALA B 133 -14.53 -15.92 26.28
C ALA B 133 -15.98 -15.52 26.42
N GLY B 134 -16.85 -16.50 26.38
CA GLY B 134 -18.27 -16.29 26.60
C GLY B 134 -19.21 -16.39 25.40
N ALA B 135 -18.73 -16.87 24.25
CA ALA B 135 -19.67 -17.18 23.17
C ALA B 135 -20.40 -18.44 23.61
N ASN B 136 -21.69 -18.51 23.32
CA ASN B 136 -22.46 -19.70 23.73
C ASN B 136 -22.80 -20.55 22.54
N GLN B 137 -22.50 -20.04 21.37
CA GLN B 137 -22.67 -20.80 20.16
C GLN B 137 -21.47 -20.58 19.26
N VAL B 138 -20.86 -21.66 18.81
CA VAL B 138 -19.62 -21.55 18.05
C VAL B 138 -19.70 -22.36 16.76
N VAL B 139 -19.73 -21.66 15.63
CA VAL B 139 -19.90 -22.27 14.31
C VAL B 139 -18.59 -22.27 13.53
N PRO B 140 -17.95 -23.45 13.38
CA PRO B 140 -16.74 -23.57 12.57
C PRO B 140 -17.07 -23.58 11.09
N LEU B 141 -17.47 -22.42 10.57
CA LEU B 141 -18.02 -22.34 9.22
C LEU B 141 -17.12 -22.87 8.14
N THR B 142 -15.85 -22.53 8.19
CA THR B 142 -14.93 -22.99 7.18
C THR B 142 -14.71 -24.50 7.27
N ARG B 143 -14.65 -25.07 8.47
CA ARG B 143 -14.57 -26.53 8.58
C ARG B 143 -15.78 -27.17 7.90
N ILE B 144 -16.97 -26.63 8.18
CA ILE B 144 -18.21 -27.15 7.62
C ILE B 144 -18.21 -27.04 6.10
N LEU B 145 -17.95 -25.84 5.57
CA LEU B 145 -17.88 -25.62 4.13
C LEU B 145 -16.90 -26.53 3.41
N GLY B 146 -15.81 -26.88 4.08
CA GLY B 146 -14.85 -27.83 3.54
C GLY B 146 -15.48 -29.21 3.43
N ARG B 147 -15.99 -29.71 4.56
CA ARG B 147 -16.69 -30.99 4.61
C ARG B 147 -17.68 -31.11 3.46
N TYR B 148 -18.50 -30.09 3.27
CA TYR B 148 -19.50 -30.19 2.23
C TYR B 148 -18.91 -30.28 0.84
N LEU B 149 -17.73 -29.68 0.64
CA LEU B 149 -16.99 -29.89 -0.59
C LEU B 149 -16.45 -31.31 -0.63
N GLY B 150 -15.76 -31.73 0.41
CA GLY B 150 -15.22 -33.09 0.49
C GLY B 150 -16.25 -34.16 0.15
N ILE B 151 -17.44 -34.04 0.75
CA ILE B 151 -18.54 -35.00 0.59
C ILE B 151 -18.97 -35.19 -0.87
N ARG B 152 -19.12 -34.06 -1.56
CA ARG B 152 -19.60 -34.04 -2.94
C ARG B 152 -18.54 -34.47 -3.95
N ALA B 153 -17.28 -34.53 -3.52
CA ALA B 153 -16.18 -34.58 -4.47
C ALA B 153 -15.81 -35.98 -4.92
N THR B 154 -15.92 -36.95 -4.02
CA THR B 154 -15.62 -38.34 -4.35
C THR B 154 -16.41 -38.80 -5.58
N THR B 155 -15.87 -39.79 -6.29
CA THR B 155 -16.52 -40.30 -7.49
C THR B 155 -17.88 -40.87 -7.14
N CYS B 156 -17.94 -41.42 -5.93
CA CYS B 156 -19.04 -42.31 -5.56
C CYS B 156 -19.95 -41.85 -4.42
N GLY B 157 -19.44 -41.05 -3.50
CA GLY B 157 -20.27 -40.55 -2.41
C GLY B 157 -20.54 -41.60 -1.35
N ALA B 158 -19.93 -41.41 -0.18
CA ALA B 158 -20.07 -42.36 0.91
C ALA B 158 -20.76 -41.70 2.12
N LEU B 159 -20.70 -42.37 3.27
CA LEU B 159 -21.32 -41.86 4.48
C LEU B 159 -20.42 -40.84 5.15
N ALA B 160 -21.03 -39.70 5.46
CA ALA B 160 -20.38 -38.67 6.23
C ALA B 160 -21.07 -38.64 7.58
N HIS B 161 -20.33 -39.06 8.60
CA HIS B 161 -20.82 -39.09 9.96
C HIS B 161 -21.17 -37.70 10.44
N ILE B 162 -22.26 -37.60 11.22
CA ILE B 162 -22.71 -36.34 11.82
C ILE B 162 -22.73 -36.45 13.34
N LEU B 163 -23.28 -37.56 13.85
CA LEU B 163 -23.48 -37.68 15.30
C LEU B 163 -23.35 -39.10 15.83
N ASP B 164 -22.69 -39.23 16.96
CA ASP B 164 -22.66 -40.47 17.69
C ASP B 164 -23.31 -40.21 19.05
N SER B 165 -24.59 -40.57 19.18
CA SER B 165 -25.32 -40.29 20.41
C SER B 165 -25.11 -41.39 21.44
N PHE B 166 -24.14 -41.16 22.33
CA PHE B 166 -23.83 -42.03 23.46
C PHE B 166 -23.54 -43.49 23.11
N GLY B 167 -23.06 -43.72 21.89
CA GLY B 167 -22.55 -45.02 21.48
C GLY B 167 -23.61 -46.04 21.17
N ASN B 168 -24.79 -45.57 20.81
CA ASN B 168 -25.85 -46.42 20.30
C ASN B 168 -26.32 -45.84 18.97
N LEU B 169 -27.33 -45.00 19.02
CA LEU B 169 -27.91 -44.43 17.82
C LEU B 169 -26.94 -43.47 17.13
N GLN B 170 -26.89 -43.55 15.80
CA GLN B 170 -25.96 -42.74 14.98
C GLN B 170 -26.70 -41.99 13.89
N ILE B 171 -26.20 -40.80 13.56
CA ILE B 171 -26.72 -40.03 12.43
C ILE B 171 -25.63 -39.76 11.38
N ALA B 172 -25.92 -40.11 10.13
CA ALA B 172 -25.00 -39.83 9.02
C ALA B 172 -25.72 -39.24 7.82
N GLU B 173 -24.96 -38.55 6.96
CA GLU B 173 -25.48 -38.17 5.64
C GLU B 173 -24.83 -38.97 4.51
N LEU B 174 -25.53 -38.99 3.38
CA LEU B 174 -25.09 -39.74 2.23
C LEU B 174 -25.48 -39.01 0.97
N PRO B 175 -24.49 -38.49 0.22
CA PRO B 175 -24.78 -37.96 -1.11
C PRO B 175 -25.13 -39.11 -2.02
N VAL B 176 -26.03 -38.86 -2.96
CA VAL B 176 -26.56 -39.94 -3.78
C VAL B 176 -25.72 -40.20 -5.04
N HIS B 177 -24.86 -39.24 -5.42
CA HIS B 177 -24.28 -39.21 -6.77
C HIS B 177 -23.74 -40.53 -7.34
N GLY B 178 -22.73 -41.10 -6.70
CA GLY B 178 -22.12 -42.30 -7.30
C GLY B 178 -22.94 -43.54 -7.04
N THR B 179 -23.86 -43.43 -6.08
CA THR B 179 -24.60 -44.56 -5.51
C THR B 179 -25.57 -45.22 -6.49
N PRO B 180 -25.91 -46.50 -6.25
CA PRO B 180 -26.98 -47.17 -7.00
C PRO B 180 -28.32 -46.47 -6.87
N PHE B 181 -28.60 -45.87 -5.71
CA PHE B 181 -29.90 -45.23 -5.44
C PHE B 181 -30.26 -44.04 -6.35
N ALA B 182 -29.31 -43.58 -7.15
CA ALA B 182 -29.52 -42.42 -8.01
C ALA B 182 -30.61 -42.63 -9.06
N GLY B 183 -31.47 -41.63 -9.24
CA GLY B 183 -32.55 -41.68 -10.22
C GLY B 183 -33.73 -42.54 -9.81
N LYS B 184 -33.76 -42.97 -8.54
CA LYS B 184 -34.82 -43.84 -8.03
C LYS B 184 -35.67 -43.18 -6.94
N THR B 185 -36.75 -43.85 -6.52
CA THR B 185 -37.54 -43.39 -5.40
C THR B 185 -36.92 -43.85 -4.08
N ILE B 186 -37.36 -43.28 -2.96
CA ILE B 186 -36.88 -43.72 -1.65
C ILE B 186 -37.38 -45.14 -1.36
N GLY B 187 -38.59 -45.43 -1.83
CA GLY B 187 -39.16 -46.76 -1.70
C GLY B 187 -38.30 -47.83 -2.35
N GLU B 188 -38.11 -47.70 -3.66
CA GLU B 188 -37.46 -48.75 -4.46
C GLU B 188 -35.96 -48.89 -4.21
N SER B 189 -35.36 -47.93 -3.51
CA SER B 189 -33.96 -48.01 -3.13
C SER B 189 -33.73 -49.14 -2.12
N GLY B 190 -34.76 -49.42 -1.33
CA GLY B 190 -34.77 -50.57 -0.44
C GLY B 190 -33.89 -50.43 0.78
N ILE B 191 -33.75 -49.20 1.26
CA ILE B 191 -32.81 -48.90 2.34
C ILE B 191 -33.29 -49.41 3.70
N ARG B 192 -34.48 -49.00 4.14
CA ARG B 192 -35.01 -49.49 5.40
C ARG B 192 -35.18 -51.02 5.32
N GLN B 193 -35.38 -51.51 4.11
CA GLN B 193 -35.64 -52.92 3.87
C GLN B 193 -34.36 -53.76 3.88
N ARG B 194 -33.30 -53.25 3.26
CA ARG B 194 -32.02 -53.94 3.30
C ARG B 194 -31.23 -53.67 4.58
N THR B 195 -31.33 -52.44 5.09
CA THR B 195 -30.44 -51.99 6.17
C THR B 195 -31.08 -51.95 7.55
N GLY B 196 -32.33 -51.50 7.61
CA GLY B 196 -33.00 -51.22 8.87
C GLY B 196 -32.81 -49.77 9.30
N LEU B 197 -32.12 -48.97 8.48
CA LEU B 197 -31.88 -47.57 8.80
C LEU B 197 -33.14 -46.74 8.66
N SER B 198 -33.18 -45.63 9.38
CA SER B 198 -34.25 -44.66 9.22
C SER B 198 -33.73 -43.52 8.38
N ILE B 199 -34.62 -42.91 7.60
CA ILE B 199 -34.27 -41.77 6.80
C ILE B 199 -34.91 -40.54 7.43
N ILE B 200 -34.16 -39.86 8.29
CA ILE B 200 -34.61 -38.63 8.95
C ILE B 200 -35.05 -37.55 7.96
N GLY B 201 -34.37 -37.42 6.82
CA GLY B 201 -34.70 -36.36 5.87
C GLY B 201 -33.83 -36.27 4.63
N VAL B 202 -34.16 -35.29 3.79
CA VAL B 202 -33.45 -35.08 2.53
C VAL B 202 -33.08 -33.61 2.36
N TRP B 203 -31.80 -33.35 2.13
CA TRP B 203 -31.34 -32.01 1.75
C TRP B 203 -31.53 -31.83 0.26
N GLU B 204 -32.10 -30.71 -0.15
CA GLU B 204 -32.26 -30.46 -1.58
C GLU B 204 -31.88 -29.05 -2.04
N ARG B 205 -32.17 -28.06 -1.21
CA ARG B 205 -31.72 -26.69 -1.44
C ARG B 205 -31.56 -25.96 -0.11
N GLY B 206 -30.75 -26.52 0.79
CA GLY B 206 -30.64 -26.03 2.17
C GLY B 206 -31.95 -26.25 2.91
N SER B 207 -32.85 -26.99 2.27
CA SER B 207 -34.15 -27.33 2.80
C SER B 207 -34.11 -28.79 3.21
N LEU B 208 -34.28 -29.04 4.50
CA LEU B 208 -34.33 -30.41 5.00
C LEU B 208 -35.77 -30.94 4.93
N THR B 209 -36.09 -31.62 3.83
CA THR B 209 -37.46 -32.06 3.55
C THR B 209 -37.75 -33.41 4.19
N THR B 210 -38.95 -33.52 4.74
CA THR B 210 -39.50 -34.80 5.17
C THR B 210 -39.63 -35.70 3.93
N PRO B 211 -39.00 -36.88 3.98
CA PRO B 211 -38.90 -37.81 2.85
C PRO B 211 -40.15 -38.66 2.60
N GLN B 212 -40.88 -38.37 1.53
CA GLN B 212 -42.00 -39.22 1.10
C GLN B 212 -41.47 -40.47 0.38
N ARG B 213 -42.34 -41.47 0.23
CA ARG B 213 -42.01 -42.71 -0.47
C ARG B 213 -41.82 -42.46 -1.97
N GLU B 214 -42.63 -41.55 -2.49
CA GLU B 214 -42.71 -41.28 -3.93
C GLU B 214 -41.60 -40.35 -4.40
N THR B 215 -41.04 -39.59 -3.46
CA THR B 215 -39.95 -38.66 -3.73
C THR B 215 -38.82 -39.35 -4.49
N VAL B 216 -38.56 -38.84 -5.70
CA VAL B 216 -37.44 -39.32 -6.51
C VAL B 216 -36.19 -38.46 -6.26
N LEU B 217 -35.11 -39.12 -5.87
CA LEU B 217 -33.86 -38.43 -5.55
C LEU B 217 -32.89 -38.39 -6.73
N THR B 218 -32.22 -37.26 -6.87
CA THR B 218 -31.33 -36.99 -8.00
C THR B 218 -29.90 -37.38 -7.65
N GLU B 219 -28.98 -36.95 -8.50
CA GLU B 219 -27.56 -37.09 -8.24
C GLU B 219 -27.18 -36.12 -7.14
N GLN B 220 -27.98 -35.06 -7.01
CA GLN B 220 -27.71 -33.96 -6.10
C GLN B 220 -28.30 -34.13 -4.68
N SER B 221 -29.07 -35.19 -4.47
CA SER B 221 -29.74 -35.38 -3.20
C SER B 221 -28.80 -35.79 -2.07
N LEU B 222 -29.02 -35.23 -0.89
CA LEU B 222 -28.29 -35.64 0.31
C LEU B 222 -29.23 -36.23 1.36
N LEU B 223 -28.93 -37.46 1.79
CA LEU B 223 -29.83 -38.26 2.64
C LEU B 223 -29.38 -38.37 4.09
N VAL B 224 -30.10 -37.71 5.00
CA VAL B 224 -29.77 -37.86 6.42
C VAL B 224 -30.34 -39.18 6.89
N LEU B 225 -29.51 -39.96 7.57
CA LEU B 225 -29.94 -41.26 8.05
C LEU B 225 -29.57 -41.47 9.52
N ALA B 226 -30.38 -42.26 10.21
CA ALA B 226 -30.10 -42.66 11.58
C ALA B 226 -30.05 -44.19 11.66
N GLY B 227 -29.23 -44.73 12.56
CA GLY B 227 -29.18 -46.17 12.78
C GLY B 227 -28.04 -46.58 13.69
N THR B 228 -27.84 -47.89 13.86
CA THR B 228 -26.66 -48.38 14.59
C THR B 228 -25.46 -48.42 13.67
N LYS B 229 -24.28 -48.47 14.27
CA LYS B 229 -23.03 -48.59 13.52
C LYS B 229 -23.08 -49.78 12.55
N SER B 230 -23.60 -50.91 13.03
CA SER B 230 -23.72 -52.12 12.21
C SER B 230 -24.63 -51.92 11.01
N GLN B 231 -25.79 -51.31 11.24
CA GLN B 231 -26.71 -51.01 10.16
C GLN B 231 -25.99 -50.18 9.09
N LEU B 232 -25.41 -49.05 9.50
CA LEU B 232 -24.65 -48.21 8.58
C LEU B 232 -23.65 -49.00 7.74
N ALA B 233 -23.00 -49.99 8.36
CA ALA B 233 -22.06 -50.87 7.65
C ALA B 233 -22.75 -51.62 6.51
N ALA B 234 -23.86 -52.29 6.84
CA ALA B 234 -24.70 -52.96 5.85
C ALA B 234 -24.98 -52.08 4.63
N LEU B 235 -25.08 -50.77 4.85
CA LEU B 235 -25.36 -49.80 3.80
C LEU B 235 -24.11 -49.51 2.96
N GLU B 236 -22.96 -49.39 3.62
CA GLU B 236 -21.68 -49.18 2.94
C GLU B 236 -21.35 -50.31 1.98
N TYR B 237 -21.81 -51.51 2.36
CA TYR B 237 -21.65 -52.70 1.55
C TYR B 237 -22.43 -52.54 0.25
N LEU B 238 -23.63 -51.99 0.35
CA LEU B 238 -24.54 -51.88 -0.80
C LEU B 238 -24.10 -50.86 -1.83
N ILE B 239 -23.52 -49.76 -1.37
CA ILE B 239 -23.12 -48.69 -2.27
C ILE B 239 -21.98 -49.17 -3.17
N GLY B 240 -21.12 -50.03 -2.63
CA GLY B 240 -19.96 -50.54 -3.38
C GLY B 240 -18.67 -49.85 -2.98
N GLU B 241 -17.58 -50.22 -3.64
CA GLU B 241 -16.27 -49.64 -3.32
C GLU B 241 -15.79 -48.70 -4.44
N ALA B 242 -15.02 -47.69 -4.04
CA ALA B 242 -14.55 -46.66 -4.96
C ALA B 242 -13.54 -47.20 -5.97
N PRO B 243 -13.33 -46.46 -7.08
CA PRO B 243 -12.35 -46.81 -8.11
C PRO B 243 -10.93 -47.02 -7.56
N GLU B 244 -10.22 -47.99 -8.13
CA GLU B 244 -8.86 -48.35 -7.69
C GLU B 244 -7.97 -47.12 -7.51
N ASP B 245 -8.24 -46.10 -8.30
CA ASP B 245 -7.29 -45.00 -8.46
C ASP B 245 -7.94 -43.63 -8.44
N GLU B 246 -8.78 -43.36 -7.46
CA GLU B 246 -9.33 -42.03 -7.40
C GLU B 246 -8.36 -41.07 -6.75
N LEU B 247 -8.43 -39.84 -7.18
CA LEU B 247 -7.48 -38.83 -6.80
C LEU B 247 -8.23 -37.54 -6.92
N ILE B 248 -8.43 -36.86 -5.79
CA ILE B 248 -9.06 -35.58 -5.88
C ILE B 248 -7.99 -34.53 -5.88
N PHE B 249 -8.25 -33.49 -6.65
CA PHE B 249 -7.31 -32.44 -6.92
C PHE B 249 -7.95 -31.17 -6.38
N ILE B 250 -7.30 -30.54 -5.39
CA ILE B 250 -7.89 -29.38 -4.74
C ILE B 250 -7.17 -28.10 -5.08
N ILE B 251 -7.82 -27.26 -5.88
CA ILE B 251 -7.31 -25.94 -6.22
C ILE B 251 -7.66 -24.99 -5.10
N GLY B 252 -6.64 -24.36 -4.52
CA GLY B 252 -6.80 -23.50 -3.35
C GLY B 252 -6.50 -24.31 -2.10
N HIS B 253 -5.59 -23.82 -1.25
CA HIS B 253 -5.38 -24.40 0.06
C HIS B 253 -5.47 -23.29 1.11
N GLY B 254 -6.53 -22.49 0.97
CA GLY B 254 -6.93 -21.55 2.01
C GLY B 254 -7.53 -22.32 3.17
N ARG B 255 -8.23 -21.61 4.06
CA ARG B 255 -8.81 -22.32 5.19
C ARG B 255 -9.86 -23.37 4.77
N ILE B 256 -10.65 -23.09 3.74
CA ILE B 256 -11.64 -24.06 3.26
C ILE B 256 -11.02 -25.29 2.57
N GLY B 257 -10.25 -25.04 1.51
CA GLY B 257 -9.49 -26.09 0.83
C GLY B 257 -8.77 -26.99 1.81
N CYS B 258 -8.12 -26.39 2.80
CA CYS B 258 -7.50 -27.16 3.85
C CYS B 258 -8.49 -28.11 4.56
N ALA B 259 -9.67 -27.58 4.87
CA ALA B 259 -10.72 -28.36 5.53
C ALA B 259 -11.14 -29.55 4.68
N ALA B 260 -11.53 -29.27 3.44
CA ALA B 260 -11.87 -30.32 2.48
C ALA B 260 -10.76 -31.37 2.43
N ALA B 261 -9.51 -30.91 2.36
CA ALA B 261 -8.39 -31.83 2.37
C ALA B 261 -8.42 -32.66 3.65
N ALA B 262 -8.68 -32.01 4.78
CA ALA B 262 -8.67 -32.69 6.08
C ALA B 262 -9.79 -33.71 6.14
N PHE B 263 -10.88 -33.43 5.41
CA PHE B 263 -12.02 -34.34 5.35
C PHE B 263 -11.65 -35.57 4.59
N LEU B 264 -11.09 -35.35 3.40
CA LEU B 264 -10.71 -36.44 2.49
C LEU B 264 -9.66 -37.37 3.07
N ASP B 265 -8.78 -36.85 3.91
CA ASP B 265 -7.76 -37.67 4.50
C ASP B 265 -8.33 -38.73 5.46
N ARG B 266 -9.52 -38.49 6.01
CA ARG B 266 -10.05 -39.39 7.05
C ARG B 266 -10.65 -40.69 6.48
N LYS B 267 -11.18 -40.62 5.27
CA LYS B 267 -11.80 -41.78 4.59
C LYS B 267 -10.85 -42.33 3.53
N PRO B 268 -9.59 -42.59 3.91
CA PRO B 268 -8.39 -42.21 3.13
C PRO B 268 -8.63 -42.02 1.63
N VAL B 269 -8.71 -40.78 1.17
CA VAL B 269 -8.85 -40.50 -0.26
C VAL B 269 -7.66 -39.63 -0.71
N PRO B 270 -6.88 -40.08 -1.72
CA PRO B 270 -5.71 -39.29 -2.09
C PRO B 270 -6.11 -37.95 -2.71
N PHE B 271 -5.33 -36.92 -2.42
CA PHE B 271 -5.57 -35.59 -2.95
C PHE B 271 -4.27 -34.87 -3.22
N ILE B 272 -4.30 -33.99 -4.21
CA ILE B 272 -3.22 -33.06 -4.48
C ILE B 272 -3.79 -31.64 -4.32
N LEU B 273 -2.97 -30.74 -3.76
CA LEU B 273 -3.40 -29.37 -3.48
C LEU B 273 -2.59 -28.33 -4.26
N ILE B 274 -3.26 -27.37 -4.89
CA ILE B 274 -2.53 -26.23 -5.47
C ILE B 274 -2.84 -24.97 -4.69
N ASP B 275 -1.81 -24.20 -4.38
CA ASP B 275 -2.04 -22.84 -3.93
C ASP B 275 -0.98 -21.89 -4.49
N ARG B 276 -1.41 -20.64 -4.61
CA ARG B 276 -0.55 -19.58 -5.06
C ARG B 276 0.52 -19.30 -4.02
N GLN B 277 0.24 -19.71 -2.78
CA GLN B 277 1.04 -19.38 -1.59
C GLN B 277 1.22 -20.54 -0.63
N GLU B 278 2.40 -20.61 -0.03
CA GLU B 278 2.57 -21.30 1.25
C GLU B 278 1.56 -20.67 2.18
N SER B 279 0.77 -21.48 2.85
CA SER B 279 -0.32 -20.93 3.62
C SER B 279 -0.09 -21.32 5.05
N PRO B 280 0.18 -20.29 5.90
CA PRO B 280 0.88 -20.17 7.17
C PRO B 280 0.27 -20.91 8.36
N VAL B 281 -0.87 -21.55 8.16
CA VAL B 281 -1.52 -22.27 9.24
C VAL B 281 -1.27 -23.78 9.14
N CYS B 282 -1.18 -24.30 7.92
CA CYS B 282 -1.09 -25.73 7.70
C CYS B 282 0.32 -26.30 7.69
N ASN B 283 0.52 -27.35 8.45
CA ASN B 283 1.79 -28.06 8.46
C ASN B 283 1.63 -29.53 8.09
N ASP B 284 0.45 -29.87 7.60
CA ASP B 284 0.10 -31.26 7.45
C ASP B 284 -0.11 -31.61 5.99
N HIS B 285 -0.33 -30.60 5.17
CA HIS B 285 -0.61 -30.85 3.77
C HIS B 285 0.50 -30.39 2.84
N VAL B 286 0.96 -31.31 1.99
CA VAL B 286 1.97 -31.05 0.99
C VAL B 286 1.32 -30.37 -0.21
N VAL B 287 1.75 -29.15 -0.52
CA VAL B 287 1.09 -28.33 -1.54
C VAL B 287 1.97 -28.02 -2.76
N VAL B 288 1.36 -27.87 -3.91
CA VAL B 288 2.06 -27.43 -5.10
C VAL B 288 1.82 -25.92 -5.23
N TYR B 289 2.88 -25.17 -5.45
CA TYR B 289 2.76 -23.71 -5.51
C TYR B 289 2.68 -23.16 -6.93
N GLY B 290 1.62 -22.41 -7.20
CA GLY B 290 1.49 -21.79 -8.50
C GLY B 290 0.13 -21.18 -8.72
N ASP B 291 0.04 -20.37 -9.76
CA ASP B 291 -1.22 -19.76 -10.12
C ASP B 291 -1.96 -20.73 -11.05
N ALA B 292 -3.01 -21.37 -10.51
CA ALA B 292 -3.78 -22.36 -11.27
C ALA B 292 -4.31 -21.78 -12.57
N THR B 293 -4.49 -20.46 -12.57
CA THR B 293 -4.94 -19.70 -13.72
C THR B 293 -3.94 -19.72 -14.86
N VAL B 294 -2.66 -19.90 -14.54
CA VAL B 294 -1.58 -19.96 -15.53
C VAL B 294 -1.53 -21.33 -16.20
N GLY B 295 -1.27 -21.32 -17.51
CA GLY B 295 -1.32 -22.51 -18.39
C GLY B 295 -0.89 -23.85 -17.81
N GLN B 296 0.39 -24.17 -17.94
CA GLN B 296 0.89 -25.50 -17.61
C GLN B 296 0.89 -25.82 -16.12
N THR B 297 0.69 -24.79 -15.29
CA THR B 297 0.68 -24.95 -13.85
C THR B 297 -0.08 -26.21 -13.44
N LEU B 298 -1.32 -26.32 -13.93
CA LEU B 298 -2.20 -27.43 -13.57
C LEU B 298 -1.74 -28.74 -14.15
N ARG B 299 -1.59 -28.78 -15.48
CA ARG B 299 -1.15 -29.99 -16.15
C ARG B 299 0.09 -30.61 -15.51
N GLN B 300 1.11 -29.78 -15.27
CA GLN B 300 2.34 -30.22 -14.64
C GLN B 300 2.14 -30.71 -13.21
N ALA B 301 1.26 -30.05 -12.47
CA ALA B 301 0.88 -30.50 -11.15
C ALA B 301 0.16 -31.86 -11.22
N GLY B 302 -0.32 -32.20 -12.42
CA GLY B 302 -0.88 -33.53 -12.70
C GLY B 302 -2.40 -33.64 -12.61
N ILE B 303 -3.10 -32.55 -12.91
CA ILE B 303 -4.55 -32.53 -12.90
C ILE B 303 -5.14 -33.59 -13.84
N ASP B 304 -4.34 -34.06 -14.78
CA ASP B 304 -4.83 -35.02 -15.77
C ASP B 304 -4.98 -36.43 -15.20
N ARG B 305 -4.54 -36.64 -13.97
CA ARG B 305 -4.65 -37.96 -13.35
C ARG B 305 -5.83 -38.00 -12.37
N ALA B 306 -6.45 -36.84 -12.20
CA ALA B 306 -7.45 -36.65 -11.17
C ALA B 306 -8.77 -37.26 -11.57
N SER B 307 -9.45 -37.87 -10.60
CA SER B 307 -10.80 -38.37 -10.79
C SER B 307 -11.81 -37.30 -10.43
N GLY B 308 -11.40 -36.36 -9.59
CA GLY B 308 -12.26 -35.24 -9.18
C GLY B 308 -11.47 -33.97 -8.91
N ILE B 309 -12.10 -32.83 -9.15
CA ILE B 309 -11.51 -31.52 -8.84
C ILE B 309 -12.39 -30.68 -7.88
N ILE B 310 -11.75 -30.01 -6.93
CA ILE B 310 -12.45 -29.11 -6.05
C ILE B 310 -11.91 -27.71 -6.23
N VAL B 311 -12.77 -26.81 -6.70
CA VAL B 311 -12.39 -25.45 -7.02
C VAL B 311 -12.77 -24.57 -5.83
N THR B 312 -11.77 -24.17 -5.05
CA THR B 312 -11.99 -23.51 -3.76
C THR B 312 -11.18 -22.25 -3.60
N THR B 313 -11.27 -21.37 -4.59
CA THR B 313 -10.57 -20.13 -4.53
C THR B 313 -11.43 -19.08 -3.85
N ASN B 314 -10.80 -18.14 -3.15
CA ASN B 314 -11.51 -17.02 -2.55
C ASN B 314 -12.10 -16.03 -3.57
N ASP B 315 -11.81 -16.25 -4.84
CA ASP B 315 -12.29 -15.38 -5.89
C ASP B 315 -13.24 -16.17 -6.80
N ASP B 316 -14.41 -15.60 -7.05
CA ASP B 316 -15.44 -16.32 -7.82
C ASP B 316 -15.19 -16.33 -9.32
N SER B 317 -14.87 -15.18 -9.92
CA SER B 317 -14.41 -15.14 -11.32
C SER B 317 -13.40 -16.25 -11.59
N THR B 318 -12.43 -16.39 -10.70
CA THR B 318 -11.43 -17.43 -10.84
C THR B 318 -12.05 -18.83 -10.83
N ASN B 319 -12.96 -19.06 -9.87
CA ASN B 319 -13.58 -20.37 -9.72
C ASN B 319 -14.37 -20.78 -10.95
N ILE B 320 -15.12 -19.83 -11.48
CA ILE B 320 -15.83 -19.99 -12.73
C ILE B 320 -14.85 -20.31 -13.87
N PHE B 321 -13.77 -19.53 -13.96
CA PHE B 321 -12.80 -19.70 -15.02
C PHE B 321 -12.17 -21.09 -14.97
N LEU B 322 -11.75 -21.51 -13.78
CA LEU B 322 -11.15 -22.81 -13.62
C LEU B 322 -12.15 -23.91 -13.95
N THR B 323 -13.42 -23.61 -13.77
CA THR B 323 -14.45 -24.59 -14.06
C THR B 323 -14.57 -24.72 -15.57
N LEU B 324 -14.90 -23.61 -16.26
CA LEU B 324 -14.86 -23.58 -17.71
C LEU B 324 -13.70 -24.38 -18.29
N ALA B 325 -12.52 -24.21 -17.71
CA ALA B 325 -11.29 -24.74 -18.28
C ALA B 325 -11.19 -26.24 -18.07
N CYS B 326 -11.46 -26.68 -16.85
CA CYS B 326 -11.33 -28.08 -16.51
C CYS B 326 -12.39 -28.92 -17.19
N ARG B 327 -13.57 -28.34 -17.40
CA ARG B 327 -14.66 -29.05 -18.06
C ARG B 327 -14.35 -29.16 -19.55
N HIS B 328 -13.86 -28.06 -20.13
CA HIS B 328 -13.53 -28.01 -21.55
C HIS B 328 -12.41 -28.97 -21.89
N LEU B 329 -11.43 -29.05 -20.99
CA LEU B 329 -10.28 -29.91 -21.21
C LEU B 329 -10.54 -31.35 -20.77
N HIS B 330 -11.15 -31.55 -19.61
CA HIS B 330 -11.34 -32.90 -19.09
C HIS B 330 -12.81 -33.14 -18.71
N SER B 331 -13.63 -33.35 -19.74
CA SER B 331 -15.10 -33.36 -19.62
C SER B 331 -15.71 -34.58 -18.90
N HIS B 332 -14.86 -35.48 -18.44
CA HIS B 332 -15.29 -36.69 -17.70
C HIS B 332 -15.17 -36.52 -16.18
N ILE B 333 -14.15 -35.77 -15.77
CA ILE B 333 -13.86 -35.46 -14.36
C ILE B 333 -15.04 -34.77 -13.65
N ARG B 334 -15.27 -35.20 -12.41
CA ARG B 334 -16.25 -34.59 -11.53
C ARG B 334 -15.68 -33.32 -10.87
N ILE B 335 -16.43 -32.23 -11.01
CA ILE B 335 -15.99 -30.92 -10.53
C ILE B 335 -16.95 -30.40 -9.47
N VAL B 336 -16.43 -30.12 -8.28
CA VAL B 336 -17.21 -29.45 -7.25
C VAL B 336 -16.60 -28.07 -7.06
N ALA B 337 -17.42 -27.02 -7.11
CA ALA B 337 -16.93 -25.64 -7.05
C ALA B 337 -17.47 -24.85 -5.85
N ARG B 338 -16.65 -23.95 -5.32
CA ARG B 338 -17.08 -23.09 -4.23
C ARG B 338 -17.61 -21.74 -4.74
N ALA B 339 -18.80 -21.38 -4.27
CA ALA B 339 -19.39 -20.07 -4.55
C ALA B 339 -19.22 -19.14 -3.36
N ASN B 340 -18.41 -18.11 -3.52
CA ASN B 340 -18.20 -17.15 -2.44
C ASN B 340 -19.37 -16.21 -2.24
N GLY B 341 -19.93 -15.72 -3.34
CA GLY B 341 -21.18 -14.96 -3.30
C GLY B 341 -22.29 -15.80 -3.88
N GLU B 342 -23.53 -15.48 -3.54
CA GLU B 342 -24.65 -16.27 -4.05
C GLU B 342 -25.01 -15.90 -5.50
N GLU B 343 -24.50 -14.76 -5.95
CA GLU B 343 -24.80 -14.27 -7.29
C GLU B 343 -23.82 -14.80 -8.34
N ASN B 344 -23.21 -15.94 -8.03
CA ASN B 344 -22.32 -16.63 -8.96
C ASN B 344 -22.67 -18.10 -9.09
N VAL B 345 -23.42 -18.62 -8.13
CA VAL B 345 -23.77 -20.05 -8.05
C VAL B 345 -24.27 -20.59 -9.39
N ASP B 346 -25.08 -19.81 -10.09
CA ASP B 346 -25.58 -20.24 -11.37
C ASP B 346 -24.49 -20.37 -12.42
N GLN B 347 -23.58 -19.40 -12.47
CA GLN B 347 -22.49 -19.41 -13.45
C GLN B 347 -21.58 -20.60 -13.26
N LEU B 348 -21.34 -20.96 -12.01
CA LEU B 348 -20.57 -22.15 -11.72
C LEU B 348 -21.19 -23.41 -12.33
N TYR B 349 -22.52 -23.46 -12.36
CA TYR B 349 -23.20 -24.57 -13.00
C TYR B 349 -23.08 -24.44 -14.51
N ALA B 350 -23.37 -23.25 -15.02
CA ALA B 350 -23.24 -22.94 -16.44
C ALA B 350 -21.88 -23.37 -16.95
N ALA B 351 -20.83 -23.03 -16.20
CA ALA B 351 -19.46 -23.33 -16.59
C ALA B 351 -19.19 -24.84 -16.68
N GLY B 352 -19.97 -25.63 -15.94
CA GLY B 352 -19.85 -27.08 -16.01
C GLY B 352 -19.55 -27.82 -14.72
N ALA B 353 -19.85 -27.20 -13.58
CA ALA B 353 -19.65 -27.85 -12.29
C ALA B 353 -20.74 -28.89 -12.03
N ASP B 354 -20.39 -29.94 -11.30
CA ASP B 354 -21.37 -30.97 -10.91
C ASP B 354 -22.14 -30.59 -9.65
N PHE B 355 -21.45 -30.02 -8.68
CA PHE B 355 -22.14 -29.44 -7.54
C PHE B 355 -21.54 -28.07 -7.19
N VAL B 356 -22.35 -27.15 -6.70
CA VAL B 356 -21.83 -25.90 -6.17
C VAL B 356 -22.16 -25.80 -4.69
N VAL B 357 -21.14 -25.78 -3.83
CA VAL B 357 -21.34 -25.44 -2.43
C VAL B 357 -21.40 -23.92 -2.35
N SER B 358 -22.57 -23.39 -2.02
CA SER B 358 -22.80 -21.95 -1.97
C SER B 358 -22.57 -21.35 -0.56
N ASN B 359 -21.32 -21.01 -0.25
CA ASN B 359 -20.91 -20.43 1.05
C ASN B 359 -21.97 -19.53 1.68
N ALA B 360 -22.34 -18.47 0.96
CA ALA B 360 -23.30 -17.49 1.47
C ALA B 360 -24.56 -18.16 2.02
N SER B 361 -25.19 -19.03 1.22
CA SER B 361 -26.35 -19.78 1.64
C SER B 361 -26.03 -20.62 2.86
N VAL B 362 -25.25 -21.67 2.66
CA VAL B 362 -24.84 -22.55 3.75
C VAL B 362 -24.63 -21.82 5.09
N GLY B 363 -23.89 -20.72 5.06
CA GLY B 363 -23.58 -19.97 6.29
C GLY B 363 -24.81 -19.30 6.87
N ALA B 364 -25.36 -18.36 6.11
CA ALA B 364 -26.59 -17.66 6.50
C ALA B 364 -27.64 -18.63 6.99
N ASN B 365 -27.64 -19.81 6.39
CA ASN B 365 -28.60 -20.84 6.72
C ASN B 365 -28.38 -21.41 8.11
N ILE B 366 -27.13 -21.71 8.42
CA ILE B 366 -26.83 -22.25 9.73
C ILE B 366 -27.14 -21.20 10.78
N LEU B 367 -26.64 -19.98 10.57
CA LEU B 367 -26.84 -18.88 11.51
C LEU B 367 -28.31 -18.59 11.82
N GLY B 368 -29.10 -18.43 10.76
CA GLY B 368 -30.55 -18.26 10.87
C GLY B 368 -31.21 -19.30 11.73
N ASN B 369 -30.93 -20.58 11.48
CA ASN B 369 -31.48 -21.66 12.30
C ASN B 369 -31.12 -21.58 13.78
N LEU B 370 -29.90 -21.16 14.06
CA LEU B 370 -29.46 -21.03 15.43
C LEU B 370 -30.19 -19.87 16.10
N LEU B 371 -30.57 -18.89 15.30
CA LEU B 371 -31.35 -17.76 15.78
C LEU B 371 -32.82 -18.12 15.97
N GLU B 372 -33.40 -18.71 14.92
CA GLU B 372 -34.81 -19.07 14.87
C GLU B 372 -35.17 -20.24 15.79
N HIS B 373 -34.29 -21.23 15.88
CA HIS B 373 -34.58 -22.43 16.66
C HIS B 373 -33.75 -22.49 17.93
N LYS B 374 -33.39 -21.31 18.43
CA LYS B 374 -32.58 -21.17 19.62
C LYS B 374 -33.02 -22.13 20.72
N GLU B 375 -34.26 -21.97 21.19
CA GLU B 375 -34.80 -22.78 22.28
C GLU B 375 -34.71 -24.29 22.07
N SER B 376 -35.07 -24.76 20.88
CA SER B 376 -35.10 -26.21 20.60
C SER B 376 -33.70 -26.80 20.65
N ALA B 377 -32.73 -26.04 20.15
CA ALA B 377 -31.33 -26.43 20.20
C ALA B 377 -30.88 -26.57 21.65
N PHE B 378 -31.09 -25.51 22.44
CA PHE B 378 -30.75 -25.53 23.86
C PHE B 378 -31.38 -26.74 24.57
N LEU B 379 -32.69 -26.85 24.49
CA LEU B 379 -33.44 -27.90 25.15
C LEU B 379 -32.89 -29.31 24.87
N SER B 380 -32.12 -29.45 23.80
CA SER B 380 -31.59 -30.77 23.43
C SER B 380 -30.12 -30.99 23.80
N GLU B 381 -29.38 -29.92 24.10
CA GLU B 381 -27.97 -30.05 24.49
C GLU B 381 -27.73 -31.16 25.51
N GLY B 382 -26.82 -32.07 25.19
CA GLY B 382 -26.39 -33.12 26.10
C GLY B 382 -27.36 -34.27 26.23
N MET B 383 -28.40 -34.26 25.42
CA MET B 383 -29.46 -35.29 25.50
C MET B 383 -29.20 -36.45 24.56
N ALA B 384 -29.81 -37.60 24.87
CA ALA B 384 -29.65 -38.82 24.05
C ALA B 384 -30.76 -38.91 23.02
N VAL B 385 -30.40 -39.37 21.83
CA VAL B 385 -31.38 -39.68 20.79
C VAL B 385 -31.28 -41.18 20.58
N PHE B 386 -32.42 -41.85 20.66
CA PHE B 386 -32.43 -43.30 20.48
C PHE B 386 -33.70 -43.79 19.84
N ARG B 387 -33.65 -45.02 19.35
CA ARG B 387 -34.72 -45.58 18.57
C ARG B 387 -35.17 -46.85 19.28
N ARG B 388 -36.48 -47.04 19.34
CA ARG B 388 -37.03 -48.22 20.01
C ARG B 388 -38.21 -48.80 19.26
N PRO B 389 -38.30 -50.15 19.22
CA PRO B 389 -39.51 -50.75 18.72
C PRO B 389 -40.58 -50.46 19.76
N LEU B 390 -41.75 -50.05 19.28
CA LEU B 390 -42.93 -49.80 20.13
C LEU B 390 -43.27 -51.05 20.94
N PRO B 391 -43.40 -50.90 22.27
CA PRO B 391 -43.69 -52.03 23.15
C PRO B 391 -45.08 -52.61 22.84
N PRO B 392 -45.15 -53.93 22.53
CA PRO B 392 -46.36 -54.60 22.09
C PRO B 392 -47.64 -54.11 22.78
N ALA B 393 -47.55 -53.87 24.09
CA ALA B 393 -48.69 -53.44 24.90
C ALA B 393 -49.04 -51.94 24.76
N MET B 394 -48.47 -51.27 23.77
CA MET B 394 -48.75 -49.86 23.55
C MET B 394 -49.40 -49.60 22.18
N ALA B 395 -49.59 -50.67 21.42
CA ALA B 395 -50.16 -50.57 20.08
C ALA B 395 -51.63 -50.18 20.19
N GLY B 396 -52.06 -49.28 19.30
CA GLY B 396 -53.40 -48.73 19.36
C GLY B 396 -53.46 -47.42 20.12
N LYS B 397 -52.70 -47.33 21.22
CA LYS B 397 -52.68 -46.14 22.08
C LYS B 397 -52.33 -44.84 21.37
N THR B 398 -52.73 -43.75 22.00
CA THR B 398 -52.38 -42.43 21.54
C THR B 398 -51.09 -42.06 22.30
N ILE B 399 -50.39 -41.02 21.88
CA ILE B 399 -49.10 -40.65 22.52
C ILE B 399 -49.31 -40.23 23.98
N ALA B 400 -50.27 -39.35 24.19
CA ALA B 400 -50.66 -38.92 25.54
C ALA B 400 -51.02 -40.12 26.41
N GLU B 401 -51.65 -41.12 25.79
CA GLU B 401 -52.11 -42.31 26.51
C GLU B 401 -51.01 -43.23 27.04
N THR B 402 -49.81 -43.15 26.47
CA THR B 402 -48.71 -44.01 26.91
C THR B 402 -48.08 -43.50 28.19
N ARG B 403 -48.21 -42.20 28.41
CA ARG B 403 -47.59 -41.49 29.54
C ARG B 403 -46.08 -41.73 29.65
N LEU B 404 -45.37 -41.71 28.53
CA LEU B 404 -43.91 -42.01 28.50
C LEU B 404 -43.04 -40.97 29.21
N ARG B 405 -43.29 -39.69 28.96
CA ARG B 405 -42.50 -38.66 29.60
C ARG B 405 -42.58 -38.76 31.14
N PRO B 406 -43.81 -38.76 31.72
CA PRO B 406 -43.87 -38.87 33.18
C PRO B 406 -43.36 -40.19 33.77
N LEU B 407 -43.27 -41.24 32.96
CA LEU B 407 -42.86 -42.57 33.46
C LEU B 407 -41.39 -42.92 33.19
N THR B 408 -40.85 -42.42 32.09
CA THR B 408 -39.47 -42.73 31.67
C THR B 408 -38.59 -41.50 31.52
N GLY B 409 -39.20 -40.32 31.50
CA GLY B 409 -38.47 -39.10 31.26
C GLY B 409 -38.24 -38.85 29.78
N CYS B 410 -38.25 -39.93 28.99
CA CYS B 410 -38.06 -39.81 27.55
C CYS B 410 -39.38 -39.49 26.87
N SER B 411 -39.32 -38.74 25.77
CA SER B 411 -40.50 -38.47 24.99
C SER B 411 -40.25 -38.81 23.53
N ILE B 412 -41.26 -38.61 22.68
CA ILE B 412 -41.18 -39.05 21.29
C ILE B 412 -41.09 -37.87 20.37
N VAL B 413 -40.14 -37.92 19.45
CA VAL B 413 -39.88 -36.82 18.52
C VAL B 413 -40.18 -37.20 17.08
N ALA B 414 -40.15 -38.50 16.80
CA ALA B 414 -40.50 -39.05 15.49
C ALA B 414 -41.02 -40.49 15.57
N ILE B 415 -41.95 -40.82 14.67
CA ILE B 415 -42.40 -42.20 14.50
C ILE B 415 -42.25 -42.55 13.03
N GLU B 416 -41.64 -43.70 12.76
CA GLU B 416 -41.71 -44.27 11.41
C GLU B 416 -42.71 -45.41 11.39
N ALA B 417 -43.70 -45.26 10.51
CA ALA B 417 -44.84 -46.17 10.41
C ALA B 417 -44.42 -47.63 10.16
N PRO B 418 -45.26 -48.60 10.60
CA PRO B 418 -44.92 -50.02 10.53
C PRO B 418 -44.72 -50.48 9.10
N ASP B 419 -45.64 -50.05 8.23
CA ASP B 419 -45.58 -50.29 6.80
C ASP B 419 -44.41 -49.47 6.23
N ARG B 420 -44.11 -49.67 4.94
CA ARG B 420 -43.20 -48.78 4.24
C ARG B 420 -43.94 -47.44 4.06
N ALA B 421 -43.75 -46.54 5.01
CA ALA B 421 -44.41 -45.25 5.01
C ALA B 421 -43.49 -44.18 5.59
N ASP B 422 -43.58 -42.98 5.04
CA ASP B 422 -42.73 -41.85 5.43
C ASP B 422 -42.73 -41.55 6.93
N ILE B 423 -41.64 -40.97 7.39
CA ILE B 423 -41.41 -40.72 8.81
C ILE B 423 -42.21 -39.49 9.22
N LEU B 424 -42.83 -39.57 10.41
CA LEU B 424 -43.59 -38.47 10.99
C LEU B 424 -42.78 -37.80 12.07
N ILE B 425 -42.32 -36.58 11.81
CA ILE B 425 -41.47 -35.85 12.74
C ILE B 425 -42.33 -34.88 13.53
N SER B 426 -42.11 -34.84 14.84
CA SER B 426 -42.90 -34.04 15.78
C SER B 426 -44.39 -34.38 15.73
N PRO B 427 -44.73 -35.63 16.10
CA PRO B 427 -46.12 -36.06 16.12
C PRO B 427 -46.91 -35.43 17.28
N PRO B 428 -48.10 -34.88 16.99
CA PRO B 428 -48.94 -34.34 18.06
C PRO B 428 -49.24 -35.42 19.08
N PRO B 429 -49.54 -35.03 20.34
CA PRO B 429 -49.76 -36.04 21.36
C PRO B 429 -50.97 -36.95 21.05
N GLU B 430 -51.92 -36.42 20.27
CA GLU B 430 -53.09 -37.20 19.85
C GLU B 430 -52.82 -38.10 18.65
N THR B 431 -51.65 -38.72 18.63
CA THR B 431 -51.27 -39.58 17.51
C THR B 431 -51.38 -41.05 17.92
N ILE B 432 -52.15 -41.80 17.12
CA ILE B 432 -52.37 -43.23 17.36
C ILE B 432 -51.11 -44.01 17.01
N LEU B 433 -50.55 -44.69 18.01
CA LEU B 433 -49.36 -45.46 17.81
C LEU B 433 -49.66 -46.80 17.14
N ALA B 434 -49.24 -46.92 15.88
CA ALA B 434 -49.60 -48.03 15.01
C ALA B 434 -49.03 -49.40 15.41
N GLU B 435 -49.36 -50.41 14.60
CA GLU B 435 -49.11 -51.83 14.85
C GLU B 435 -47.68 -52.17 15.30
N GLY B 436 -46.72 -51.99 14.40
CA GLY B 436 -45.32 -52.33 14.68
C GLY B 436 -44.35 -51.26 14.20
N ALA B 437 -44.57 -50.04 14.67
CA ALA B 437 -43.77 -48.90 14.28
C ALA B 437 -42.53 -48.79 15.15
N ARG B 438 -41.51 -48.11 14.63
CA ARG B 438 -40.36 -47.73 15.43
C ARG B 438 -40.52 -46.25 15.79
N LEU B 439 -40.10 -45.91 17.00
CA LEU B 439 -40.14 -44.54 17.43
C LEU B 439 -38.76 -44.00 17.79
N ILE B 440 -38.59 -42.70 17.55
CA ILE B 440 -37.40 -41.95 17.96
C ILE B 440 -37.70 -41.12 19.21
N LEU B 441 -36.84 -41.24 20.21
CA LEU B 441 -37.05 -40.63 21.51
C LEU B 441 -35.86 -39.84 21.99
N ILE B 442 -36.07 -38.58 22.38
CA ILE B 442 -35.06 -37.83 23.11
C ILE B 442 -35.25 -38.02 24.61
N GLY B 443 -34.15 -38.24 25.32
CA GLY B 443 -34.16 -38.35 26.77
C GLY B 443 -32.76 -38.17 27.34
N THR B 444 -32.67 -38.13 28.65
CA THR B 444 -31.39 -38.16 29.35
C THR B 444 -30.72 -39.48 29.01
N SER B 445 -29.40 -39.44 28.86
CA SER B 445 -28.63 -40.64 28.56
C SER B 445 -28.74 -41.67 29.69
N GLU B 446 -28.83 -41.20 30.93
CA GLU B 446 -29.02 -42.12 32.05
C GLU B 446 -30.36 -42.83 31.97
N GLN B 447 -31.37 -42.09 31.49
CA GLN B 447 -32.73 -42.62 31.36
C GLN B 447 -32.87 -43.53 30.15
N GLU B 448 -32.00 -43.33 29.16
CA GLU B 448 -31.95 -44.20 28.00
C GLU B 448 -31.48 -45.57 28.46
N LYS B 449 -30.40 -45.58 29.23
CA LYS B 449 -29.83 -46.83 29.75
C LYS B 449 -30.90 -47.67 30.42
N THR B 450 -31.97 -47.01 30.86
CA THR B 450 -32.90 -47.55 31.84
C THR B 450 -34.32 -47.75 31.30
N PHE B 451 -34.70 -46.92 30.33
CA PHE B 451 -35.96 -47.00 29.62
C PHE B 451 -36.52 -48.43 29.51
N ASP B 452 -35.78 -49.33 28.87
CA ASP B 452 -36.22 -50.70 28.67
C ASP B 452 -36.71 -51.36 29.97
N GLN B 453 -35.91 -51.18 31.02
CA GLN B 453 -36.14 -51.79 32.32
C GLN B 453 -37.48 -51.37 32.95
N THR B 454 -37.85 -50.11 32.77
CA THR B 454 -39.09 -49.57 33.36
C THR B 454 -40.34 -49.96 32.56
N ILE B 455 -40.25 -49.86 31.23
CA ILE B 455 -41.30 -50.36 30.33
C ILE B 455 -41.61 -51.83 30.61
N ALA B 456 -40.56 -52.63 30.81
CA ALA B 456 -40.70 -54.03 31.17
C ALA B 456 -41.33 -54.18 32.56
N ALA B 457 -40.93 -53.31 33.48
CA ALA B 457 -41.44 -53.34 34.87
C ALA B 457 -42.95 -53.19 34.95
N ARG B 458 -43.52 -52.36 34.09
CA ARG B 458 -44.97 -52.13 34.06
C ARG B 458 -45.62 -52.90 32.92
N ALA C 4 -30.62 21.75 -12.05
CA ALA C 4 -29.34 21.70 -12.80
C ALA C 4 -28.42 20.63 -12.22
N PRO C 5 -27.67 19.94 -13.09
CA PRO C 5 -26.57 19.05 -12.67
C PRO C 5 -25.24 19.82 -12.58
N TRP C 6 -25.34 21.15 -12.72
CA TRP C 6 -24.21 22.06 -12.53
C TRP C 6 -24.12 22.42 -11.04
N ILE C 7 -25.29 22.53 -10.42
CA ILE C 7 -25.42 22.76 -8.98
C ILE C 7 -25.23 21.42 -8.24
N GLU C 8 -25.72 20.33 -8.82
CA GLU C 8 -25.57 18.99 -8.26
C GLU C 8 -24.12 18.50 -8.33
N ARG C 9 -23.36 19.09 -9.25
CA ARG C 9 -21.93 18.85 -9.37
C ARG C 9 -21.20 19.21 -8.08
N ARG C 10 -21.70 20.22 -7.38
CA ARG C 10 -21.05 20.80 -6.21
C ARG C 10 -21.46 20.19 -4.88
N LEU C 11 -22.49 19.36 -4.89
CA LEU C 11 -22.89 18.65 -3.67
C LEU C 11 -22.21 17.29 -3.60
N ARG C 12 -22.21 16.70 -2.41
CA ARG C 12 -21.57 15.42 -2.14
C ARG C 12 -21.91 14.39 -3.21
N TYR C 13 -20.88 13.73 -3.72
CA TYR C 13 -21.02 12.83 -4.86
C TYR C 13 -21.85 11.57 -4.56
N HIS C 14 -22.75 11.25 -5.48
CA HIS C 14 -23.47 9.98 -5.48
C HIS C 14 -23.55 9.41 -6.90
N PRO C 15 -23.08 8.16 -7.08
CA PRO C 15 -22.91 7.61 -8.43
C PRO C 15 -24.20 7.05 -9.01
N THR C 16 -24.42 7.29 -10.29
CA THR C 16 -25.49 6.62 -11.03
C THR C 16 -25.33 5.10 -10.84
N ILE C 17 -26.43 4.43 -10.52
CA ILE C 17 -26.40 3.01 -10.18
C ILE C 17 -27.20 2.17 -11.18
N GLU C 18 -27.96 2.83 -12.05
CA GLU C 18 -28.73 2.11 -13.04
C GLU C 18 -29.16 3.00 -14.21
N LEU C 19 -29.86 2.41 -15.16
CA LEU C 19 -30.25 3.13 -16.36
C LEU C 19 -31.77 3.24 -16.52
N PRO C 20 -32.23 4.33 -17.18
CA PRO C 20 -33.66 4.40 -17.43
C PRO C 20 -34.16 3.10 -18.10
N ASP C 21 -35.69 3.07 -18.06
CA ASP C 21 -36.24 1.87 -18.69
C ASP C 21 -36.10 2.00 -20.21
N ASP C 22 -36.27 3.40 -20.64
CA ASP C 22 -36.10 3.64 -22.06
C ASP C 22 -34.60 3.87 -22.35
N THR C 23 -33.89 2.70 -22.42
CA THR C 23 -32.48 2.74 -22.80
C THR C 23 -32.20 1.59 -23.77
N ARG C 24 -32.37 1.90 -25.10
CA ARG C 24 -32.18 0.88 -26.12
C ARG C 24 -31.02 1.23 -27.04
N GLY C 25 -30.32 0.19 -27.49
CA GLY C 25 -29.24 0.34 -28.47
C GLY C 25 -27.97 0.96 -27.91
N HIS C 26 -27.89 1.03 -26.59
CA HIS C 26 -26.70 1.57 -25.93
C HIS C 26 -25.54 0.59 -26.05
N ILE C 27 -24.31 1.12 -26.02
CA ILE C 27 -23.13 0.27 -26.06
C ILE C 27 -22.45 0.39 -24.71
N LEU C 28 -22.44 -0.70 -23.96
CA LEU C 28 -21.82 -0.66 -22.65
C LEU C 28 -20.47 -1.37 -22.59
N ILE C 29 -19.61 -0.86 -21.72
CA ILE C 29 -18.20 -1.17 -21.73
C ILE C 29 -17.76 -1.59 -20.34
N PHE C 30 -16.96 -2.64 -20.28
CA PHE C 30 -16.51 -3.16 -19.01
C PHE C 30 -14.98 -3.18 -18.96
N GLY C 31 -14.42 -2.38 -18.05
CA GLY C 31 -12.98 -2.12 -18.03
C GLY C 31 -12.60 -1.01 -19.00
N ILE C 32 -12.74 0.24 -18.56
CA ILE C 32 -12.28 1.39 -19.33
C ILE C 32 -10.76 1.45 -19.33
N ASP C 33 -10.19 1.82 -20.47
CA ASP C 33 -8.74 1.93 -20.63
C ASP C 33 -8.40 2.85 -21.81
N PRO C 34 -7.09 3.04 -22.12
CA PRO C 34 -6.74 3.88 -23.26
C PRO C 34 -7.49 3.47 -24.53
N ILE C 35 -7.56 2.16 -24.79
CA ILE C 35 -8.15 1.65 -26.02
C ILE C 35 -9.63 2.00 -26.10
N THR C 36 -10.37 1.64 -25.06
CA THR C 36 -11.81 1.87 -25.01
C THR C 36 -12.17 3.35 -24.98
N ARG C 37 -11.41 4.15 -24.24
CA ARG C 37 -11.61 5.60 -24.21
C ARG C 37 -11.41 6.18 -25.61
N THR C 38 -10.47 5.61 -26.35
CA THR C 38 -10.22 6.02 -27.74
C THR C 38 -11.38 5.63 -28.63
N LEU C 39 -11.89 4.41 -28.45
CA LEU C 39 -13.04 3.94 -29.20
C LEU C 39 -14.19 4.93 -29.11
N ILE C 40 -14.56 5.29 -27.87
CA ILE C 40 -15.65 6.24 -27.63
C ILE C 40 -15.46 7.56 -28.40
N ARG C 41 -14.27 8.14 -28.30
CA ARG C 41 -13.87 9.33 -29.05
C ARG C 41 -14.10 9.16 -30.56
N LYS C 42 -13.72 7.99 -31.08
CA LYS C 42 -13.74 7.70 -32.53
C LYS C 42 -15.15 7.56 -33.11
N LEU C 43 -16.01 6.80 -32.43
CA LEU C 43 -17.38 6.54 -32.90
C LEU C 43 -18.39 7.54 -32.33
N GLU C 44 -17.88 8.68 -31.84
CA GLU C 44 -18.69 9.78 -31.35
C GLU C 44 -19.62 10.38 -32.42
N SER C 45 -19.20 10.27 -33.69
CA SER C 45 -20.00 10.75 -34.82
C SER C 45 -21.23 9.88 -35.05
N ARG C 46 -21.06 8.57 -34.94
CA ARG C 46 -22.16 7.62 -34.97
C ARG C 46 -22.94 7.78 -33.67
N ASN C 47 -24.15 8.34 -33.76
CA ASN C 47 -24.90 8.76 -32.58
C ASN C 47 -25.38 7.64 -31.64
N HIS C 48 -24.45 7.07 -30.87
CA HIS C 48 -24.81 6.07 -29.86
C HIS C 48 -24.28 6.51 -28.53
N LEU C 49 -25.11 6.35 -27.50
CA LEU C 49 -24.68 6.60 -26.14
C LEU C 49 -23.78 5.45 -25.68
N PHE C 50 -22.64 5.81 -25.10
CA PHE C 50 -21.71 4.85 -24.50
C PHE C 50 -21.86 4.83 -22.99
N VAL C 51 -21.77 3.64 -22.43
CA VAL C 51 -21.93 3.48 -20.98
C VAL C 51 -20.78 2.65 -20.42
N VAL C 52 -19.96 3.27 -19.58
CA VAL C 52 -18.89 2.51 -18.96
C VAL C 52 -19.35 2.04 -17.60
N VAL C 53 -18.83 0.89 -17.17
CA VAL C 53 -19.22 0.30 -15.90
C VAL C 53 -17.97 0.00 -15.09
N THR C 54 -17.97 0.45 -13.84
CA THR C 54 -16.85 0.18 -12.96
C THR C 54 -17.37 -0.16 -11.57
N ASP C 55 -16.60 -0.98 -10.85
CA ASP C 55 -16.90 -1.32 -9.46
C ASP C 55 -15.98 -0.54 -8.55
N ASN C 56 -15.19 0.34 -9.16
CA ASN C 56 -14.31 1.23 -8.41
C ASN C 56 -15.05 2.55 -8.21
N TYR C 57 -15.27 2.88 -6.94
CA TYR C 57 -16.06 4.05 -6.58
C TYR C 57 -15.37 5.35 -7.01
N ASP C 58 -14.09 5.48 -6.70
CA ASP C 58 -13.33 6.66 -7.09
C ASP C 58 -13.17 6.82 -8.59
N GLN C 59 -12.95 5.72 -9.29
CA GLN C 59 -12.87 5.79 -10.74
C GLN C 59 -14.17 6.35 -11.27
N ALA C 60 -15.28 5.84 -10.75
CA ALA C 60 -16.61 6.31 -11.14
C ALA C 60 -16.73 7.82 -10.97
N LEU C 61 -16.28 8.31 -9.82
CA LEU C 61 -16.26 9.72 -9.51
C LEU C 61 -15.52 10.48 -10.61
N HIS C 62 -14.26 10.14 -10.81
CA HIS C 62 -13.41 10.89 -11.74
C HIS C 62 -13.86 10.80 -13.18
N LEU C 63 -14.54 9.71 -13.52
CA LEU C 63 -15.07 9.54 -14.86
C LEU C 63 -16.41 10.24 -15.05
N GLU C 64 -17.10 10.53 -13.95
CA GLU C 64 -18.42 11.19 -14.03
C GLU C 64 -18.32 12.47 -14.83
N GLU C 65 -17.31 13.28 -14.51
CA GLU C 65 -17.13 14.57 -15.12
C GLU C 65 -16.73 14.50 -16.61
N GLN C 66 -16.33 13.32 -17.07
CA GLN C 66 -15.84 13.14 -18.44
C GLN C 66 -16.97 13.11 -19.48
N GLU C 67 -16.70 13.72 -20.64
CA GLU C 67 -17.69 13.87 -21.70
C GLU C 67 -17.64 12.69 -22.70
N GLY C 68 -18.77 12.43 -23.35
CA GLY C 68 -18.86 11.42 -24.41
C GLY C 68 -19.61 10.16 -24.01
N PHE C 69 -19.64 9.90 -22.71
CA PHE C 69 -20.15 8.64 -22.14
C PHE C 69 -20.54 8.86 -20.68
N LYS C 70 -21.46 8.04 -20.18
CA LYS C 70 -21.83 8.15 -18.79
C LYS C 70 -21.46 6.90 -17.98
N VAL C 71 -21.36 7.07 -16.67
CA VAL C 71 -20.83 6.06 -15.78
C VAL C 71 -21.93 5.45 -14.94
N VAL C 72 -21.87 4.13 -14.77
CA VAL C 72 -22.74 3.42 -13.84
C VAL C 72 -21.81 2.68 -12.90
N TYR C 73 -21.98 2.87 -11.60
CA TYR C 73 -21.12 2.21 -10.60
C TYR C 73 -21.76 0.92 -10.12
N GLY C 74 -21.18 -0.22 -10.50
CA GLY C 74 -21.69 -1.51 -10.06
C GLY C 74 -20.81 -2.69 -10.42
N SER C 75 -20.83 -3.72 -9.57
CA SER C 75 -20.18 -5.01 -9.83
C SER C 75 -20.69 -5.62 -11.15
N PRO C 76 -19.82 -5.66 -12.18
CA PRO C 76 -20.25 -5.97 -13.55
C PRO C 76 -20.60 -7.44 -13.80
N THR C 77 -20.18 -8.32 -12.88
CA THR C 77 -20.51 -9.74 -12.96
C THR C 77 -21.82 -10.11 -12.23
N ASP C 78 -22.61 -9.09 -11.89
CA ASP C 78 -23.85 -9.30 -11.16
C ASP C 78 -25.09 -9.09 -12.01
N ALA C 79 -25.93 -10.12 -12.04
CA ALA C 79 -27.13 -10.14 -12.85
C ALA C 79 -28.06 -8.98 -12.55
N HIS C 80 -28.17 -8.62 -11.27
CA HIS C 80 -29.02 -7.49 -10.85
C HIS C 80 -28.50 -6.17 -11.41
N VAL C 81 -27.18 -6.02 -11.40
CA VAL C 81 -26.55 -4.82 -11.95
C VAL C 81 -26.79 -4.77 -13.45
N LEU C 82 -26.40 -5.84 -14.14
CA LEU C 82 -26.63 -6.00 -15.57
C LEU C 82 -28.05 -5.64 -15.97
N ALA C 83 -29.02 -6.18 -15.24
CA ALA C 83 -30.42 -5.87 -15.47
C ALA C 83 -30.66 -4.36 -15.37
N GLY C 84 -30.05 -3.75 -14.35
CA GLY C 84 -30.10 -2.30 -14.16
C GLY C 84 -29.66 -1.59 -15.46
N LEU C 85 -28.47 -2.11 -15.93
CA LEU C 85 -27.93 -1.63 -17.23
C LEU C 85 -28.81 -1.91 -18.49
N ARG C 86 -29.89 -2.66 -18.32
CA ARG C 86 -30.75 -3.10 -19.45
C ARG C 86 -29.95 -3.81 -20.58
N VAL C 87 -29.16 -4.82 -20.20
CA VAL C 87 -28.35 -5.57 -21.17
C VAL C 87 -29.16 -6.10 -22.37
N ALA C 88 -30.27 -6.76 -22.09
CA ALA C 88 -31.10 -7.33 -23.13
C ALA C 88 -31.41 -6.28 -24.19
N ALA C 89 -31.37 -5.00 -23.80
CA ALA C 89 -31.72 -3.89 -24.69
C ALA C 89 -30.53 -3.18 -25.30
N ALA C 90 -29.33 -3.59 -24.89
CA ALA C 90 -28.10 -2.99 -25.40
C ALA C 90 -27.84 -3.41 -26.83
N ARG C 91 -27.09 -2.60 -27.58
CA ARG C 91 -26.60 -2.99 -28.91
C ARG C 91 -25.54 -4.10 -28.75
N SER C 92 -24.50 -3.84 -27.98
CA SER C 92 -23.48 -4.84 -27.76
C SER C 92 -22.61 -4.53 -26.55
N ILE C 93 -21.75 -5.47 -26.22
CA ILE C 93 -20.96 -5.38 -25.03
C ILE C 93 -19.49 -5.52 -25.38
N ILE C 94 -18.66 -4.68 -24.76
CA ILE C 94 -17.22 -4.83 -24.87
C ILE C 94 -16.71 -5.37 -23.54
N ALA C 95 -16.15 -6.57 -23.57
CA ALA C 95 -15.65 -7.23 -22.37
C ALA C 95 -14.14 -7.11 -22.26
N ASN C 96 -13.71 -6.01 -21.66
CA ASN C 96 -12.30 -5.67 -21.56
C ASN C 96 -11.84 -5.73 -20.10
N LEU C 97 -12.27 -6.78 -19.41
CA LEU C 97 -11.87 -7.02 -18.03
C LEU C 97 -10.82 -8.10 -18.05
N SER C 98 -10.37 -8.55 -16.88
CA SER C 98 -9.45 -9.66 -16.80
C SER C 98 -10.08 -10.88 -17.48
N ASP C 99 -9.30 -11.92 -17.72
CA ASP C 99 -9.83 -13.12 -18.37
C ASP C 99 -10.89 -13.84 -17.53
N PRO C 100 -10.57 -14.22 -16.27
CA PRO C 100 -11.58 -14.83 -15.42
C PRO C 100 -12.80 -13.94 -15.31
N ASP C 101 -12.59 -12.66 -15.01
CA ASP C 101 -13.68 -11.67 -14.93
C ASP C 101 -14.48 -11.56 -16.20
N ASN C 102 -13.82 -11.76 -17.35
CA ASN C 102 -14.52 -11.77 -18.63
C ASN C 102 -15.44 -12.99 -18.77
N ALA C 103 -14.90 -14.16 -18.44
CA ALA C 103 -15.67 -15.40 -18.47
C ALA C 103 -16.93 -15.30 -17.61
N ASN C 104 -16.78 -14.77 -16.40
CA ASN C 104 -17.91 -14.53 -15.51
C ASN C 104 -18.93 -13.58 -16.13
N LEU C 105 -18.48 -12.37 -16.48
CA LEU C 105 -19.38 -11.40 -17.11
C LEU C 105 -20.10 -12.04 -18.29
N CYS C 106 -19.40 -12.92 -18.99
CA CYS C 106 -19.93 -13.60 -20.15
C CYS C 106 -21.07 -14.56 -19.83
N LEU C 107 -20.80 -15.51 -18.94
CA LEU C 107 -21.80 -16.51 -18.60
C LEU C 107 -23.04 -15.89 -17.96
N THR C 108 -22.83 -14.80 -17.22
CA THR C 108 -23.93 -14.06 -16.59
C THR C 108 -24.84 -13.43 -17.62
N VAL C 109 -24.30 -12.63 -18.54
CA VAL C 109 -25.14 -11.94 -19.52
C VAL C 109 -25.85 -12.91 -20.44
N ARG C 110 -25.30 -14.11 -20.58
CA ARG C 110 -25.95 -15.17 -21.36
C ARG C 110 -27.20 -15.74 -20.72
N SER C 111 -27.24 -15.79 -19.39
CA SER C 111 -28.39 -16.32 -18.66
C SER C 111 -29.56 -15.32 -18.64
N LEU C 112 -29.29 -14.08 -19.04
CA LEU C 112 -30.29 -13.03 -19.13
C LEU C 112 -30.67 -12.69 -20.55
N CYS C 113 -29.69 -12.64 -21.46
CA CYS C 113 -29.96 -12.21 -22.84
C CYS C 113 -28.99 -12.77 -23.86
N GLN C 114 -29.20 -12.34 -25.10
CA GLN C 114 -28.44 -12.80 -26.27
C GLN C 114 -27.59 -11.69 -26.91
N THR C 115 -27.48 -10.55 -26.23
CA THR C 115 -26.76 -9.41 -26.79
C THR C 115 -25.31 -9.81 -27.09
N PRO C 116 -24.84 -9.48 -28.32
CA PRO C 116 -23.46 -9.72 -28.77
C PRO C 116 -22.38 -9.16 -27.84
N ILE C 117 -21.31 -9.94 -27.70
CA ILE C 117 -20.22 -9.58 -26.81
C ILE C 117 -18.90 -9.71 -27.54
N ILE C 118 -18.18 -8.61 -27.64
CA ILE C 118 -16.81 -8.66 -28.12
C ILE C 118 -15.95 -8.72 -26.88
N ALA C 119 -15.03 -9.68 -26.84
CA ALA C 119 -14.18 -9.86 -25.67
C ALA C 119 -12.72 -9.64 -26.03
N VAL C 120 -12.04 -8.81 -25.24
CA VAL C 120 -10.62 -8.58 -25.41
C VAL C 120 -9.93 -9.61 -24.53
N VAL C 121 -9.07 -10.42 -25.13
CA VAL C 121 -8.48 -11.56 -24.44
C VAL C 121 -7.02 -11.27 -24.09
N LYS C 122 -6.69 -11.46 -22.81
CA LYS C 122 -5.34 -11.22 -22.30
C LYS C 122 -4.34 -12.31 -22.69
N GLU C 123 -4.83 -13.52 -22.86
CA GLU C 123 -4.00 -14.64 -23.29
C GLU C 123 -4.67 -15.41 -24.41
N PRO C 124 -4.04 -15.45 -25.59
CA PRO C 124 -4.63 -16.08 -26.77
C PRO C 124 -5.18 -17.50 -26.51
N VAL C 125 -4.46 -18.29 -25.70
CA VAL C 125 -4.92 -19.63 -25.31
C VAL C 125 -6.35 -19.63 -24.74
N HIS C 126 -6.67 -18.58 -23.98
CA HIS C 126 -7.98 -18.45 -23.34
C HIS C 126 -9.09 -18.10 -24.33
N GLY C 127 -8.73 -17.91 -25.59
CA GLY C 127 -9.69 -17.58 -26.65
C GLY C 127 -10.85 -18.57 -26.75
N GLU C 128 -10.51 -19.85 -26.79
CA GLU C 128 -11.48 -20.94 -26.79
C GLU C 128 -12.50 -20.79 -25.67
N LEU C 129 -12.00 -20.71 -24.44
CA LEU C 129 -12.83 -20.63 -23.23
C LEU C 129 -13.85 -19.49 -23.23
N LEU C 130 -13.46 -18.32 -23.74
CA LEU C 130 -14.36 -17.18 -23.73
C LEU C 130 -15.43 -17.27 -24.78
N ARG C 131 -15.16 -18.01 -25.86
CA ARG C 131 -16.20 -18.35 -26.81
C ARG C 131 -17.16 -19.30 -26.12
N LEU C 132 -16.61 -20.34 -25.48
CA LEU C 132 -17.41 -21.23 -24.65
C LEU C 132 -18.22 -20.46 -23.60
N ALA C 133 -17.62 -19.43 -23.03
CA ALA C 133 -18.28 -18.56 -22.06
C ALA C 133 -19.45 -17.79 -22.67
N GLY C 134 -19.46 -17.64 -23.99
CA GLY C 134 -20.57 -16.95 -24.65
C GLY C 134 -20.21 -15.80 -25.56
N ALA C 135 -18.92 -15.45 -25.63
CA ALA C 135 -18.47 -14.37 -26.51
C ALA C 135 -18.71 -14.67 -27.99
N ASN C 136 -19.35 -13.73 -28.68
CA ASN C 136 -19.58 -13.84 -30.12
C ASN C 136 -18.29 -13.56 -30.87
N GLN C 137 -17.48 -12.70 -30.29
CA GLN C 137 -16.22 -12.29 -30.88
C GLN C 137 -15.13 -12.22 -29.80
N VAL C 138 -13.90 -12.55 -30.19
CA VAL C 138 -12.78 -12.67 -29.26
C VAL C 138 -11.54 -12.06 -29.91
N VAL C 139 -10.90 -11.14 -29.21
CA VAL C 139 -9.78 -10.40 -29.78
C VAL C 139 -8.48 -10.53 -28.95
N PRO C 140 -7.44 -11.16 -29.53
CA PRO C 140 -6.18 -11.32 -28.81
C PRO C 140 -5.27 -10.12 -29.08
N LEU C 141 -5.76 -8.95 -28.70
CA LEU C 141 -5.08 -7.68 -28.91
C LEU C 141 -3.59 -7.67 -28.68
N THR C 142 -3.12 -8.24 -27.58
CA THR C 142 -1.68 -8.20 -27.32
C THR C 142 -0.91 -8.95 -28.41
N ARG C 143 -1.43 -10.08 -28.86
CA ARG C 143 -0.77 -10.84 -29.92
C ARG C 143 -0.75 -10.06 -31.22
N ILE C 144 -1.83 -9.32 -31.47
CA ILE C 144 -1.92 -8.44 -32.63
C ILE C 144 -0.92 -7.29 -32.51
N LEU C 145 -0.88 -6.67 -31.34
CA LEU C 145 0.05 -5.57 -31.08
C LEU C 145 1.49 -6.10 -31.10
N GLY C 146 1.71 -7.27 -30.53
CA GLY C 146 3.00 -7.95 -30.63
C GLY C 146 3.36 -8.27 -32.07
N ARG C 147 2.37 -8.57 -32.90
CA ARG C 147 2.61 -8.87 -34.31
C ARG C 147 3.03 -7.59 -35.04
N TYR C 148 2.13 -6.61 -35.08
CA TYR C 148 2.39 -5.36 -35.78
C TYR C 148 3.68 -4.64 -35.35
N LEU C 149 4.24 -5.02 -34.21
CA LEU C 149 5.57 -4.53 -33.85
C LEU C 149 6.63 -5.21 -34.71
N GLY C 150 6.82 -6.51 -34.50
CA GLY C 150 7.81 -7.31 -35.25
C GLY C 150 7.77 -7.10 -36.76
N ILE C 151 6.58 -6.98 -37.32
CA ILE C 151 6.38 -6.67 -38.73
C ILE C 151 7.24 -5.47 -39.16
N ARG C 152 7.28 -4.46 -38.30
CA ARG C 152 7.94 -3.21 -38.62
C ARG C 152 9.38 -3.20 -38.15
N ALA C 153 9.77 -4.23 -37.39
CA ALA C 153 11.11 -4.30 -36.81
C ALA C 153 12.18 -4.70 -37.82
N THR C 154 11.89 -5.67 -38.68
CA THR C 154 12.83 -6.13 -39.70
C THR C 154 13.32 -4.98 -40.56
N THR C 155 14.59 -5.04 -40.93
CA THR C 155 15.23 -4.02 -41.75
C THR C 155 14.51 -3.83 -43.09
N CYS C 156 14.05 -4.93 -43.68
CA CYS C 156 13.45 -4.88 -45.01
C CYS C 156 11.93 -4.90 -45.01
N GLY C 157 11.36 -5.87 -44.29
CA GLY C 157 9.90 -6.01 -44.26
C GLY C 157 9.43 -7.01 -45.30
N ALA C 158 8.91 -8.13 -44.82
CA ALA C 158 8.57 -9.26 -45.67
C ALA C 158 7.08 -9.60 -45.61
N LEU C 159 6.74 -10.75 -46.20
CA LEU C 159 5.39 -11.30 -46.13
C LEU C 159 5.02 -11.54 -44.69
N ALA C 160 3.85 -11.05 -44.30
CA ALA C 160 3.28 -11.35 -42.99
C ALA C 160 1.87 -11.86 -43.20
N HIS C 161 1.68 -13.15 -42.95
CA HIS C 161 0.43 -13.83 -43.27
C HIS C 161 -0.69 -13.46 -42.31
N ILE C 162 -1.88 -13.19 -42.86
CA ILE C 162 -3.06 -12.93 -42.03
C ILE C 162 -3.95 -14.18 -41.92
N LEU C 163 -4.37 -14.73 -43.06
CA LEU C 163 -5.10 -16.01 -43.08
C LEU C 163 -4.90 -16.79 -44.37
N ASP C 164 -4.72 -18.09 -44.20
CA ASP C 164 -4.80 -19.06 -45.29
C ASP C 164 -6.27 -19.43 -45.46
N SER C 165 -6.82 -19.13 -46.64
CA SER C 165 -8.21 -19.45 -46.94
C SER C 165 -8.36 -20.95 -47.23
N PHE C 166 -7.46 -21.73 -46.63
CA PHE C 166 -7.40 -23.19 -46.75
C PHE C 166 -7.20 -23.66 -48.19
N GLY C 167 -5.93 -23.77 -48.59
CA GLY C 167 -5.56 -24.17 -49.95
C GLY C 167 -5.84 -23.08 -50.97
N ASN C 168 -6.89 -22.31 -50.73
CA ASN C 168 -7.31 -21.20 -51.59
C ASN C 168 -6.31 -20.04 -51.52
N LEU C 169 -6.61 -18.93 -52.19
CA LEU C 169 -5.76 -17.75 -52.12
C LEU C 169 -5.59 -17.30 -50.67
N GLN C 170 -4.49 -16.62 -50.40
CA GLN C 170 -4.15 -16.28 -49.05
C GLN C 170 -3.94 -14.78 -48.89
N ILE C 171 -4.18 -14.29 -47.68
CA ILE C 171 -4.11 -12.86 -47.37
C ILE C 171 -2.86 -12.55 -46.54
N ALA C 172 -2.05 -11.63 -47.05
CA ALA C 172 -0.79 -11.24 -46.38
C ALA C 172 -0.56 -9.73 -46.40
N GLU C 173 0.14 -9.25 -45.36
CA GLU C 173 0.49 -7.84 -45.25
C GLU C 173 1.98 -7.64 -45.54
N LEU C 174 2.30 -6.49 -46.14
CA LEU C 174 3.68 -6.18 -46.48
C LEU C 174 4.09 -4.75 -46.12
N PRO C 175 4.97 -4.61 -45.11
CA PRO C 175 5.51 -3.31 -44.75
C PRO C 175 6.57 -2.86 -45.76
N VAL C 176 6.29 -1.75 -46.42
CA VAL C 176 7.13 -1.23 -47.50
C VAL C 176 8.17 -0.23 -46.96
N HIS C 177 9.09 -0.72 -46.13
CA HIS C 177 10.13 0.16 -45.58
C HIS C 177 11.53 -0.12 -46.12
N GLY C 178 12.01 -1.36 -45.97
CA GLY C 178 13.33 -1.71 -46.51
C GLY C 178 13.23 -2.42 -47.85
N THR C 179 12.34 -1.93 -48.70
CA THR C 179 12.03 -2.58 -49.96
C THR C 179 12.34 -1.68 -51.15
N PRO C 180 12.74 -2.28 -52.29
CA PRO C 180 12.85 -1.54 -53.56
C PRO C 180 11.48 -1.09 -54.10
N PHE C 181 10.46 -1.11 -53.24
CA PHE C 181 9.12 -0.65 -53.61
C PHE C 181 8.77 0.65 -52.89
N ALA C 182 9.55 0.98 -51.87
CA ALA C 182 9.41 2.24 -51.16
C ALA C 182 9.66 3.40 -52.11
N GLY C 183 8.81 4.42 -52.03
CA GLY C 183 8.93 5.61 -52.87
C GLY C 183 8.16 5.50 -54.18
N LYS C 184 8.11 4.29 -54.74
CA LYS C 184 7.45 4.03 -56.02
C LYS C 184 5.92 4.01 -55.90
N THR C 185 5.24 4.68 -56.82
CA THR C 185 3.77 4.67 -56.90
C THR C 185 3.26 3.31 -57.39
N ILE C 186 2.01 3.00 -57.06
CA ILE C 186 1.38 1.76 -57.50
C ILE C 186 1.33 1.68 -59.03
N GLY C 187 2.21 0.85 -59.60
CA GLY C 187 2.32 0.72 -61.05
C GLY C 187 3.75 0.69 -61.53
N GLU C 188 4.57 1.61 -61.01
CA GLU C 188 6.01 1.55 -61.22
C GLU C 188 6.59 0.59 -60.18
N SER C 189 5.73 0.18 -59.25
CA SER C 189 5.96 -0.98 -58.42
C SER C 189 5.54 -2.22 -59.22
N GLY C 190 4.38 -2.13 -59.86
CA GLY C 190 3.90 -3.14 -60.82
C GLY C 190 3.31 -4.42 -60.25
N ILE C 191 2.93 -4.38 -58.98
CA ILE C 191 2.42 -5.55 -58.24
C ILE C 191 1.34 -6.33 -58.98
N ARG C 192 0.36 -5.61 -59.53
CA ARG C 192 -0.67 -6.22 -60.35
C ARG C 192 -0.05 -6.86 -61.61
N GLN C 193 0.82 -6.10 -62.28
CA GLN C 193 1.31 -6.47 -63.62
C GLN C 193 2.38 -7.56 -63.65
N ARG C 194 3.35 -7.50 -62.74
CA ARG C 194 4.54 -8.37 -62.83
C ARG C 194 4.64 -9.44 -61.73
N THR C 195 3.59 -9.60 -60.95
CA THR C 195 3.57 -10.62 -59.90
C THR C 195 2.35 -11.53 -60.01
N GLY C 196 1.21 -10.92 -60.33
CA GLY C 196 -0.06 -11.63 -60.36
C GLY C 196 -0.70 -11.65 -58.98
N LEU C 197 -0.80 -10.47 -58.37
CA LEU C 197 -1.47 -10.32 -57.08
C LEU C 197 -2.43 -9.13 -57.09
N SER C 198 -3.19 -8.98 -56.01
CA SER C 198 -4.16 -7.90 -55.88
C SER C 198 -3.95 -7.08 -54.61
N ILE C 199 -3.98 -5.76 -54.76
CA ILE C 199 -3.77 -4.82 -53.67
C ILE C 199 -5.11 -4.36 -53.08
N ILE C 200 -5.52 -5.01 -51.99
CA ILE C 200 -6.80 -4.74 -51.34
C ILE C 200 -6.84 -3.31 -50.78
N GLY C 201 -5.83 -2.94 -50.00
CA GLY C 201 -5.75 -1.60 -49.44
C GLY C 201 -4.35 -1.20 -49.00
N VAL C 202 -4.23 0.06 -48.59
CA VAL C 202 -2.99 0.60 -48.03
C VAL C 202 -3.29 1.31 -46.72
N TRP C 203 -2.63 0.86 -45.64
CA TRP C 203 -2.72 1.56 -44.36
C TRP C 203 -1.79 2.77 -44.36
N GLU C 204 -2.15 3.81 -43.62
CA GLU C 204 -1.30 4.99 -43.50
C GLU C 204 -0.99 5.36 -42.05
N ARG C 205 -1.96 5.94 -41.36
CA ARG C 205 -1.82 6.23 -39.93
C ARG C 205 -2.86 5.46 -39.11
N GLY C 206 -3.30 4.33 -39.64
CA GLY C 206 -4.32 3.49 -38.99
C GLY C 206 -5.62 3.43 -39.76
N SER C 207 -5.59 3.90 -41.01
CA SER C 207 -6.77 3.90 -41.86
C SER C 207 -6.44 3.36 -43.24
N LEU C 208 -7.25 2.40 -43.68
CA LEU C 208 -7.05 1.73 -44.96
C LEU C 208 -7.68 2.54 -46.09
N THR C 209 -6.89 2.86 -47.12
CA THR C 209 -7.29 3.79 -48.17
C THR C 209 -7.63 3.08 -49.49
N THR C 210 -8.15 3.85 -50.43
CA THR C 210 -8.33 3.41 -51.81
C THR C 210 -6.95 3.42 -52.48
N PRO C 211 -6.43 2.22 -52.81
CA PRO C 211 -5.14 2.17 -53.50
C PRO C 211 -5.26 2.66 -54.95
N GLN C 212 -4.54 3.74 -55.25
CA GLN C 212 -4.61 4.35 -56.58
C GLN C 212 -3.25 4.29 -57.30
N ARG C 213 -3.32 4.27 -58.63
CA ARG C 213 -2.11 4.20 -59.46
C ARG C 213 -1.12 5.31 -59.13
N GLU C 214 -1.67 6.48 -58.80
CA GLU C 214 -0.86 7.65 -58.46
C GLU C 214 -0.43 7.72 -56.99
N THR C 215 -1.11 7.01 -56.10
CA THR C 215 -0.74 7.04 -54.67
C THR C 215 0.70 6.58 -54.47
N VAL C 216 1.49 7.43 -53.84
CA VAL C 216 2.90 7.19 -53.61
C VAL C 216 3.08 6.36 -52.34
N LEU C 217 3.81 5.26 -52.47
CA LEU C 217 4.18 4.44 -51.32
C LEU C 217 5.33 5.10 -50.59
N THR C 218 5.22 5.18 -49.27
CA THR C 218 6.29 5.69 -48.43
C THR C 218 6.91 4.52 -47.68
N GLU C 219 7.62 4.83 -46.60
CA GLU C 219 8.16 3.82 -45.71
C GLU C 219 7.02 3.23 -44.88
N GLN C 220 6.18 4.10 -44.35
CA GLN C 220 5.09 3.75 -43.43
C GLN C 220 4.01 2.86 -44.04
N SER C 221 3.86 2.95 -45.37
CA SER C 221 2.78 2.27 -46.08
C SER C 221 2.77 0.77 -45.86
N LEU C 222 1.61 0.24 -45.48
CA LEU C 222 1.42 -1.19 -45.29
C LEU C 222 0.36 -1.72 -46.25
N LEU C 223 0.77 -2.64 -47.12
CA LEU C 223 -0.09 -3.20 -48.16
C LEU C 223 -0.94 -4.35 -47.66
N VAL C 224 -2.06 -4.59 -48.35
CA VAL C 224 -2.89 -5.78 -48.11
C VAL C 224 -3.01 -6.58 -49.42
N LEU C 225 -2.68 -7.87 -49.37
CA LEU C 225 -2.50 -8.69 -50.58
C LEU C 225 -3.34 -9.95 -50.62
N ALA C 226 -3.65 -10.40 -51.85
CA ALA C 226 -4.38 -11.64 -52.10
C ALA C 226 -3.79 -12.42 -53.28
N GLY C 227 -3.63 -13.75 -53.10
CA GLY C 227 -3.10 -14.60 -54.15
C GLY C 227 -2.70 -16.00 -53.74
N THR C 228 -2.15 -16.76 -54.69
CA THR C 228 -1.80 -18.17 -54.49
C THR C 228 -0.50 -18.31 -53.70
N LYS C 229 -0.20 -19.55 -53.30
CA LYS C 229 1.03 -19.90 -52.59
C LYS C 229 2.29 -19.56 -53.40
N SER C 230 2.25 -19.86 -54.70
CA SER C 230 3.36 -19.55 -55.61
C SER C 230 3.36 -18.08 -56.05
N GLN C 231 2.19 -17.45 -55.99
CA GLN C 231 2.04 -16.04 -56.34
C GLN C 231 2.62 -15.13 -55.26
N LEU C 232 2.42 -15.51 -54.00
CA LEU C 232 2.97 -14.77 -52.87
C LEU C 232 4.49 -14.94 -52.80
N ALA C 233 4.93 -16.17 -53.06
CA ALA C 233 6.36 -16.52 -53.07
C ALA C 233 7.08 -15.89 -54.26
N ALA C 234 6.32 -15.48 -55.28
CA ALA C 234 6.86 -14.78 -56.44
C ALA C 234 7.35 -13.39 -56.07
N LEU C 235 6.70 -12.77 -55.08
CA LEU C 235 7.06 -11.43 -54.64
C LEU C 235 8.15 -11.46 -53.56
N GLU C 236 8.26 -12.59 -52.87
CA GLU C 236 9.27 -12.76 -51.80
C GLU C 236 10.70 -12.55 -52.33
N TYR C 237 10.94 -12.98 -53.57
CA TYR C 237 12.23 -12.75 -54.22
C TYR C 237 12.30 -11.36 -54.87
N LEU C 238 11.14 -10.82 -55.25
CA LEU C 238 11.06 -9.47 -55.84
C LEU C 238 11.48 -8.37 -54.86
N ILE C 239 11.35 -8.64 -53.56
CA ILE C 239 11.80 -7.73 -52.52
C ILE C 239 13.33 -7.64 -52.52
N GLY C 240 13.97 -8.79 -52.72
CA GLY C 240 15.43 -8.86 -52.63
C GLY C 240 15.86 -9.46 -51.31
N GLU C 241 17.16 -9.63 -51.15
CA GLU C 241 17.74 -10.31 -50.00
C GLU C 241 17.76 -9.41 -48.75
N ALA C 242 17.12 -9.88 -47.68
CA ALA C 242 17.15 -9.19 -46.40
C ALA C 242 18.51 -9.45 -45.74
N PRO C 243 19.31 -8.37 -45.54
CA PRO C 243 20.73 -8.46 -45.19
C PRO C 243 21.03 -9.36 -43.98
N GLU C 244 22.17 -10.04 -44.05
CA GLU C 244 22.66 -10.87 -42.96
C GLU C 244 22.96 -10.00 -41.73
N ASP C 245 23.35 -10.66 -40.63
CA ASP C 245 23.68 -9.98 -39.37
C ASP C 245 22.47 -9.24 -38.80
N GLU C 246 21.32 -9.91 -38.83
CA GLU C 246 20.06 -9.32 -38.40
C GLU C 246 19.65 -9.81 -37.02
N LEU C 247 19.73 -8.90 -36.05
CA LEU C 247 19.40 -9.19 -34.65
C LEU C 247 18.46 -8.10 -34.15
N ILE C 248 17.45 -8.49 -33.38
CA ILE C 248 16.49 -7.52 -32.87
C ILE C 248 16.35 -7.51 -31.35
N PHE C 249 16.55 -6.31 -30.79
CA PHE C 249 16.39 -6.10 -29.37
C PHE C 249 15.00 -5.63 -29.03
N ILE C 250 14.39 -6.32 -28.09
CA ILE C 250 13.08 -5.94 -27.61
C ILE C 250 13.24 -5.52 -26.16
N ILE C 251 12.86 -4.29 -25.89
CA ILE C 251 12.87 -3.82 -24.51
C ILE C 251 11.46 -3.97 -23.92
N GLY C 252 11.36 -4.78 -22.86
CA GLY C 252 10.09 -5.01 -22.20
C GLY C 252 9.47 -6.33 -22.59
N HIS C 253 9.66 -7.33 -21.73
CA HIS C 253 9.12 -8.67 -21.96
C HIS C 253 7.80 -8.88 -21.21
N GLY C 254 6.85 -7.98 -21.42
CA GLY C 254 5.49 -8.19 -20.95
C GLY C 254 4.75 -8.97 -22.01
N ARG C 255 3.43 -8.98 -21.93
CA ARG C 255 2.62 -9.74 -22.88
C ARG C 255 2.85 -9.33 -24.33
N ILE C 256 2.81 -8.02 -24.61
CA ILE C 256 3.06 -7.51 -25.95
C ILE C 256 4.48 -7.83 -26.40
N GLY C 257 5.44 -7.61 -25.51
CA GLY C 257 6.84 -7.93 -25.77
C GLY C 257 7.02 -9.39 -26.12
N CYS C 258 6.52 -10.26 -25.25
CA CYS C 258 6.52 -11.69 -25.49
C CYS C 258 5.88 -12.05 -26.85
N ALA C 259 4.68 -11.52 -27.11
CA ALA C 259 4.02 -11.77 -28.39
C ALA C 259 4.94 -11.42 -29.57
N ALA C 260 5.65 -10.29 -29.44
CA ALA C 260 6.55 -9.83 -30.49
C ALA C 260 7.66 -10.85 -30.73
N ALA C 261 8.35 -11.23 -29.66
CA ALA C 261 9.41 -12.23 -29.73
C ALA C 261 8.98 -13.51 -30.44
N ALA C 262 7.82 -14.05 -30.05
CA ALA C 262 7.32 -15.33 -30.57
C ALA C 262 7.01 -15.24 -32.05
N PHE C 263 6.56 -14.06 -32.49
CA PHE C 263 6.35 -13.79 -33.90
C PHE C 263 7.66 -13.88 -34.68
N LEU C 264 8.69 -13.19 -34.16
CA LEU C 264 10.01 -13.17 -34.80
C LEU C 264 10.67 -14.54 -34.83
N ASP C 265 10.23 -15.44 -33.97
CA ASP C 265 10.80 -16.78 -33.93
C ASP C 265 10.10 -17.74 -34.90
N ARG C 266 8.94 -17.34 -35.42
CA ARG C 266 8.23 -18.15 -36.41
C ARG C 266 8.91 -18.11 -37.78
N LYS C 267 9.03 -16.92 -38.35
CA LYS C 267 9.92 -16.69 -39.49
C LYS C 267 11.32 -16.49 -38.91
N PRO C 268 12.15 -17.56 -38.93
CA PRO C 268 13.32 -17.62 -38.04
C PRO C 268 14.15 -16.34 -38.03
N VAL C 269 14.06 -15.57 -36.94
CA VAL C 269 14.81 -14.33 -36.77
C VAL C 269 15.27 -14.18 -35.31
N PRO C 270 16.59 -14.01 -35.10
CA PRO C 270 17.10 -13.88 -33.73
C PRO C 270 16.76 -12.53 -33.05
N PHE C 271 16.61 -12.57 -31.73
CA PHE C 271 16.23 -11.39 -30.94
C PHE C 271 16.80 -11.52 -29.54
N ILE C 272 16.90 -10.40 -28.83
CA ILE C 272 17.25 -10.45 -27.42
C ILE C 272 16.19 -9.72 -26.60
N LEU C 273 15.83 -10.31 -25.45
CA LEU C 273 14.82 -9.73 -24.56
C LEU C 273 15.41 -9.14 -23.29
N ILE C 274 15.05 -7.89 -23.01
CA ILE C 274 15.45 -7.20 -21.79
C ILE C 274 14.23 -6.83 -20.95
N ASP C 275 14.30 -7.11 -19.65
CA ASP C 275 13.28 -6.62 -18.73
C ASP C 275 13.77 -6.51 -17.29
N ARG C 276 13.11 -5.64 -16.53
CA ARG C 276 13.38 -5.47 -15.10
C ARG C 276 13.01 -6.74 -14.34
N GLN C 277 11.75 -7.13 -14.41
CA GLN C 277 11.24 -8.26 -13.63
C GLN C 277 11.05 -9.53 -14.46
N GLU C 278 11.19 -10.68 -13.80
CA GLU C 278 10.90 -11.97 -14.40
C GLU C 278 9.42 -12.07 -14.73
N SER C 279 9.11 -12.55 -15.94
CA SER C 279 7.73 -12.76 -16.36
C SER C 279 7.06 -13.83 -15.47
N PRO C 280 5.88 -13.50 -14.92
CA PRO C 280 5.09 -14.49 -14.17
C PRO C 280 4.23 -15.35 -15.08
N VAL C 281 4.37 -15.16 -16.39
CA VAL C 281 3.58 -15.86 -17.41
C VAL C 281 4.45 -16.71 -18.34
N CYS C 282 5.46 -16.10 -18.93
CA CYS C 282 6.29 -16.76 -19.95
C CYS C 282 7.44 -17.58 -19.37
N ASN C 283 7.72 -18.70 -20.01
CA ASN C 283 8.82 -19.59 -19.60
C ASN C 283 9.64 -20.13 -20.78
N ASP C 284 9.36 -19.63 -21.98
CA ASP C 284 10.08 -20.08 -23.16
C ASP C 284 11.31 -19.23 -23.40
N HIS C 285 11.16 -17.92 -23.24
CA HIS C 285 12.18 -16.96 -23.62
C HIS C 285 13.16 -16.67 -22.49
N VAL C 286 14.45 -16.61 -22.85
CA VAL C 286 15.50 -16.22 -21.91
C VAL C 286 15.62 -14.70 -21.94
N VAL C 287 15.57 -14.09 -20.76
CA VAL C 287 15.51 -12.65 -20.63
C VAL C 287 16.78 -12.14 -19.98
N VAL C 288 17.32 -11.06 -20.53
CA VAL C 288 18.43 -10.36 -19.88
C VAL C 288 17.82 -9.33 -18.94
N TYR C 289 18.22 -9.40 -17.68
CA TYR C 289 17.60 -8.61 -16.62
C TYR C 289 18.31 -7.31 -16.28
N GLY C 290 17.53 -6.24 -16.15
CA GLY C 290 18.06 -4.95 -15.71
C GLY C 290 17.24 -3.79 -16.22
N ASP C 291 17.40 -2.64 -15.57
CA ASP C 291 16.78 -1.41 -16.05
C ASP C 291 17.46 -1.01 -17.36
N ALA C 292 16.66 -0.51 -18.30
CA ALA C 292 17.19 -0.14 -19.60
C ALA C 292 17.45 1.35 -19.73
N THR C 293 16.77 2.13 -18.88
CA THR C 293 17.02 3.58 -18.76
C THR C 293 18.50 3.86 -18.44
N VAL C 294 19.09 3.03 -17.58
CA VAL C 294 20.55 2.99 -17.42
C VAL C 294 21.14 2.33 -18.69
N GLY C 295 21.99 3.08 -19.39
CA GLY C 295 22.55 2.63 -20.66
C GLY C 295 23.63 1.56 -20.57
N GLN C 296 24.23 1.42 -19.38
CA GLN C 296 25.32 0.47 -19.17
C GLN C 296 24.82 -0.96 -19.26
N THR C 297 23.52 -1.14 -19.09
CA THR C 297 22.89 -2.45 -19.11
C THR C 297 22.63 -2.91 -20.55
N LEU C 298 22.11 -2.00 -21.37
CA LEU C 298 21.86 -2.26 -22.79
C LEU C 298 23.14 -2.59 -23.53
N ARG C 299 24.18 -1.83 -23.21
CA ARG C 299 25.50 -2.01 -23.78
C ARG C 299 26.05 -3.40 -23.48
N GLN C 300 25.95 -3.81 -22.22
CA GLN C 300 26.43 -5.14 -21.79
C GLN C 300 25.64 -6.28 -22.41
N ALA C 301 24.44 -5.97 -22.88
CA ALA C 301 23.56 -6.95 -23.49
C ALA C 301 23.88 -7.21 -24.96
N GLY C 302 24.80 -6.42 -25.52
CA GLY C 302 25.19 -6.56 -26.93
C GLY C 302 24.27 -5.81 -27.88
N ILE C 303 23.74 -4.67 -27.43
CA ILE C 303 22.85 -3.84 -28.23
C ILE C 303 23.62 -3.18 -29.39
N ASP C 304 24.94 -3.26 -29.31
CA ASP C 304 25.82 -2.67 -30.32
C ASP C 304 26.01 -3.61 -31.50
N ARG C 305 25.47 -4.82 -31.38
CA ARG C 305 25.46 -5.78 -32.47
C ARG C 305 24.02 -6.10 -32.85
N ALA C 306 23.21 -5.05 -32.98
CA ALA C 306 21.79 -5.18 -33.29
C ALA C 306 21.42 -4.37 -34.52
N SER C 307 20.42 -4.85 -35.26
CA SER C 307 19.94 -4.15 -36.46
C SER C 307 18.65 -3.40 -36.19
N GLY C 308 17.91 -3.84 -35.18
CA GLY C 308 16.62 -3.23 -34.83
C GLY C 308 16.30 -3.25 -33.35
N ILE C 309 15.57 -2.23 -32.92
CA ILE C 309 15.07 -2.17 -31.56
C ILE C 309 13.55 -2.08 -31.53
N ILE C 310 12.95 -2.77 -30.57
CA ILE C 310 11.54 -2.62 -30.27
C ILE C 310 11.40 -2.16 -28.83
N VAL C 311 10.78 -1.00 -28.66
CA VAL C 311 10.59 -0.44 -27.34
C VAL C 311 9.16 -0.72 -26.88
N THR C 312 9.01 -1.56 -25.87
CA THR C 312 7.68 -2.02 -25.45
C THR C 312 7.50 -2.00 -23.94
N THR C 313 7.10 -0.86 -23.40
CA THR C 313 6.98 -0.66 -21.96
C THR C 313 5.59 -0.19 -21.57
N ASN C 314 5.15 -0.57 -20.37
CA ASN C 314 3.91 -0.04 -19.81
C ASN C 314 3.84 1.48 -19.83
N ASP C 315 4.95 2.15 -19.56
CA ASP C 315 5.02 3.62 -19.49
C ASP C 315 5.51 4.23 -20.79
N ASP C 316 4.76 5.20 -21.31
CA ASP C 316 5.14 5.87 -22.54
C ASP C 316 6.29 6.85 -22.35
N SER C 317 6.34 7.51 -21.20
CA SER C 317 7.41 8.45 -20.94
C SER C 317 8.78 7.76 -20.99
N THR C 318 8.84 6.50 -20.56
CA THR C 318 10.05 5.70 -20.65
C THR C 318 10.38 5.32 -22.10
N ASN C 319 9.36 4.85 -22.81
CA ASN C 319 9.51 4.47 -24.20
C ASN C 319 10.11 5.59 -25.05
N ILE C 320 9.58 6.79 -24.88
CA ILE C 320 10.11 8.01 -25.50
C ILE C 320 11.58 8.20 -25.12
N PHE C 321 11.88 8.05 -23.83
CA PHE C 321 13.21 8.31 -23.32
C PHE C 321 14.22 7.33 -23.90
N LEU C 322 13.84 6.06 -23.97
CA LEU C 322 14.68 5.04 -24.58
C LEU C 322 14.89 5.27 -26.08
N THR C 323 13.90 5.85 -26.75
CA THR C 323 14.02 6.13 -28.19
C THR C 323 15.00 7.27 -28.45
N LEU C 324 15.07 8.22 -27.52
CA LEU C 324 16.05 9.29 -27.62
C LEU C 324 17.43 8.72 -27.36
N ALA C 325 17.51 7.84 -26.37
CA ALA C 325 18.76 7.22 -25.97
C ALA C 325 19.42 6.42 -27.09
N CYS C 326 18.60 5.87 -27.99
CA CYS C 326 19.11 5.03 -29.06
C CYS C 326 19.39 5.82 -30.31
N ARG C 327 18.42 6.62 -30.75
CA ARG C 327 18.62 7.43 -31.93
C ARG C 327 19.85 8.30 -31.72
N HIS C 328 20.24 8.51 -30.47
CA HIS C 328 21.44 9.27 -30.16
C HIS C 328 22.69 8.45 -30.47
N LEU C 329 22.72 7.20 -30.01
CA LEU C 329 23.83 6.29 -30.22
C LEU C 329 23.82 5.75 -31.65
N HIS C 330 22.82 4.92 -31.95
CA HIS C 330 22.74 4.27 -33.26
C HIS C 330 21.73 5.01 -34.13
N SER C 331 22.23 5.90 -34.97
CA SER C 331 21.38 6.76 -35.80
C SER C 331 20.85 6.05 -37.05
N HIS C 332 21.40 4.87 -37.32
CA HIS C 332 21.03 4.05 -38.48
C HIS C 332 19.92 3.07 -38.13
N ILE C 333 20.04 2.48 -36.94
CA ILE C 333 19.18 1.39 -36.46
C ILE C 333 17.69 1.66 -36.59
N ARG C 334 16.97 0.62 -37.02
CA ARG C 334 15.52 0.65 -37.12
C ARG C 334 14.91 0.56 -35.72
N ILE C 335 14.22 1.63 -35.33
CA ILE C 335 13.55 1.64 -34.03
C ILE C 335 12.05 1.55 -34.24
N VAL C 336 11.43 0.59 -33.55
CA VAL C 336 9.99 0.50 -33.51
C VAL C 336 9.51 0.64 -32.08
N ALA C 337 8.67 1.64 -31.85
CA ALA C 337 8.21 1.97 -30.50
C ALA C 337 6.71 1.76 -30.33
N ARG C 338 6.32 1.43 -29.09
CA ARG C 338 4.92 1.28 -28.75
C ARG C 338 4.42 2.42 -27.89
N ALA C 339 3.28 2.98 -28.29
CA ALA C 339 2.60 4.02 -27.54
C ALA C 339 1.35 3.46 -26.87
N ASN C 340 1.36 3.36 -25.55
CA ASN C 340 0.20 2.93 -24.77
C ASN C 340 -0.98 3.89 -24.88
N GLY C 341 -0.67 5.18 -24.97
CA GLY C 341 -1.68 6.20 -25.19
C GLY C 341 -1.64 6.66 -26.63
N GLU C 342 -2.62 7.45 -27.04
CA GLU C 342 -2.62 8.00 -28.38
C GLU C 342 -1.95 9.37 -28.42
N GLU C 343 -1.83 9.98 -27.24
CA GLU C 343 -1.27 11.33 -27.13
C GLU C 343 0.23 11.30 -26.91
N ASN C 344 0.82 10.12 -27.08
CA ASN C 344 2.27 9.97 -27.06
C ASN C 344 2.87 9.52 -28.39
N VAL C 345 2.02 9.40 -29.41
CA VAL C 345 2.45 8.94 -30.72
C VAL C 345 3.46 9.91 -31.35
N ASP C 346 3.03 11.17 -31.54
CA ASP C 346 3.84 12.19 -32.17
C ASP C 346 5.19 12.39 -31.50
N GLN C 347 5.24 12.19 -30.19
CA GLN C 347 6.49 12.41 -29.46
C GLN C 347 7.46 11.25 -29.67
N LEU C 348 6.93 10.04 -29.78
CA LEU C 348 7.73 8.88 -30.15
C LEU C 348 8.28 8.97 -31.58
N TYR C 349 7.59 9.69 -32.46
CA TYR C 349 8.18 9.98 -33.75
C TYR C 349 9.26 11.03 -33.59
N ALA C 350 8.93 12.10 -32.87
CA ALA C 350 9.84 13.23 -32.67
C ALA C 350 11.17 12.81 -32.04
N ALA C 351 11.14 11.72 -31.29
CA ALA C 351 12.34 11.19 -30.64
C ALA C 351 13.18 10.33 -31.58
N GLY C 352 12.61 9.99 -32.74
CA GLY C 352 13.33 9.27 -33.79
C GLY C 352 13.01 7.78 -33.88
N ALA C 353 11.73 7.45 -33.80
CA ALA C 353 11.28 6.09 -34.07
C ALA C 353 10.90 5.98 -35.53
N ASP C 354 11.14 4.81 -36.12
CA ASP C 354 10.89 4.61 -37.55
C ASP C 354 9.42 4.30 -37.83
N PHE C 355 8.80 3.53 -36.93
CA PHE C 355 7.36 3.31 -36.94
C PHE C 355 6.87 3.23 -35.50
N VAL C 356 5.68 3.79 -35.26
CA VAL C 356 5.05 3.70 -33.95
C VAL C 356 3.77 2.86 -34.02
N VAL C 357 3.70 1.85 -33.17
CA VAL C 357 2.49 1.05 -33.03
C VAL C 357 1.66 1.66 -31.90
N SER C 358 0.66 2.45 -32.27
CA SER C 358 -0.19 3.12 -31.31
C SER C 358 -1.22 2.14 -30.75
N ASN C 359 -1.03 1.72 -29.51
CA ASN C 359 -1.91 0.74 -28.87
C ASN C 359 -3.38 1.07 -29.01
N ALA C 360 -3.73 2.33 -28.75
CA ALA C 360 -5.12 2.75 -28.81
C ALA C 360 -5.67 2.81 -30.24
N SER C 361 -4.89 3.38 -31.17
CA SER C 361 -5.31 3.49 -32.57
C SER C 361 -5.61 2.11 -33.19
N VAL C 362 -4.72 1.16 -32.96
CA VAL C 362 -4.88 -0.20 -33.46
C VAL C 362 -6.05 -0.90 -32.78
N GLY C 363 -6.07 -0.85 -31.45
CA GLY C 363 -7.14 -1.47 -30.65
C GLY C 363 -8.51 -0.96 -31.05
N ALA C 364 -8.66 0.35 -31.13
CA ALA C 364 -9.96 0.98 -31.39
C ALA C 364 -10.49 0.67 -32.78
N ASN C 365 -9.58 0.50 -33.74
CA ASN C 365 -9.95 0.11 -35.09
C ASN C 365 -10.56 -1.28 -35.13
N ILE C 366 -9.90 -2.24 -34.48
CA ILE C 366 -10.36 -3.62 -34.51
C ILE C 366 -11.76 -3.75 -33.92
N LEU C 367 -11.98 -3.18 -32.72
CA LEU C 367 -13.32 -3.13 -32.14
C LEU C 367 -14.29 -2.33 -33.02
N GLY C 368 -14.02 -1.04 -33.22
CA GLY C 368 -14.88 -0.15 -34.00
C GLY C 368 -15.45 -0.77 -35.26
N ASN C 369 -14.65 -1.60 -35.92
CA ASN C 369 -15.08 -2.31 -37.11
C ASN C 369 -16.02 -3.44 -36.78
N LEU C 370 -15.67 -4.25 -35.78
CA LEU C 370 -16.54 -5.34 -35.35
C LEU C 370 -17.91 -4.80 -34.96
N LEU C 371 -17.94 -3.53 -34.55
CA LEU C 371 -19.17 -2.85 -34.18
C LEU C 371 -19.97 -2.36 -35.38
N GLU C 372 -19.37 -1.48 -36.17
CA GLU C 372 -20.06 -0.85 -37.30
C GLU C 372 -20.17 -1.79 -38.51
N HIS C 373 -19.64 -3.00 -38.35
CA HIS C 373 -19.90 -4.13 -39.25
C HIS C 373 -20.11 -5.33 -38.32
N LYS C 374 -21.29 -5.38 -37.71
CA LYS C 374 -21.60 -6.41 -36.72
C LYS C 374 -22.30 -7.62 -37.35
N GLU C 375 -23.37 -7.35 -38.09
CA GLU C 375 -24.06 -8.39 -38.85
C GLU C 375 -23.56 -8.45 -40.31
N SER C 376 -22.24 -8.43 -40.45
CA SER C 376 -21.57 -8.54 -41.74
C SER C 376 -20.28 -9.35 -41.60
N ALA C 377 -19.69 -9.30 -40.40
CA ALA C 377 -18.45 -10.00 -40.09
C ALA C 377 -18.62 -11.09 -39.04
N PHE C 378 -19.85 -11.31 -38.56
CA PHE C 378 -20.13 -12.37 -37.59
C PHE C 378 -20.23 -13.74 -38.24
N LEU C 379 -20.88 -13.79 -39.40
CA LEU C 379 -20.94 -15.02 -40.21
C LEU C 379 -19.69 -15.18 -41.06
N SER C 380 -18.65 -14.41 -40.74
CA SER C 380 -17.35 -14.51 -41.39
C SER C 380 -16.43 -15.44 -40.57
N GLU C 381 -17.04 -16.43 -39.93
CA GLU C 381 -16.35 -17.44 -39.12
C GLU C 381 -16.44 -18.81 -39.81
N GLY C 382 -15.41 -19.15 -40.56
CA GLY C 382 -15.37 -20.38 -41.34
C GLY C 382 -15.43 -20.14 -42.84
N MET C 383 -15.76 -18.91 -43.24
CA MET C 383 -15.85 -18.54 -44.66
C MET C 383 -14.48 -18.47 -45.34
N ALA C 384 -14.45 -18.81 -46.62
CA ALA C 384 -13.24 -18.76 -47.41
C ALA C 384 -13.31 -17.62 -48.42
N VAL C 385 -12.16 -17.01 -48.71
CA VAL C 385 -12.07 -15.98 -49.74
C VAL C 385 -11.38 -16.56 -50.97
N PHE C 386 -11.92 -16.27 -52.15
CA PHE C 386 -11.43 -16.87 -53.39
C PHE C 386 -11.52 -15.94 -54.62
N ARG C 387 -10.66 -16.20 -55.60
CA ARG C 387 -10.61 -15.40 -56.83
C ARG C 387 -10.80 -16.26 -58.08
N ARG C 388 -11.97 -16.10 -58.71
CA ARG C 388 -12.30 -16.81 -59.94
C ARG C 388 -12.13 -15.91 -61.17
N PRO C 389 -11.86 -16.52 -62.34
CA PRO C 389 -11.81 -15.73 -63.58
C PRO C 389 -13.20 -15.26 -64.02
N LEU C 390 -13.25 -14.23 -64.86
CA LEU C 390 -14.51 -13.68 -65.38
C LEU C 390 -15.10 -14.65 -66.42
N PRO C 391 -16.37 -15.08 -66.21
CA PRO C 391 -17.04 -16.07 -67.08
C PRO C 391 -17.05 -15.67 -68.57
N PRO C 392 -16.83 -16.65 -69.47
CA PRO C 392 -16.81 -16.41 -70.92
C PRO C 392 -18.15 -15.92 -71.49
N ALA C 393 -19.26 -16.51 -71.00
CA ALA C 393 -20.60 -16.15 -71.46
C ALA C 393 -21.15 -14.92 -70.74
N MET C 394 -20.76 -14.75 -69.48
CA MET C 394 -21.23 -13.62 -68.67
C MET C 394 -20.19 -12.49 -68.63
N ALA C 395 -19.76 -12.05 -69.81
CA ALA C 395 -18.73 -11.03 -69.96
C ALA C 395 -19.32 -9.69 -70.39
N GLY C 396 -18.98 -8.63 -69.65
CA GLY C 396 -19.44 -7.28 -69.95
C GLY C 396 -20.87 -6.99 -69.52
N LYS C 397 -21.41 -7.84 -68.64
CA LYS C 397 -22.78 -7.70 -68.15
C LYS C 397 -22.82 -7.40 -66.64
N THR C 398 -23.90 -6.75 -66.21
CA THR C 398 -24.06 -6.24 -64.83
C THR C 398 -23.89 -7.30 -63.73
N ILE C 399 -23.34 -6.86 -62.60
CA ILE C 399 -23.09 -7.70 -61.42
C ILE C 399 -24.40 -8.21 -60.79
N ALA C 400 -25.34 -7.30 -60.56
CA ALA C 400 -26.64 -7.65 -59.99
C ALA C 400 -27.40 -8.64 -60.86
N GLU C 401 -27.11 -8.60 -62.16
CA GLU C 401 -27.75 -9.47 -63.15
C GLU C 401 -27.13 -10.87 -63.20
N THR C 402 -25.83 -10.95 -62.91
CA THR C 402 -25.08 -12.23 -62.94
C THR C 402 -25.72 -13.29 -62.04
N ARG C 403 -26.45 -12.82 -61.02
CA ARG C 403 -27.17 -13.68 -60.07
C ARG C 403 -26.24 -14.64 -59.34
N LEU C 404 -25.19 -14.12 -58.72
CA LEU C 404 -24.24 -14.97 -57.99
C LEU C 404 -24.73 -15.39 -56.60
N ARG C 405 -25.73 -14.66 -56.08
CA ARG C 405 -26.38 -15.07 -54.83
C ARG C 405 -27.39 -16.20 -55.06
N PRO C 406 -28.31 -16.04 -56.05
CA PRO C 406 -29.21 -17.15 -56.37
C PRO C 406 -28.71 -18.13 -57.46
N LEU C 407 -27.44 -18.55 -57.37
CA LEU C 407 -26.92 -19.65 -58.20
C LEU C 407 -26.32 -20.76 -57.34
N THR C 408 -25.23 -20.44 -56.63
CA THR C 408 -24.65 -21.35 -55.63
C THR C 408 -24.83 -20.78 -54.24
N GLY C 409 -24.72 -19.46 -54.13
CA GLY C 409 -24.86 -18.73 -52.87
C GLY C 409 -23.68 -17.82 -52.58
N CYS C 410 -23.09 -17.29 -53.65
CA CYS C 410 -21.85 -16.51 -53.55
C CYS C 410 -22.08 -15.00 -53.52
N SER C 411 -21.04 -14.27 -53.13
CA SER C 411 -21.08 -12.81 -53.04
C SER C 411 -19.68 -12.20 -53.24
N ILE C 412 -19.57 -11.25 -54.16
CA ILE C 412 -18.30 -10.61 -54.48
C ILE C 412 -18.07 -9.36 -53.62
N VAL C 413 -16.93 -9.33 -52.91
CA VAL C 413 -16.58 -8.18 -52.06
C VAL C 413 -15.66 -7.19 -52.79
N ALA C 414 -15.05 -7.63 -53.88
CA ALA C 414 -14.18 -6.79 -54.73
C ALA C 414 -13.90 -7.43 -56.10
N ILE C 415 -13.68 -6.59 -57.11
CA ILE C 415 -13.41 -7.04 -58.48
C ILE C 415 -12.23 -6.29 -59.11
N GLU C 416 -11.38 -7.02 -59.83
CA GLU C 416 -10.17 -6.46 -60.45
C GLU C 416 -10.39 -6.15 -61.94
N ALA C 417 -9.65 -5.17 -62.46
CA ALA C 417 -9.75 -4.74 -63.86
C ALA C 417 -8.57 -5.26 -64.70
N PRO C 418 -8.83 -5.61 -65.99
CA PRO C 418 -7.80 -6.14 -66.89
C PRO C 418 -6.75 -5.08 -67.31
N ASP C 419 -7.22 -3.94 -67.81
CA ASP C 419 -6.36 -2.79 -68.11
C ASP C 419 -5.82 -2.19 -66.82
N ARG C 420 -4.88 -1.26 -66.94
CA ARG C 420 -4.34 -0.55 -65.77
C ARG C 420 -5.40 0.45 -65.25
N ALA C 421 -6.47 -0.11 -64.66
CA ALA C 421 -7.57 0.66 -64.08
C ALA C 421 -7.74 0.31 -62.61
N ASP C 422 -7.99 1.32 -61.80
CA ASP C 422 -8.05 1.18 -60.33
C ASP C 422 -9.13 0.21 -59.85
N ILE C 423 -8.79 -0.54 -58.80
CA ILE C 423 -9.68 -1.55 -58.21
C ILE C 423 -10.83 -0.89 -57.45
N LEU C 424 -11.95 -1.58 -57.34
CA LEU C 424 -13.12 -1.08 -56.62
C LEU C 424 -13.56 -2.04 -55.50
N ILE C 425 -13.42 -1.58 -54.26
CA ILE C 425 -13.78 -2.37 -53.08
C ILE C 425 -15.23 -2.12 -52.71
N SER C 426 -15.95 -3.21 -52.41
CA SER C 426 -17.36 -3.15 -52.02
C SER C 426 -18.18 -2.20 -52.93
N PRO C 427 -18.39 -2.58 -54.21
CA PRO C 427 -19.04 -1.72 -55.21
C PRO C 427 -20.57 -1.90 -55.33
N PRO C 428 -21.30 -0.81 -55.66
CA PRO C 428 -22.76 -0.83 -55.85
C PRO C 428 -23.23 -1.72 -57.02
N PRO C 429 -24.42 -2.35 -56.89
CA PRO C 429 -24.84 -3.42 -57.80
C PRO C 429 -25.47 -2.95 -59.13
N GLU C 430 -24.65 -2.39 -60.02
CA GLU C 430 -25.10 -1.95 -61.35
C GLU C 430 -23.98 -1.74 -62.39
N THR C 431 -22.78 -2.27 -62.10
CA THR C 431 -21.59 -1.97 -62.89
C THR C 431 -21.29 -2.99 -64.02
N ILE C 432 -20.75 -2.47 -65.13
CA ILE C 432 -20.39 -3.27 -66.31
C ILE C 432 -19.03 -3.96 -66.12
N LEU C 433 -18.98 -5.26 -66.41
CA LEU C 433 -17.75 -6.06 -66.33
C LEU C 433 -16.83 -5.85 -67.53
N ALA C 434 -15.74 -6.63 -67.59
CA ALA C 434 -14.71 -6.46 -68.63
C ALA C 434 -14.10 -7.77 -69.16
N GLU C 435 -12.96 -7.66 -69.85
CA GLU C 435 -12.29 -8.78 -70.52
C GLU C 435 -11.60 -9.76 -69.55
N GLY C 436 -10.34 -9.46 -69.20
CA GLY C 436 -9.55 -10.36 -68.36
C GLY C 436 -9.65 -10.04 -66.88
N ALA C 437 -10.89 -9.92 -66.40
CA ALA C 437 -11.15 -9.55 -65.00
C ALA C 437 -11.07 -10.75 -64.07
N ARG C 438 -10.86 -10.46 -62.78
CA ARG C 438 -10.83 -11.50 -61.74
C ARG C 438 -11.73 -11.12 -60.56
N LEU C 439 -12.67 -12.00 -60.24
CA LEU C 439 -13.66 -11.78 -59.19
C LEU C 439 -13.18 -12.30 -57.84
N ILE C 440 -13.16 -11.44 -56.82
CA ILE C 440 -12.76 -11.84 -55.48
C ILE C 440 -13.98 -11.91 -54.56
N LEU C 441 -14.38 -13.14 -54.24
CA LEU C 441 -15.65 -13.40 -53.59
C LEU C 441 -15.52 -13.98 -52.17
N ILE C 442 -16.64 -13.98 -51.46
CA ILE C 442 -16.80 -14.71 -50.20
C ILE C 442 -18.05 -15.60 -50.32
N GLY C 443 -18.00 -16.79 -49.72
CA GLY C 443 -19.13 -17.72 -49.76
C GLY C 443 -19.07 -18.82 -48.71
N THR C 444 -19.76 -19.93 -48.99
CA THR C 444 -19.75 -21.09 -48.09
C THR C 444 -18.71 -22.11 -48.56
N SER C 445 -18.07 -22.77 -47.59
CA SER C 445 -16.95 -23.69 -47.84
C SER C 445 -17.27 -24.89 -48.73
N GLU C 446 -18.50 -24.95 -49.25
CA GLU C 446 -18.91 -26.00 -50.17
C GLU C 446 -19.69 -25.44 -51.35
N GLN C 447 -19.71 -24.11 -51.47
CA GLN C 447 -20.36 -23.43 -52.60
C GLN C 447 -19.34 -23.07 -53.68
N GLU C 448 -18.13 -22.71 -53.24
CA GLU C 448 -17.02 -22.40 -54.14
C GLU C 448 -16.60 -23.62 -54.96
N LYS C 449 -16.71 -24.79 -54.34
CA LYS C 449 -16.46 -26.07 -55.00
C LYS C 449 -17.47 -26.32 -56.13
N THR C 450 -18.72 -25.95 -55.88
CA THR C 450 -19.81 -26.13 -56.85
C THR C 450 -19.68 -25.16 -58.02
N PHE C 451 -19.19 -23.95 -57.74
CA PHE C 451 -19.05 -22.88 -58.73
C PHE C 451 -18.14 -23.23 -59.91
N ASP C 452 -17.17 -24.11 -59.68
CA ASP C 452 -16.23 -24.53 -60.72
C ASP C 452 -16.87 -25.40 -61.81
N GLN C 453 -18.10 -25.85 -61.56
CA GLN C 453 -18.87 -26.60 -62.56
C GLN C 453 -20.30 -26.06 -62.74
N THR C 454 -20.76 -25.24 -61.79
CA THR C 454 -22.08 -24.61 -61.87
C THR C 454 -22.13 -23.50 -62.93
N ILE C 455 -21.14 -22.61 -62.90
CA ILE C 455 -21.04 -21.53 -63.89
C ILE C 455 -20.58 -22.07 -65.25
N ALA C 456 -20.10 -23.32 -65.24
CA ALA C 456 -19.70 -24.01 -66.46
C ALA C 456 -20.84 -24.88 -67.04
N ALA C 457 -21.99 -24.88 -66.36
CA ALA C 457 -23.15 -25.66 -66.80
C ALA C 457 -24.43 -24.82 -66.92
N ARG C 458 -24.57 -23.81 -66.05
CA ARG C 458 -25.75 -22.94 -66.04
C ARG C 458 -25.57 -21.77 -67.02
N ALA D 4 -16.83 35.54 -4.66
CA ALA D 4 -17.37 34.55 -3.68
C ALA D 4 -16.45 33.32 -3.50
N PRO D 5 -15.12 33.55 -3.29
CA PRO D 5 -14.17 32.42 -3.18
C PRO D 5 -14.30 31.61 -1.89
N TRP D 6 -14.78 32.25 -0.82
CA TRP D 6 -15.03 31.56 0.44
C TRP D 6 -16.28 30.67 0.38
N ILE D 7 -17.01 30.76 -0.73
CA ILE D 7 -18.16 29.89 -0.97
C ILE D 7 -17.72 28.63 -1.73
N GLU D 8 -17.00 28.81 -2.85
CA GLU D 8 -16.40 27.70 -3.61
C GLU D 8 -15.67 26.73 -2.67
N ARG D 9 -15.12 27.29 -1.61
CA ARG D 9 -14.31 26.58 -0.63
C ARG D 9 -15.10 25.57 0.22
N ARG D 10 -16.36 25.87 0.49
CA ARG D 10 -17.19 25.04 1.39
C ARG D 10 -17.96 23.93 0.70
N LEU D 11 -18.13 24.08 -0.61
CA LEU D 11 -18.77 23.05 -1.42
C LEU D 11 -17.70 22.06 -1.87
N ARG D 12 -18.11 20.92 -2.43
CA ARG D 12 -17.18 19.91 -2.88
C ARG D 12 -16.09 20.52 -3.77
N TYR D 13 -14.88 20.00 -3.65
CA TYR D 13 -13.74 20.49 -4.40
C TYR D 13 -13.84 20.13 -5.86
N HIS D 14 -13.53 21.11 -6.70
CA HIS D 14 -13.27 20.88 -8.11
C HIS D 14 -12.06 21.68 -8.57
N PRO D 15 -11.05 20.97 -9.09
CA PRO D 15 -9.81 21.59 -9.54
C PRO D 15 -10.01 22.33 -10.85
N THR D 16 -9.09 23.23 -11.19
CA THR D 16 -9.11 23.88 -12.51
C THR D 16 -8.33 23.02 -13.49
N ILE D 17 -8.86 22.88 -14.71
CA ILE D 17 -8.20 22.06 -15.72
C ILE D 17 -7.72 22.92 -16.88
N GLU D 18 -7.91 24.22 -16.76
CA GLU D 18 -7.36 25.14 -17.75
C GLU D 18 -7.40 26.58 -17.26
N LEU D 19 -6.69 27.45 -17.97
CA LEU D 19 -6.56 28.84 -17.59
C LEU D 19 -7.34 29.76 -18.54
N PRO D 20 -7.64 30.99 -18.10
CA PRO D 20 -8.21 32.01 -18.96
C PRO D 20 -7.56 32.07 -20.35
N ASP D 21 -8.42 32.19 -21.37
CA ASP D 21 -8.01 32.26 -22.79
C ASP D 21 -6.99 33.36 -23.11
N ASP D 22 -6.67 34.20 -22.13
CA ASP D 22 -5.77 35.34 -22.33
C ASP D 22 -4.69 35.47 -21.25
N THR D 23 -4.12 34.33 -20.84
CA THR D 23 -3.04 34.31 -19.86
C THR D 23 -1.68 34.46 -20.54
N ARG D 24 -1.02 35.60 -20.29
CA ARG D 24 0.28 35.92 -20.88
C ARG D 24 1.37 36.03 -19.83
N GLY D 25 2.61 35.70 -20.21
CA GLY D 25 3.77 35.90 -19.35
C GLY D 25 3.82 35.07 -18.09
N HIS D 26 2.90 34.13 -17.96
CA HIS D 26 2.90 33.24 -16.80
C HIS D 26 4.05 32.24 -16.89
N ILE D 27 4.71 31.99 -15.76
CA ILE D 27 5.75 30.97 -15.69
C ILE D 27 5.05 29.80 -15.08
N LEU D 28 5.15 28.63 -15.70
CA LEU D 28 4.48 27.45 -15.13
C LEU D 28 5.39 26.31 -14.72
N ILE D 29 5.18 25.84 -13.50
CA ILE D 29 6.00 24.79 -12.91
C ILE D 29 5.37 23.42 -13.07
N PHE D 30 6.21 22.44 -13.39
CA PHE D 30 5.82 21.04 -13.41
C PHE D 30 6.57 20.32 -12.32
N GLY D 31 5.82 19.65 -11.45
CA GLY D 31 6.37 18.89 -10.34
C GLY D 31 6.83 19.78 -9.20
N ILE D 32 5.93 20.08 -8.28
CA ILE D 32 6.30 20.89 -7.12
C ILE D 32 7.10 20.10 -6.11
N ASP D 33 8.00 20.81 -5.43
CA ASP D 33 8.83 20.26 -4.38
C ASP D 33 9.47 21.45 -3.67
N PRO D 34 10.12 21.22 -2.52
CA PRO D 34 10.76 22.30 -1.75
C PRO D 34 11.34 23.42 -2.64
N ILE D 35 12.32 23.07 -3.46
CA ILE D 35 13.02 24.01 -4.35
C ILE D 35 12.06 24.85 -5.19
N THR D 36 11.09 24.20 -5.81
CA THR D 36 10.11 24.90 -6.64
C THR D 36 9.19 25.83 -5.83
N ARG D 37 8.70 25.33 -4.68
CA ARG D 37 7.87 26.15 -3.79
C ARG D 37 8.62 27.35 -3.23
N THR D 38 9.94 27.21 -3.10
CA THR D 38 10.80 28.31 -2.69
C THR D 38 10.94 29.33 -3.82
N LEU D 39 10.99 28.83 -5.06
CA LEU D 39 11.18 29.69 -6.23
C LEU D 39 10.07 30.74 -6.30
N ILE D 40 8.84 30.32 -6.03
CA ILE D 40 7.68 31.21 -6.08
C ILE D 40 7.73 32.28 -4.99
N ARG D 41 8.08 31.86 -3.77
CA ARG D 41 8.35 32.79 -2.68
C ARG D 41 9.46 33.79 -3.04
N LYS D 42 10.60 33.26 -3.49
CA LYS D 42 11.78 34.06 -3.79
C LYS D 42 11.49 35.16 -4.83
N LEU D 43 10.71 34.81 -5.86
CA LEU D 43 10.40 35.75 -6.95
C LEU D 43 8.99 36.33 -6.85
N GLU D 44 8.49 36.41 -5.62
CA GLU D 44 7.18 36.98 -5.34
C GLU D 44 7.20 38.49 -5.58
N SER D 45 8.34 39.11 -5.28
CA SER D 45 8.53 40.55 -5.50
C SER D 45 8.25 40.95 -6.94
N ARG D 46 8.63 40.08 -7.86
CA ARG D 46 8.25 40.22 -9.26
C ARG D 46 6.82 39.72 -9.44
N ASN D 47 5.96 40.58 -9.98
CA ASN D 47 4.55 40.23 -10.19
C ASN D 47 4.38 39.26 -11.38
N HIS D 48 4.85 38.03 -11.18
CA HIS D 48 4.72 36.96 -12.17
C HIS D 48 3.71 35.95 -11.67
N LEU D 49 2.82 35.53 -12.55
CA LEU D 49 1.89 34.46 -12.20
C LEU D 49 2.60 33.13 -12.30
N PHE D 50 2.58 32.39 -11.19
CA PHE D 50 3.15 31.05 -11.13
C PHE D 50 2.04 30.02 -11.16
N VAL D 51 2.14 29.06 -12.08
CA VAL D 51 1.10 28.05 -12.23
C VAL D 51 1.66 26.63 -12.08
N VAL D 52 1.29 25.96 -11.01
CA VAL D 52 1.74 24.58 -10.81
C VAL D 52 0.76 23.59 -11.40
N VAL D 53 1.29 22.51 -11.96
CA VAL D 53 0.48 21.55 -12.67
C VAL D 53 0.79 20.16 -12.17
N THR D 54 -0.24 19.46 -11.69
CA THR D 54 -0.07 18.10 -11.18
C THR D 54 -1.11 17.16 -11.77
N ASP D 55 -0.69 15.93 -12.02
CA ASP D 55 -1.59 14.89 -12.51
C ASP D 55 -2.25 14.15 -11.35
N ASN D 56 -1.76 14.44 -10.15
CA ASN D 56 -2.28 13.86 -8.91
C ASN D 56 -3.43 14.72 -8.39
N TYR D 57 -4.54 14.08 -8.04
CA TYR D 57 -5.74 14.82 -7.61
C TYR D 57 -5.57 15.45 -6.23
N ASP D 58 -5.36 14.60 -5.22
CA ASP D 58 -5.15 15.07 -3.84
C ASP D 58 -4.14 16.20 -3.68
N GLN D 59 -3.13 16.23 -4.57
CA GLN D 59 -2.16 17.30 -4.60
C GLN D 59 -2.82 18.60 -4.94
N ALA D 60 -3.57 18.60 -6.04
CA ALA D 60 -4.30 19.78 -6.48
C ALA D 60 -5.19 20.29 -5.35
N LEU D 61 -5.85 19.36 -4.67
CA LEU D 61 -6.69 19.68 -3.52
C LEU D 61 -5.93 20.49 -2.47
N HIS D 62 -4.79 19.98 -2.00
CA HIS D 62 -4.04 20.63 -0.92
C HIS D 62 -3.27 21.88 -1.34
N LEU D 63 -2.81 21.91 -2.58
CA LEU D 63 -2.10 23.08 -3.08
C LEU D 63 -3.02 24.28 -3.32
N GLU D 64 -4.33 24.03 -3.43
CA GLU D 64 -5.29 25.08 -3.71
C GLU D 64 -5.39 26.07 -2.54
N GLU D 65 -5.52 25.54 -1.33
CA GLU D 65 -5.52 26.34 -0.11
C GLU D 65 -4.07 26.71 0.27
N GLN D 66 -3.42 27.46 -0.61
CA GLN D 66 -2.03 27.86 -0.46
C GLN D 66 -1.82 29.06 -1.36
N GLU D 67 -1.27 30.14 -0.82
CA GLU D 67 -1.18 31.39 -1.55
C GLU D 67 0.13 31.52 -2.36
N GLY D 68 0.08 32.29 -3.45
CA GLY D 68 1.26 32.56 -4.27
C GLY D 68 1.20 32.01 -5.68
N PHE D 69 0.43 30.93 -5.86
CA PHE D 69 0.37 30.20 -7.13
C PHE D 69 -0.99 29.58 -7.41
N LYS D 70 -1.37 29.59 -8.68
CA LYS D 70 -2.60 28.94 -9.12
C LYS D 70 -2.33 27.47 -9.45
N VAL D 71 -3.21 26.60 -8.95
CA VAL D 71 -3.09 25.17 -9.17
C VAL D 71 -3.99 24.75 -10.33
N VAL D 72 -3.41 23.95 -11.23
CA VAL D 72 -4.15 23.32 -12.30
C VAL D 72 -3.90 21.81 -12.32
N TYR D 73 -4.98 21.04 -12.30
CA TYR D 73 -4.92 19.59 -12.40
C TYR D 73 -4.96 19.21 -13.87
N GLY D 74 -4.12 18.24 -14.24
CA GLY D 74 -4.00 17.79 -15.63
C GLY D 74 -2.88 16.80 -15.85
N SER D 75 -2.84 16.19 -17.03
CA SER D 75 -1.74 15.32 -17.40
C SER D 75 -0.67 16.20 -18.05
N PRO D 76 0.51 16.31 -17.40
CA PRO D 76 1.56 17.25 -17.85
C PRO D 76 2.07 16.97 -19.26
N THR D 77 1.86 15.74 -19.73
CA THR D 77 2.36 15.32 -21.03
C THR D 77 1.31 15.29 -22.14
N ASP D 78 0.04 15.53 -21.80
CA ASP D 78 -0.97 15.57 -22.85
C ASP D 78 -0.95 16.93 -23.51
N ALA D 79 -0.83 16.91 -24.84
CA ALA D 79 -0.74 18.12 -25.64
C ALA D 79 -1.98 18.98 -25.52
N HIS D 80 -3.14 18.34 -25.40
CA HIS D 80 -4.39 19.08 -25.29
C HIS D 80 -4.57 19.70 -23.91
N VAL D 81 -3.89 19.14 -22.92
CA VAL D 81 -3.76 19.77 -21.60
C VAL D 81 -2.88 21.02 -21.68
N LEU D 82 -1.79 20.92 -22.44
CA LEU D 82 -0.84 22.03 -22.60
C LEU D 82 -1.44 23.21 -23.36
N ALA D 83 -2.20 22.91 -24.41
CA ALA D 83 -2.95 23.93 -25.12
C ALA D 83 -3.89 24.62 -24.12
N GLY D 84 -4.40 23.84 -23.18
CA GLY D 84 -5.23 24.34 -22.08
C GLY D 84 -4.47 25.29 -21.17
N LEU D 85 -3.26 24.88 -20.79
CA LEU D 85 -2.34 25.74 -20.04
C LEU D 85 -1.93 27.02 -20.79
N ARG D 86 -2.20 27.06 -22.10
CA ARG D 86 -1.87 28.20 -22.95
C ARG D 86 -0.36 28.42 -23.01
N VAL D 87 0.38 27.31 -23.10
CA VAL D 87 1.85 27.32 -23.07
C VAL D 87 2.50 28.31 -24.05
N ALA D 88 1.97 28.36 -25.27
CA ALA D 88 2.56 29.18 -26.32
C ALA D 88 2.69 30.64 -25.88
N ALA D 89 1.92 31.01 -24.86
CA ALA D 89 1.87 32.40 -24.39
C ALA D 89 2.62 32.61 -23.07
N ALA D 90 2.97 31.52 -22.39
CA ALA D 90 3.71 31.56 -21.13
C ALA D 90 5.10 32.20 -21.29
N ARG D 91 5.61 32.79 -20.20
CA ARG D 91 6.98 33.35 -20.21
C ARG D 91 8.04 32.24 -20.33
N SER D 92 7.88 31.16 -19.56
CA SER D 92 8.82 30.04 -19.59
C SER D 92 8.35 28.88 -18.74
N ILE D 93 9.02 27.74 -18.90
CA ILE D 93 8.56 26.48 -18.34
C ILE D 93 9.64 25.87 -17.49
N ILE D 94 9.28 25.44 -16.28
CA ILE D 94 10.19 24.69 -15.44
C ILE D 94 9.74 23.23 -15.39
N ALA D 95 10.56 22.38 -16.00
CA ALA D 95 10.28 20.97 -16.05
C ALA D 95 11.04 20.33 -14.91
N ASN D 96 10.31 19.98 -13.86
CA ASN D 96 10.94 19.36 -12.70
C ASN D 96 10.34 17.98 -12.47
N LEU D 97 10.00 17.30 -13.56
CA LEU D 97 9.50 15.94 -13.47
C LEU D 97 10.69 14.99 -13.38
N SER D 98 10.43 13.69 -13.49
CA SER D 98 11.52 12.72 -13.64
C SER D 98 12.14 12.91 -15.01
N ASP D 99 13.27 12.28 -15.24
CA ASP D 99 13.96 12.42 -16.52
C ASP D 99 13.08 12.04 -17.73
N PRO D 100 12.62 10.76 -17.81
CA PRO D 100 11.70 10.39 -18.88
C PRO D 100 10.50 11.34 -19.03
N ASP D 101 9.78 11.60 -17.95
CA ASP D 101 8.64 12.54 -17.97
C ASP D 101 9.09 13.90 -18.50
N ASN D 102 10.26 14.35 -18.09
CA ASN D 102 10.77 15.64 -18.53
C ASN D 102 10.95 15.67 -20.03
N ALA D 103 11.54 14.60 -20.56
CA ALA D 103 11.74 14.45 -21.99
C ALA D 103 10.39 14.55 -22.69
N ASN D 104 9.52 13.59 -22.40
CA ASN D 104 8.14 13.55 -22.89
C ASN D 104 7.46 14.91 -22.83
N LEU D 105 7.59 15.60 -21.70
CA LEU D 105 7.05 16.95 -21.62
C LEU D 105 7.64 17.83 -22.73
N CYS D 106 8.96 17.98 -22.73
CA CYS D 106 9.66 18.89 -23.65
C CYS D 106 9.22 18.80 -25.10
N LEU D 107 9.22 17.58 -25.62
CA LEU D 107 8.80 17.31 -26.99
C LEU D 107 7.36 17.74 -27.21
N THR D 108 6.48 17.35 -26.30
CA THR D 108 5.06 17.67 -26.40
C THR D 108 4.84 19.18 -26.54
N VAL D 109 5.48 19.96 -25.67
CA VAL D 109 5.41 21.42 -25.74
C VAL D 109 6.08 21.98 -27.02
N ARG D 110 7.17 21.33 -27.43
CA ARG D 110 7.85 21.69 -28.67
C ARG D 110 6.99 21.39 -29.89
N SER D 111 5.95 20.57 -29.71
CA SER D 111 4.99 20.32 -30.79
C SER D 111 4.05 21.50 -30.94
N LEU D 112 4.01 22.35 -29.93
CA LEU D 112 3.04 23.45 -29.90
C LEU D 112 3.65 24.86 -30.03
N CYS D 113 4.86 25.05 -29.50
CA CYS D 113 5.44 26.39 -29.35
C CYS D 113 6.99 26.35 -29.29
N GLN D 114 7.54 27.58 -29.24
CA GLN D 114 8.98 27.81 -29.14
C GLN D 114 9.42 28.46 -27.77
N THR D 115 8.43 28.19 -26.77
CA THR D 115 8.59 28.74 -25.41
C THR D 115 9.72 28.02 -24.68
N PRO D 116 10.58 28.85 -23.96
CA PRO D 116 11.71 28.36 -23.18
C PRO D 116 11.40 27.27 -22.13
N ILE D 117 12.42 26.47 -21.84
CA ILE D 117 12.26 25.37 -20.93
C ILE D 117 13.54 25.22 -20.12
N ILE D 118 13.40 25.28 -18.80
CA ILE D 118 14.51 24.98 -17.90
C ILE D 118 14.21 23.62 -17.33
N ALA D 119 15.18 22.73 -17.35
CA ALA D 119 14.94 21.36 -16.94
C ALA D 119 15.87 20.91 -15.82
N VAL D 120 15.30 20.39 -14.74
CA VAL D 120 16.10 19.82 -13.68
C VAL D 120 16.39 18.36 -14.03
N VAL D 121 17.67 18.00 -14.14
CA VAL D 121 18.05 16.63 -14.44
C VAL D 121 18.35 15.90 -13.15
N LYS D 122 18.07 14.60 -13.15
CA LYS D 122 18.40 13.75 -12.03
C LYS D 122 19.67 12.96 -12.31
N GLU D 123 20.04 12.86 -13.58
CA GLU D 123 21.27 12.15 -13.93
C GLU D 123 22.04 12.93 -14.97
N PRO D 124 23.28 13.31 -14.64
CA PRO D 124 24.14 14.16 -15.48
C PRO D 124 24.19 13.67 -16.92
N VAL D 125 24.37 12.37 -17.10
CA VAL D 125 24.50 11.75 -18.42
C VAL D 125 23.30 11.95 -19.36
N HIS D 126 22.12 12.16 -18.77
CA HIS D 126 20.90 12.33 -19.56
C HIS D 126 20.64 13.76 -20.01
N GLY D 127 21.37 14.71 -19.43
CA GLY D 127 21.17 16.14 -19.70
C GLY D 127 21.28 16.45 -21.17
N GLU D 128 22.16 15.72 -21.85
CA GLU D 128 22.32 15.83 -23.29
C GLU D 128 21.01 15.48 -23.99
N LEU D 129 20.41 14.37 -23.56
CA LEU D 129 19.15 13.89 -24.13
C LEU D 129 18.02 14.92 -23.97
N LEU D 130 18.05 15.65 -22.86
CA LEU D 130 17.04 16.66 -22.58
C LEU D 130 17.19 17.90 -23.43
N ARG D 131 18.43 18.30 -23.71
CA ARG D 131 18.68 19.40 -24.63
C ARG D 131 18.04 19.05 -25.95
N LEU D 132 18.37 17.87 -26.47
CA LEU D 132 17.83 17.39 -27.73
C LEU D 132 16.31 17.42 -27.68
N ALA D 133 15.75 16.93 -26.58
CA ALA D 133 14.30 16.87 -26.38
C ALA D 133 13.60 18.23 -26.46
N GLY D 134 14.36 19.32 -26.32
CA GLY D 134 13.79 20.66 -26.43
C GLY D 134 14.05 21.61 -25.26
N ALA D 135 14.64 21.11 -24.17
CA ALA D 135 15.05 21.98 -23.07
C ALA D 135 16.14 22.94 -23.53
N ASN D 136 15.98 24.23 -23.20
CA ASN D 136 16.99 25.23 -23.56
C ASN D 136 18.09 25.28 -22.52
N GLN D 137 17.71 25.07 -21.26
CA GLN D 137 18.61 25.14 -20.13
C GLN D 137 18.46 23.89 -19.31
N VAL D 138 19.57 23.26 -18.95
CA VAL D 138 19.54 21.97 -18.25
C VAL D 138 20.39 22.06 -16.98
N VAL D 139 19.83 21.61 -15.85
CA VAL D 139 20.47 21.84 -14.55
C VAL D 139 20.52 20.59 -13.68
N PRO D 140 21.72 20.01 -13.51
CA PRO D 140 21.88 18.84 -12.64
C PRO D 140 22.06 19.20 -11.17
N LEU D 141 20.98 19.61 -10.51
CA LEU D 141 20.99 20.03 -9.10
C LEU D 141 21.70 19.10 -8.14
N THR D 142 21.36 17.81 -8.24
CA THR D 142 21.92 16.78 -7.36
C THR D 142 23.44 16.69 -7.50
N ARG D 143 23.95 16.99 -8.68
CA ARG D 143 25.38 17.00 -8.89
C ARG D 143 25.97 18.21 -8.18
N ILE D 144 25.57 19.41 -8.63
CA ILE D 144 25.90 20.67 -7.96
C ILE D 144 25.83 20.58 -6.43
N LEU D 145 24.72 20.07 -5.91
CA LEU D 145 24.53 19.98 -4.46
C LEU D 145 25.53 19.03 -3.78
N GLY D 146 25.96 18.00 -4.50
CA GLY D 146 26.92 17.04 -3.96
C GLY D 146 28.30 17.66 -3.88
N ARG D 147 28.60 18.48 -4.89
CA ARG D 147 29.85 19.23 -4.97
C ARG D 147 29.95 20.18 -3.79
N TYR D 148 29.01 21.13 -3.72
CA TYR D 148 29.00 22.13 -2.67
C TYR D 148 29.04 21.54 -1.27
N LEU D 149 28.69 20.27 -1.18
CA LEU D 149 28.82 19.56 0.09
C LEU D 149 30.24 19.07 0.29
N GLY D 150 30.88 18.62 -0.79
CA GLY D 150 32.22 18.07 -0.69
C GLY D 150 33.26 19.16 -0.53
N ILE D 151 32.98 20.30 -1.15
CA ILE D 151 33.84 21.47 -1.06
C ILE D 151 34.05 21.83 0.40
N ARG D 152 32.94 21.79 1.15
CA ARG D 152 32.91 22.27 2.50
C ARG D 152 33.41 21.23 3.51
N ALA D 153 33.68 20.01 3.04
CA ALA D 153 33.97 18.89 3.94
C ALA D 153 35.44 18.74 4.34
N THR D 154 36.32 19.26 3.48
CA THR D 154 37.77 19.24 3.72
C THR D 154 38.11 19.89 5.05
N THR D 155 39.12 19.35 5.74
CA THR D 155 39.52 19.82 7.08
C THR D 155 39.93 21.29 7.08
N CYS D 156 40.66 21.67 6.04
CA CYS D 156 41.25 23.00 5.95
C CYS D 156 40.67 23.84 4.80
N GLY D 157 40.19 23.17 3.76
CA GLY D 157 39.58 23.89 2.64
C GLY D 157 40.55 24.21 1.53
N ALA D 158 40.44 23.46 0.44
CA ALA D 158 41.31 23.62 -0.71
C ALA D 158 40.59 24.36 -1.84
N LEU D 159 41.26 24.48 -2.98
CA LEU D 159 40.66 25.06 -4.18
C LEU D 159 39.73 24.05 -4.85
N ALA D 160 38.79 24.54 -5.64
CA ALA D 160 37.86 23.68 -6.37
C ALA D 160 37.57 24.29 -7.72
N HIS D 161 37.81 23.53 -8.78
CA HIS D 161 37.75 24.09 -10.13
C HIS D 161 36.35 24.14 -10.73
N ILE D 162 35.91 25.37 -11.04
CA ILE D 162 34.62 25.60 -11.69
C ILE D 162 34.79 25.44 -13.20
N LEU D 163 35.83 26.07 -13.74
CA LEU D 163 36.05 26.13 -15.20
C LEU D 163 37.52 26.29 -15.58
N ASP D 164 37.92 25.62 -16.66
CA ASP D 164 39.20 25.87 -17.32
C ASP D 164 38.90 26.25 -18.76
N SER D 165 38.71 27.55 -18.98
CA SER D 165 38.29 28.04 -20.30
C SER D 165 39.44 28.02 -21.30
N PHE D 166 39.55 26.90 -22.01
CA PHE D 166 40.53 26.69 -23.09
C PHE D 166 42.00 26.66 -22.64
N GLY D 167 42.28 27.09 -21.41
CA GLY D 167 43.60 26.95 -20.81
C GLY D 167 44.39 28.23 -20.58
N ASN D 168 43.69 29.34 -20.36
CA ASN D 168 44.37 30.61 -20.01
C ASN D 168 43.81 31.29 -18.75
N LEU D 169 42.50 31.45 -18.67
CA LEU D 169 41.87 31.92 -17.45
C LEU D 169 41.13 30.75 -16.79
N GLN D 170 41.43 30.54 -15.52
CA GLN D 170 40.79 29.49 -14.73
C GLN D 170 39.90 30.12 -13.65
N ILE D 171 38.65 29.67 -13.56
CA ILE D 171 37.76 30.06 -12.46
C ILE D 171 37.65 28.90 -11.45
N ALA D 172 37.88 29.22 -10.18
CA ALA D 172 37.88 28.22 -9.10
C ALA D 172 37.34 28.80 -7.78
N GLU D 173 36.82 27.92 -6.92
CA GLU D 173 36.23 28.31 -5.64
C GLU D 173 37.11 27.94 -4.45
N LEU D 174 36.91 28.66 -3.34
CA LEU D 174 37.68 28.46 -2.12
C LEU D 174 36.87 28.71 -0.84
N PRO D 175 36.58 27.63 -0.08
CA PRO D 175 36.06 27.79 1.27
C PRO D 175 37.16 28.33 2.17
N VAL D 176 36.79 29.23 3.07
CA VAL D 176 37.76 29.95 3.87
C VAL D 176 37.83 29.37 5.29
N HIS D 177 37.28 28.18 5.48
CA HIS D 177 37.03 27.70 6.85
C HIS D 177 38.26 27.38 7.70
N GLY D 178 39.20 26.60 7.16
CA GLY D 178 40.39 26.21 7.91
C GLY D 178 41.65 26.97 7.51
N THR D 179 41.52 27.78 6.45
CA THR D 179 42.64 28.53 5.86
C THR D 179 43.12 29.66 6.79
N PRO D 180 44.35 30.17 6.57
CA PRO D 180 44.87 31.28 7.39
C PRO D 180 44.19 32.62 7.08
N PHE D 181 43.38 32.63 6.02
CA PHE D 181 42.60 33.80 5.64
C PHE D 181 41.33 33.98 6.50
N ALA D 182 41.02 32.99 7.33
CA ALA D 182 39.82 32.99 8.16
C ALA D 182 39.91 34.02 9.29
N GLY D 183 39.03 35.02 9.24
CA GLY D 183 38.95 36.04 10.28
C GLY D 183 39.42 37.43 9.85
N LYS D 184 40.32 37.47 8.87
CA LYS D 184 40.91 38.74 8.38
C LYS D 184 40.19 39.23 7.12
N THR D 185 39.76 40.49 7.12
CA THR D 185 39.07 41.12 5.98
C THR D 185 39.84 40.94 4.67
N ILE D 186 39.12 40.85 3.54
CA ILE D 186 39.74 40.58 2.23
C ILE D 186 41.02 41.39 2.00
N GLY D 187 41.03 42.63 2.50
CA GLY D 187 42.21 43.50 2.43
C GLY D 187 43.40 43.00 3.23
N GLU D 188 43.17 42.66 4.50
CA GLU D 188 44.25 42.25 5.43
C GLU D 188 44.64 40.77 5.36
N SER D 189 44.49 40.17 4.18
CA SER D 189 44.97 38.82 3.90
C SER D 189 45.78 38.84 2.61
N GLY D 190 45.60 39.93 1.86
CA GLY D 190 46.37 40.22 0.64
C GLY D 190 46.21 39.22 -0.49
N ILE D 191 45.05 38.57 -0.58
CA ILE D 191 44.81 37.63 -1.67
C ILE D 191 44.90 38.39 -3.00
N ARG D 192 44.18 39.50 -3.05
CA ARG D 192 44.19 40.38 -4.21
C ARG D 192 45.63 40.82 -4.52
N GLN D 193 46.38 41.13 -3.46
CA GLN D 193 47.71 41.75 -3.57
C GLN D 193 48.85 40.76 -3.83
N ARG D 194 48.82 39.63 -3.14
CA ARG D 194 49.91 38.64 -3.15
C ARG D 194 49.77 37.61 -4.28
N THR D 195 48.54 37.21 -4.57
CA THR D 195 48.26 36.13 -5.53
C THR D 195 48.09 36.61 -6.97
N GLY D 196 47.68 37.86 -7.15
CA GLY D 196 47.36 38.40 -8.47
C GLY D 196 46.01 37.88 -8.99
N LEU D 197 45.43 36.92 -8.27
CA LEU D 197 44.12 36.36 -8.58
C LEU D 197 43.00 37.40 -8.43
N SER D 198 42.10 37.45 -9.40
CA SER D 198 40.91 38.29 -9.31
C SER D 198 39.87 37.63 -8.38
N ILE D 199 39.61 38.25 -7.25
CA ILE D 199 38.53 37.81 -6.38
C ILE D 199 37.23 38.29 -6.99
N ILE D 200 36.53 37.37 -7.65
CA ILE D 200 35.29 37.70 -8.34
C ILE D 200 34.13 37.76 -7.34
N GLY D 201 34.04 36.75 -6.47
CA GLY D 201 32.93 36.70 -5.52
C GLY D 201 33.26 36.16 -4.14
N VAL D 202 32.43 36.54 -3.17
CA VAL D 202 32.40 35.89 -1.85
C VAL D 202 30.97 35.38 -1.63
N TRP D 203 30.86 34.08 -1.35
CA TRP D 203 29.57 33.44 -1.06
C TRP D 203 29.33 33.37 0.44
N GLU D 204 28.12 33.77 0.86
CA GLU D 204 27.74 33.81 2.28
C GLU D 204 26.23 33.62 2.45
N ARG D 205 25.85 32.68 3.31
CA ARG D 205 24.44 32.34 3.59
C ARG D 205 23.60 32.10 2.32
N GLY D 206 24.24 31.52 1.29
CA GLY D 206 23.58 31.20 0.03
C GLY D 206 23.49 32.32 -0.99
N SER D 207 24.02 33.49 -0.65
CA SER D 207 23.92 34.69 -1.48
C SER D 207 25.28 35.15 -2.01
N LEU D 208 25.26 36.14 -2.91
CA LEU D 208 26.48 36.67 -3.52
C LEU D 208 26.34 38.13 -3.95
N THR D 209 27.34 38.95 -3.58
CA THR D 209 27.51 40.31 -4.11
C THR D 209 28.99 40.71 -4.19
N THR D 210 29.24 41.96 -4.56
CA THR D 210 30.59 42.49 -4.80
C THR D 210 31.50 42.51 -3.55
N PRO D 211 32.63 41.75 -3.60
CA PRO D 211 33.65 41.71 -2.54
C PRO D 211 34.45 43.02 -2.39
N GLN D 212 34.51 43.52 -1.15
CA GLN D 212 35.25 44.73 -0.83
C GLN D 212 36.24 44.47 0.32
N ARG D 213 37.28 45.31 0.42
CA ARG D 213 38.37 45.09 1.38
C ARG D 213 37.97 45.16 2.86
N GLU D 214 36.91 45.89 3.17
CA GLU D 214 36.41 46.02 4.54
C GLU D 214 35.53 44.84 4.97
N THR D 215 34.97 44.12 3.99
CA THR D 215 34.13 42.95 4.27
C THR D 215 34.97 41.83 4.87
N VAL D 216 34.43 41.24 5.94
CA VAL D 216 35.18 40.29 6.77
C VAL D 216 34.86 38.83 6.42
N LEU D 217 35.91 38.03 6.24
CA LEU D 217 35.77 36.61 5.89
C LEU D 217 35.71 35.72 7.13
N THR D 218 34.51 35.28 7.49
CA THR D 218 34.31 34.31 8.57
C THR D 218 34.58 32.90 8.07
N GLU D 219 34.66 31.95 9.00
CA GLU D 219 34.77 30.54 8.65
C GLU D 219 33.75 30.21 7.57
N GLN D 220 32.64 30.93 7.60
CA GLN D 220 31.49 30.71 6.71
C GLN D 220 31.77 31.02 5.24
N SER D 221 32.81 31.82 4.96
CA SER D 221 33.00 32.39 3.63
C SER D 221 33.56 31.43 2.57
N LEU D 222 33.09 31.65 1.34
CA LEU D 222 33.53 30.91 0.15
C LEU D 222 33.88 31.90 -0.97
N LEU D 223 35.15 31.95 -1.35
CA LEU D 223 35.59 32.89 -2.37
C LEU D 223 35.51 32.31 -3.76
N VAL D 224 35.25 33.18 -4.74
CA VAL D 224 35.27 32.81 -6.15
C VAL D 224 36.42 33.57 -6.81
N LEU D 225 37.29 32.84 -7.51
CA LEU D 225 38.55 33.38 -8.01
C LEU D 225 38.78 33.13 -9.50
N ALA D 226 39.20 34.17 -10.21
CA ALA D 226 39.72 34.04 -11.57
C ALA D 226 41.23 34.27 -11.59
N GLY D 227 41.95 33.50 -12.39
CA GLY D 227 43.38 33.67 -12.53
C GLY D 227 44.08 32.71 -13.46
N THR D 228 45.39 32.68 -13.34
CA THR D 228 46.22 31.78 -14.12
C THR D 228 46.58 30.55 -13.27
N LYS D 229 47.02 29.48 -13.92
CA LYS D 229 47.47 28.26 -13.23
C LYS D 229 48.62 28.50 -12.25
N SER D 230 49.49 29.46 -12.57
CA SER D 230 50.60 29.86 -11.71
C SER D 230 50.09 30.60 -10.47
N GLN D 231 49.04 31.40 -10.65
CA GLN D 231 48.45 32.22 -9.57
C GLN D 231 47.65 31.42 -8.57
N LEU D 232 46.84 30.48 -9.06
CA LEU D 232 46.16 29.52 -8.18
C LEU D 232 47.20 28.69 -7.42
N ALA D 233 48.28 28.31 -8.11
CA ALA D 233 49.42 27.60 -7.52
C ALA D 233 50.10 28.40 -6.41
N ALA D 234 50.04 29.74 -6.52
CA ALA D 234 50.57 30.64 -5.51
C ALA D 234 49.62 30.70 -4.31
N LEU D 235 48.32 30.76 -4.60
CA LEU D 235 47.34 30.79 -3.53
C LEU D 235 47.41 29.51 -2.70
N GLU D 236 47.69 28.41 -3.40
CA GLU D 236 47.74 27.08 -2.81
C GLU D 236 48.92 26.94 -1.86
N TYR D 237 50.00 27.65 -2.15
CA TYR D 237 51.17 27.67 -1.26
C TYR D 237 50.81 28.39 0.03
N LEU D 238 50.20 29.58 -0.11
CA LEU D 238 49.73 30.38 1.01
C LEU D 238 48.82 29.59 1.95
N ILE D 239 48.07 28.64 1.39
CA ILE D 239 47.19 27.78 2.18
C ILE D 239 47.99 26.95 3.17
N GLY D 240 49.05 26.31 2.69
CA GLY D 240 49.83 25.38 3.52
C GLY D 240 49.23 24.00 3.44
N GLU D 241 50.07 22.98 3.62
CA GLU D 241 49.67 21.59 3.35
C GLU D 241 48.47 21.10 4.14
N ALA D 242 47.72 20.16 3.55
CA ALA D 242 46.60 19.51 4.21
C ALA D 242 47.12 18.62 5.35
N PRO D 243 46.35 18.51 6.45
CA PRO D 243 46.69 17.63 7.59
C PRO D 243 47.02 16.19 7.18
N GLU D 244 47.82 15.53 8.02
CA GLU D 244 48.40 14.22 7.70
C GLU D 244 47.39 13.15 7.27
N ASP D 245 46.69 12.56 8.24
CA ASP D 245 45.76 11.47 7.98
C ASP D 245 44.35 12.00 8.09
N GLU D 246 43.60 11.99 6.99
CA GLU D 246 42.24 12.50 7.01
C GLU D 246 41.24 11.70 6.18
N LEU D 247 40.06 11.48 6.77
CA LEU D 247 39.02 10.58 6.29
C LEU D 247 37.69 11.27 6.45
N ILE D 248 36.85 11.21 5.42
CA ILE D 248 35.51 11.80 5.47
C ILE D 248 34.43 10.74 5.42
N PHE D 249 33.52 10.81 6.38
CA PHE D 249 32.37 9.92 6.45
C PHE D 249 31.17 10.59 5.82
N ILE D 250 30.60 9.89 4.85
CA ILE D 250 29.35 10.34 4.25
C ILE D 250 28.19 9.47 4.72
N ILE D 251 27.19 10.13 5.32
CA ILE D 251 25.97 9.45 5.71
C ILE D 251 24.88 9.74 4.67
N GLY D 252 24.51 8.68 3.96
CA GLY D 252 23.53 8.78 2.91
C GLY D 252 24.16 8.71 1.54
N HIS D 253 24.08 7.53 0.93
CA HIS D 253 24.60 7.31 -0.42
C HIS D 253 23.48 7.41 -1.44
N GLY D 254 22.67 8.45 -1.32
CA GLY D 254 21.65 8.72 -2.34
C GLY D 254 22.30 9.45 -3.49
N ARG D 255 21.46 9.99 -4.37
CA ARG D 255 21.95 10.76 -5.51
C ARG D 255 22.94 11.84 -5.07
N ILE D 256 22.51 12.70 -4.15
CA ILE D 256 23.35 13.80 -3.65
C ILE D 256 24.56 13.29 -2.84
N GLY D 257 24.35 12.32 -1.97
CA GLY D 257 25.47 11.68 -1.28
C GLY D 257 26.53 11.17 -2.24
N CYS D 258 26.09 10.45 -3.27
CA CYS D 258 26.97 9.81 -4.24
C CYS D 258 27.82 10.86 -4.94
N ALA D 259 27.18 11.97 -5.33
CA ALA D 259 27.85 13.04 -6.05
C ALA D 259 28.98 13.62 -5.24
N ALA D 260 28.75 13.80 -3.93
CA ALA D 260 29.79 14.24 -3.00
C ALA D 260 30.95 13.25 -3.02
N ALA D 261 30.66 11.96 -2.93
CA ALA D 261 31.70 10.94 -2.97
C ALA D 261 32.55 11.05 -4.24
N ALA D 262 31.89 11.12 -5.40
CA ALA D 262 32.58 11.28 -6.68
C ALA D 262 33.52 12.47 -6.62
N PHE D 263 32.96 13.63 -6.30
CA PHE D 263 33.71 14.88 -6.15
C PHE D 263 35.01 14.71 -5.35
N LEU D 264 34.97 13.91 -4.29
CA LEU D 264 36.13 13.74 -3.43
C LEU D 264 37.12 12.70 -3.92
N ASP D 265 36.84 12.07 -5.06
CA ASP D 265 37.79 11.16 -5.70
C ASP D 265 38.70 11.89 -6.69
N ARG D 266 38.18 12.93 -7.32
CA ARG D 266 38.97 13.80 -8.19
C ARG D 266 40.22 14.25 -7.45
N LYS D 267 40.03 15.08 -6.43
CA LYS D 267 41.07 15.32 -5.44
C LYS D 267 41.09 14.06 -4.57
N PRO D 268 42.13 13.21 -4.71
CA PRO D 268 42.07 11.90 -4.06
C PRO D 268 41.98 12.00 -2.53
N VAL D 269 40.75 12.13 -2.02
CA VAL D 269 40.48 12.19 -0.58
C VAL D 269 39.73 10.94 -0.16
N PRO D 270 40.29 10.16 0.78
CA PRO D 270 39.62 8.95 1.25
C PRO D 270 38.28 9.26 1.93
N PHE D 271 37.31 8.37 1.74
CA PHE D 271 35.95 8.55 2.25
C PHE D 271 35.23 7.23 2.45
N ILE D 272 34.34 7.22 3.45
CA ILE D 272 33.49 6.06 3.74
C ILE D 272 32.02 6.42 3.58
N LEU D 273 31.27 5.54 2.93
CA LEU D 273 29.83 5.73 2.69
C LEU D 273 28.97 4.81 3.55
N ILE D 274 27.94 5.38 4.16
CA ILE D 274 26.95 4.59 4.90
C ILE D 274 25.57 4.85 4.37
N ASP D 275 24.79 3.79 4.32
CA ASP D 275 23.40 3.84 3.90
C ASP D 275 22.74 2.53 4.31
N ARG D 276 21.40 2.52 4.34
CA ARG D 276 20.65 1.32 4.68
C ARG D 276 20.45 0.44 3.46
N GLN D 277 20.23 1.08 2.31
CA GLN D 277 19.84 0.41 1.09
C GLN D 277 20.95 0.40 0.06
N GLU D 278 20.91 -0.59 -0.84
CA GLU D 278 21.75 -0.60 -2.02
C GLU D 278 21.32 0.51 -2.97
N SER D 279 22.28 1.09 -3.69
CA SER D 279 21.96 2.10 -4.69
C SER D 279 21.43 1.44 -5.96
N PRO D 280 20.24 1.86 -6.42
CA PRO D 280 19.73 1.40 -7.71
C PRO D 280 20.54 1.99 -8.88
N VAL D 281 21.53 2.81 -8.58
CA VAL D 281 22.27 3.56 -9.59
C VAL D 281 23.78 3.29 -9.57
N CYS D 282 24.39 3.49 -8.41
CA CYS D 282 25.84 3.53 -8.28
C CYS D 282 26.50 2.15 -8.19
N ASN D 283 27.39 1.87 -9.13
CA ASN D 283 28.22 0.66 -9.09
C ASN D 283 29.61 0.97 -8.57
N ASP D 284 30.01 2.23 -8.69
CA ASP D 284 31.39 2.66 -8.45
C ASP D 284 31.79 2.68 -6.99
N HIS D 285 30.81 2.78 -6.09
CA HIS D 285 31.11 3.01 -4.68
C HIS D 285 30.86 1.83 -3.77
N VAL D 286 31.79 1.60 -2.85
CA VAL D 286 31.58 0.67 -1.74
C VAL D 286 30.84 1.39 -0.60
N VAL D 287 29.87 0.70 -0.01
CA VAL D 287 29.02 1.27 1.04
C VAL D 287 28.92 0.32 2.23
N VAL D 288 29.06 0.88 3.42
CA VAL D 288 28.80 0.14 4.64
C VAL D 288 27.31 0.21 4.89
N TYR D 289 26.65 -0.94 4.89
CA TYR D 289 25.19 -0.95 4.98
C TYR D 289 24.74 -0.97 6.43
N GLY D 290 23.93 0.02 6.79
CA GLY D 290 23.40 0.12 8.14
C GLY D 290 22.56 1.37 8.35
N ASP D 291 21.73 1.34 9.40
CA ASP D 291 20.97 2.51 9.82
C ASP D 291 21.86 3.35 10.73
N ALA D 292 22.23 4.54 10.24
CA ALA D 292 23.17 5.43 10.93
C ALA D 292 22.68 5.83 12.32
N THR D 293 21.39 6.15 12.39
CA THR D 293 20.63 6.42 13.61
C THR D 293 20.91 5.42 14.75
N VAL D 294 20.85 4.13 14.45
CA VAL D 294 21.19 3.09 15.42
C VAL D 294 22.66 3.25 15.86
N GLY D 295 22.88 3.08 17.17
CA GLY D 295 24.18 3.34 17.79
C GLY D 295 25.38 2.72 17.10
N GLN D 296 25.54 1.41 17.31
CA GLN D 296 26.65 0.61 16.75
C GLN D 296 27.07 1.05 15.35
N THR D 297 26.10 1.09 14.44
CA THR D 297 26.36 1.31 13.01
C THR D 297 27.56 2.22 12.75
N LEU D 298 27.47 3.48 13.17
CA LEU D 298 28.53 4.45 12.92
C LEU D 298 29.85 4.05 13.56
N ARG D 299 29.87 3.91 14.88
CA ARG D 299 31.13 3.70 15.57
C ARG D 299 31.87 2.50 15.01
N GLN D 300 31.14 1.40 14.81
CA GLN D 300 31.72 0.15 14.30
C GLN D 300 32.26 0.31 12.89
N ALA D 301 31.62 1.17 12.10
CA ALA D 301 32.07 1.48 10.75
C ALA D 301 33.29 2.40 10.75
N GLY D 302 33.83 2.67 11.95
CA GLY D 302 35.10 3.39 12.11
C GLY D 302 35.02 4.90 11.99
N ILE D 303 34.01 5.49 12.62
CA ILE D 303 33.80 6.94 12.58
C ILE D 303 34.64 7.67 13.64
N ASP D 304 35.36 6.93 14.46
CA ASP D 304 36.25 7.53 15.45
C ASP D 304 37.41 8.21 14.75
N ARG D 305 37.86 7.61 13.66
CA ARG D 305 39.05 8.07 12.93
C ARG D 305 38.74 8.99 11.74
N ALA D 306 37.51 9.50 11.68
CA ALA D 306 37.11 10.46 10.67
C ALA D 306 37.68 11.84 10.98
N SER D 307 37.76 12.68 9.95
CA SER D 307 38.18 14.08 10.10
C SER D 307 37.01 14.99 9.78
N GLY D 308 36.11 14.49 8.94
CA GLY D 308 34.91 15.22 8.55
C GLY D 308 33.72 14.31 8.35
N ILE D 309 32.52 14.87 8.51
CA ILE D 309 31.29 14.13 8.25
C ILE D 309 30.33 14.92 7.37
N ILE D 310 29.83 14.27 6.32
CA ILE D 310 28.78 14.84 5.47
C ILE D 310 27.45 14.13 5.75
N VAL D 311 26.47 14.90 6.19
CA VAL D 311 25.20 14.32 6.60
C VAL D 311 24.19 14.60 5.49
N THR D 312 23.85 13.55 4.72
CA THR D 312 23.07 13.70 3.48
C THR D 312 21.89 12.74 3.34
N THR D 313 21.03 12.72 4.35
CA THR D 313 19.81 11.94 4.32
C THR D 313 18.69 12.70 3.62
N ASN D 314 17.74 11.94 3.06
CA ASN D 314 16.46 12.45 2.59
C ASN D 314 15.70 13.28 3.61
N ASP D 315 15.76 12.85 4.87
CA ASP D 315 14.90 13.35 5.93
C ASP D 315 15.68 14.28 6.85
N ASP D 316 15.31 15.56 6.84
CA ASP D 316 15.94 16.57 7.70
C ASP D 316 16.00 16.19 9.19
N SER D 317 14.91 15.69 9.75
CA SER D 317 14.89 15.31 11.16
C SER D 317 15.98 14.29 11.47
N THR D 318 16.31 13.46 10.48
CA THR D 318 17.39 12.49 10.65
C THR D 318 18.75 13.22 10.61
N ASN D 319 18.89 14.15 9.67
CA ASN D 319 20.11 14.94 9.57
C ASN D 319 20.38 15.67 10.87
N ILE D 320 19.37 16.39 11.36
CA ILE D 320 19.45 17.10 12.61
C ILE D 320 19.87 16.15 13.72
N PHE D 321 19.18 15.04 13.84
CA PHE D 321 19.48 14.09 14.89
C PHE D 321 20.94 13.61 14.80
N LEU D 322 21.43 13.42 13.57
CA LEU D 322 22.78 12.89 13.38
C LEU D 322 23.83 13.91 13.72
N THR D 323 23.63 15.12 13.22
CA THR D 323 24.45 16.27 13.56
C THR D 323 24.66 16.35 15.05
N LEU D 324 23.56 16.49 15.80
CA LEU D 324 23.58 16.43 17.26
C LEU D 324 24.43 15.28 17.77
N ALA D 325 24.14 14.07 17.30
CA ALA D 325 24.81 12.87 17.78
C ALA D 325 26.31 12.94 17.53
N CYS D 326 26.68 13.51 16.39
CA CYS D 326 28.07 13.66 16.00
C CYS D 326 28.76 14.76 16.76
N ARG D 327 28.25 15.99 16.65
CA ARG D 327 28.76 17.11 17.43
C ARG D 327 29.02 16.72 18.88
N HIS D 328 28.13 15.91 19.46
CA HIS D 328 28.26 15.50 20.84
C HIS D 328 29.42 14.53 21.06
N LEU D 329 29.53 13.54 20.18
CA LEU D 329 30.57 12.53 20.31
C LEU D 329 31.93 13.05 19.88
N HIS D 330 31.93 13.90 18.85
CA HIS D 330 33.15 14.37 18.21
C HIS D 330 33.11 15.90 18.07
N SER D 331 33.50 16.60 19.14
CA SER D 331 33.43 18.06 19.19
C SER D 331 34.38 18.73 18.21
N HIS D 332 35.44 18.02 17.82
CA HIS D 332 36.46 18.53 16.91
C HIS D 332 36.12 18.34 15.42
N ILE D 333 35.79 17.10 15.03
CA ILE D 333 35.47 16.71 13.65
C ILE D 333 34.49 17.68 12.99
N ARG D 334 34.82 18.18 11.81
CA ARG D 334 33.96 19.15 11.17
C ARG D 334 32.78 18.51 10.46
N ILE D 335 31.62 19.17 10.55
CA ILE D 335 30.34 18.60 10.14
C ILE D 335 29.67 19.43 9.07
N VAL D 336 29.42 18.81 7.92
CA VAL D 336 28.63 19.45 6.87
C VAL D 336 27.29 18.71 6.72
N ALA D 337 26.21 19.47 6.82
CA ALA D 337 24.88 18.88 6.85
C ALA D 337 24.03 19.43 5.73
N ARG D 338 23.15 18.57 5.21
CA ARG D 338 22.31 18.95 4.08
C ARG D 338 20.89 19.19 4.55
N ALA D 339 20.35 20.34 4.16
CA ALA D 339 19.00 20.73 4.55
C ALA D 339 18.08 20.65 3.34
N ASN D 340 17.06 19.83 3.46
CA ASN D 340 16.14 19.62 2.36
C ASN D 340 15.13 20.76 2.23
N GLY D 341 14.59 21.21 3.37
CA GLY D 341 13.71 22.39 3.40
C GLY D 341 14.28 23.54 4.22
N GLU D 342 14.03 24.77 3.77
CA GLU D 342 14.59 25.96 4.43
C GLU D 342 14.24 26.06 5.93
N GLU D 343 13.05 25.58 6.28
CA GLU D 343 12.56 25.60 7.66
C GLU D 343 13.36 24.73 8.67
N ASN D 344 14.40 24.07 8.19
CA ASN D 344 15.24 23.22 9.04
C ASN D 344 16.68 23.67 9.14
N VAL D 345 17.06 24.62 8.27
CA VAL D 345 18.43 25.10 8.19
C VAL D 345 18.95 25.49 9.57
N ASP D 346 18.24 26.43 10.20
CA ASP D 346 18.60 26.96 11.52
C ASP D 346 18.83 25.91 12.62
N GLN D 347 18.07 24.82 12.58
CA GLN D 347 18.19 23.78 13.58
C GLN D 347 19.41 22.91 13.35
N LEU D 348 19.90 22.93 12.11
CA LEU D 348 21.11 22.20 11.75
C LEU D 348 22.34 22.84 12.36
N TYR D 349 22.43 24.17 12.25
CA TYR D 349 23.47 24.89 12.95
C TYR D 349 23.32 24.72 14.44
N ALA D 350 22.11 24.95 14.95
CA ALA D 350 21.81 24.77 16.36
C ALA D 350 22.32 23.43 16.86
N ALA D 351 22.17 22.39 16.03
CA ALA D 351 22.57 21.03 16.38
C ALA D 351 24.09 20.87 16.49
N GLY D 352 24.83 21.64 15.69
CA GLY D 352 26.29 21.65 15.79
C GLY D 352 27.03 21.60 14.47
N ALA D 353 26.29 21.58 13.36
CA ALA D 353 26.86 21.59 12.02
C ALA D 353 27.79 22.79 11.81
N ASP D 354 29.00 22.50 11.33
CA ASP D 354 29.96 23.54 10.94
C ASP D 354 29.44 24.29 9.73
N PHE D 355 28.95 23.57 8.72
CA PHE D 355 28.33 24.20 7.55
C PHE D 355 27.08 23.45 7.07
N VAL D 356 26.16 24.19 6.44
CA VAL D 356 24.88 23.65 6.01
C VAL D 356 24.59 24.02 4.57
N VAL D 357 24.25 23.02 3.74
CA VAL D 357 23.88 23.31 2.35
C VAL D 357 22.37 23.21 2.22
N SER D 358 21.75 24.32 1.84
CA SER D 358 20.28 24.41 1.77
C SER D 358 19.80 24.13 0.36
N ASN D 359 19.38 22.89 0.11
CA ASN D 359 18.91 22.50 -1.22
C ASN D 359 17.86 23.44 -1.80
N ALA D 360 16.95 23.89 -0.95
CA ALA D 360 15.91 24.83 -1.35
C ALA D 360 16.52 26.14 -1.88
N SER D 361 17.48 26.72 -1.14
CA SER D 361 18.15 27.96 -1.55
C SER D 361 18.99 27.75 -2.80
N VAL D 362 20.03 26.94 -2.67
CA VAL D 362 20.95 26.67 -3.78
C VAL D 362 20.18 26.46 -5.07
N GLY D 363 19.18 25.58 -5.03
CA GLY D 363 18.36 25.29 -6.18
C GLY D 363 17.59 26.47 -6.70
N ALA D 364 16.93 27.20 -5.80
CA ALA D 364 16.07 28.33 -6.18
C ALA D 364 16.87 29.48 -6.78
N ASN D 365 17.98 29.83 -6.12
CA ASN D 365 18.93 30.79 -6.66
C ASN D 365 19.25 30.54 -8.12
N ILE D 366 19.68 29.30 -8.40
CA ILE D 366 20.04 28.89 -9.75
C ILE D 366 18.90 29.12 -10.74
N LEU D 367 17.72 28.63 -10.41
CA LEU D 367 16.57 28.76 -11.31
C LEU D 367 16.15 30.22 -11.51
N GLY D 368 16.10 30.96 -10.42
CA GLY D 368 15.79 32.39 -10.46
C GLY D 368 16.77 33.18 -11.32
N ASN D 369 18.05 32.89 -11.15
CA ASN D 369 19.10 33.53 -11.93
C ASN D 369 19.11 33.06 -13.37
N LEU D 370 18.29 32.05 -13.66
CA LEU D 370 18.12 31.57 -15.02
C LEU D 370 16.79 32.03 -15.62
N LEU D 371 15.92 32.59 -14.79
CA LEU D 371 14.60 33.03 -15.26
C LEU D 371 14.52 34.51 -15.66
N GLU D 372 15.41 35.32 -15.10
CA GLU D 372 15.49 36.75 -15.40
C GLU D 372 16.87 37.10 -15.95
N HIS D 373 17.88 36.44 -15.42
CA HIS D 373 19.19 36.38 -16.07
C HIS D 373 19.13 35.25 -17.12
N LYS D 374 17.89 34.89 -17.45
CA LYS D 374 17.55 34.27 -18.72
C LYS D 374 17.92 35.27 -19.80
N GLU D 375 17.64 36.54 -19.50
CA GLU D 375 18.01 37.66 -20.36
C GLU D 375 19.52 37.97 -20.27
N SER D 376 20.14 37.58 -19.16
CA SER D 376 21.61 37.69 -18.97
C SER D 376 22.37 36.38 -19.20
N ALA D 377 21.68 35.36 -19.72
CA ALA D 377 22.32 34.16 -20.25
C ALA D 377 22.42 34.29 -21.77
N PHE D 378 21.81 35.36 -22.29
CA PHE D 378 21.74 35.69 -23.72
C PHE D 378 23.03 36.36 -24.21
N LEU D 379 23.67 37.13 -23.33
CA LEU D 379 24.89 37.88 -23.68
C LEU D 379 26.01 37.57 -22.68
N SER D 380 26.22 36.28 -22.41
CA SER D 380 27.27 35.84 -21.47
C SER D 380 28.04 34.55 -21.84
N GLU D 381 27.39 33.38 -21.72
CA GLU D 381 28.10 32.07 -21.66
C GLU D 381 28.75 31.55 -22.96
N GLY D 382 29.42 30.40 -22.87
CA GLY D 382 30.08 29.74 -24.00
C GLY D 382 31.30 30.45 -24.56
N MET D 383 31.31 31.77 -24.41
CA MET D 383 32.47 32.59 -24.72
C MET D 383 33.58 32.21 -23.75
N ALA D 384 34.78 32.02 -24.27
CA ALA D 384 35.94 31.77 -23.42
C ALA D 384 36.19 33.01 -22.55
N VAL D 385 35.98 32.86 -21.25
CA VAL D 385 36.21 33.93 -20.28
C VAL D 385 37.71 34.23 -20.20
N PHE D 386 38.09 35.46 -20.54
CA PHE D 386 39.51 35.86 -20.56
C PHE D 386 39.76 37.19 -19.86
N ARG D 387 40.99 37.37 -19.37
CA ARG D 387 41.37 38.57 -18.64
C ARG D 387 42.50 39.37 -19.31
N ARG D 388 42.27 40.67 -19.47
CA ARG D 388 43.24 41.60 -20.08
C ARG D 388 43.33 42.91 -19.30
N PRO D 389 44.51 43.56 -19.27
CA PRO D 389 44.57 44.96 -18.85
C PRO D 389 43.92 45.87 -19.89
N LEU D 390 43.76 47.15 -19.58
CA LEU D 390 43.24 48.12 -20.54
C LEU D 390 44.26 48.42 -21.63
N PRO D 391 43.84 48.34 -22.91
CA PRO D 391 44.62 48.90 -24.01
C PRO D 391 44.91 50.38 -23.79
N PRO D 392 46.20 50.76 -23.69
CA PRO D 392 46.64 52.14 -23.45
C PRO D 392 45.72 53.20 -24.07
N ALA D 393 45.32 52.96 -25.32
CA ALA D 393 44.49 53.89 -26.08
C ALA D 393 43.03 53.97 -25.62
N MET D 394 42.76 53.51 -24.40
CA MET D 394 41.43 53.56 -23.79
C MET D 394 41.44 54.24 -22.42
N ALA D 395 42.64 54.61 -21.96
CA ALA D 395 42.83 55.25 -20.65
C ALA D 395 42.17 56.63 -20.55
N GLY D 396 41.46 56.85 -19.45
CA GLY D 396 40.75 58.11 -19.21
C GLY D 396 39.48 58.28 -20.02
N LYS D 397 39.05 57.20 -20.68
CA LYS D 397 37.87 57.22 -21.56
C LYS D 397 36.80 56.22 -21.12
N THR D 398 35.53 56.56 -21.42
CA THR D 398 34.35 55.77 -21.03
C THR D 398 34.15 54.54 -21.92
N ILE D 399 33.19 53.67 -21.58
CA ILE D 399 32.73 52.62 -22.50
C ILE D 399 31.76 53.25 -23.51
N ALA D 400 31.18 54.39 -23.13
CA ALA D 400 30.36 55.18 -24.04
C ALA D 400 31.17 55.83 -25.16
N GLU D 401 32.48 55.92 -24.96
CA GLU D 401 33.41 56.47 -25.97
C GLU D 401 34.27 55.40 -26.66
N THR D 402 34.55 54.31 -25.95
CA THR D 402 35.45 53.24 -26.40
C THR D 402 34.87 52.36 -27.54
N ARG D 403 33.58 52.01 -27.44
CA ARG D 403 32.92 51.10 -28.39
C ARG D 403 33.65 49.74 -28.49
N LEU D 404 33.85 49.08 -27.35
CA LEU D 404 34.65 47.86 -27.28
C LEU D 404 33.95 46.61 -27.84
N ARG D 405 32.65 46.49 -27.56
CA ARG D 405 31.89 45.31 -27.98
C ARG D 405 31.66 45.19 -29.50
N PRO D 406 31.31 46.31 -30.19
CA PRO D 406 31.15 46.21 -31.65
C PRO D 406 32.46 46.03 -32.42
N LEU D 407 33.59 46.31 -31.78
CA LEU D 407 34.91 46.20 -32.40
C LEU D 407 35.48 44.77 -32.32
N THR D 408 35.56 44.21 -31.12
CA THR D 408 36.04 42.84 -30.94
C THR D 408 34.93 41.80 -31.01
N GLY D 409 33.82 42.08 -30.32
CA GLY D 409 32.72 41.13 -30.19
C GLY D 409 32.58 40.65 -28.76
N CYS D 410 33.40 41.24 -27.88
CA CYS D 410 33.45 40.90 -26.47
C CYS D 410 32.85 42.02 -25.64
N SER D 411 32.21 41.66 -24.53
CA SER D 411 31.73 42.65 -23.58
C SER D 411 32.34 42.41 -22.20
N ILE D 412 32.74 43.50 -21.57
CA ILE D 412 33.38 43.49 -20.26
C ILE D 412 32.37 43.19 -19.16
N VAL D 413 32.56 42.07 -18.47
CA VAL D 413 31.69 41.73 -17.34
C VAL D 413 32.29 42.16 -15.99
N ALA D 414 33.53 42.63 -16.02
CA ALA D 414 34.24 43.08 -14.81
C ALA D 414 35.31 44.13 -15.08
N ILE D 415 35.14 45.31 -14.48
CA ILE D 415 36.18 46.34 -14.45
C ILE D 415 36.86 46.30 -13.08
N GLU D 416 38.04 45.71 -13.03
CA GLU D 416 38.89 45.68 -11.84
C GLU D 416 39.43 47.08 -11.63
N ALA D 417 38.99 47.74 -10.55
CA ALA D 417 39.27 49.16 -10.32
C ALA D 417 40.76 49.53 -10.35
N PRO D 418 41.07 50.80 -10.71
CA PRO D 418 42.43 51.35 -10.83
C PRO D 418 43.41 50.98 -9.71
N ASP D 419 43.24 51.59 -8.54
CA ASP D 419 44.12 51.37 -7.38
C ASP D 419 43.86 49.99 -6.75
N ARG D 420 44.32 49.79 -5.52
CA ARG D 420 43.87 48.66 -4.72
C ARG D 420 42.42 48.95 -4.37
N ALA D 421 41.53 48.72 -5.34
CA ALA D 421 40.12 49.08 -5.19
C ALA D 421 39.19 48.00 -5.75
N ASP D 422 38.01 47.91 -5.14
CA ASP D 422 37.09 46.80 -5.39
C ASP D 422 36.62 46.66 -6.84
N ILE D 423 36.27 45.42 -7.19
CA ILE D 423 35.87 45.03 -8.54
C ILE D 423 34.47 45.55 -8.86
N LEU D 424 34.21 45.77 -10.15
CA LEU D 424 32.88 46.16 -10.60
C LEU D 424 32.34 45.07 -11.54
N ILE D 425 31.22 44.47 -11.16
CA ILE D 425 30.58 43.41 -11.96
C ILE D 425 29.34 43.95 -12.68
N SER D 426 29.13 43.48 -13.91
CA SER D 426 28.05 43.94 -14.79
C SER D 426 27.92 45.48 -14.84
N PRO D 427 29.01 46.15 -15.26
CA PRO D 427 29.02 47.63 -15.22
C PRO D 427 28.19 48.24 -16.35
N PRO D 428 27.48 49.36 -16.06
CA PRO D 428 26.77 50.11 -17.08
C PRO D 428 27.71 50.68 -18.17
N PRO D 429 27.19 50.95 -19.38
CA PRO D 429 28.02 51.46 -20.47
C PRO D 429 28.48 52.93 -20.34
N GLU D 430 28.08 53.60 -19.27
CA GLU D 430 28.50 55.00 -19.03
C GLU D 430 29.61 55.08 -17.97
N THR D 431 30.30 53.96 -17.74
CA THR D 431 31.31 53.84 -16.69
C THR D 431 32.71 54.27 -17.17
N ILE D 432 33.27 55.25 -16.48
CA ILE D 432 34.64 55.72 -16.72
C ILE D 432 35.66 54.61 -16.47
N LEU D 433 36.59 54.43 -17.41
CA LEU D 433 37.68 53.46 -17.27
C LEU D 433 38.97 54.17 -16.87
N ALA D 434 39.67 53.63 -15.87
CA ALA D 434 40.86 54.27 -15.33
C ALA D 434 42.16 53.65 -15.86
N GLU D 435 43.17 54.50 -16.08
CA GLU D 435 44.42 54.17 -16.78
C GLU D 435 44.90 52.71 -16.68
N GLY D 436 45.37 52.32 -15.50
CA GLY D 436 45.78 50.93 -15.26
C GLY D 436 44.65 50.13 -14.67
N ALA D 437 44.03 49.28 -15.48
CA ALA D 437 42.85 48.52 -15.06
C ALA D 437 42.74 47.16 -15.75
N ARG D 438 42.37 46.14 -14.97
CA ARG D 438 42.13 44.79 -15.51
C ARG D 438 40.65 44.53 -15.84
N LEU D 439 40.43 43.81 -16.93
CA LEU D 439 39.08 43.53 -17.43
C LEU D 439 38.89 42.03 -17.61
N ILE D 440 37.81 41.50 -17.04
CA ILE D 440 37.38 40.13 -17.32
C ILE D 440 36.27 40.19 -18.38
N LEU D 441 36.61 39.76 -19.60
CA LEU D 441 35.68 39.81 -20.72
C LEU D 441 35.17 38.42 -21.05
N ILE D 442 33.84 38.25 -21.08
CA ILE D 442 33.25 37.01 -21.56
C ILE D 442 32.80 37.22 -23.01
N GLY D 443 33.79 37.53 -23.85
CA GLY D 443 33.64 37.41 -25.29
C GLY D 443 34.42 36.18 -25.71
N THR D 444 34.72 36.06 -27.00
CA THR D 444 35.32 34.84 -27.55
C THR D 444 36.85 34.78 -27.46
N SER D 445 37.41 33.58 -27.62
CA SER D 445 38.85 33.42 -27.91
C SER D 445 39.09 33.37 -29.42
N GLU D 446 38.02 33.51 -30.20
CA GLU D 446 38.09 34.04 -31.54
C GLU D 446 38.68 35.41 -31.31
N GLN D 447 37.94 36.18 -30.50
CA GLN D 447 38.23 37.58 -30.24
C GLN D 447 39.04 37.74 -28.95
N GLU D 448 39.81 36.70 -28.62
CA GLU D 448 40.84 36.76 -27.56
C GLU D 448 42.21 36.63 -28.20
N LYS D 449 42.32 35.71 -29.16
CA LYS D 449 43.51 35.60 -30.03
C LYS D 449 43.43 36.66 -31.12
N THR D 450 42.22 37.19 -31.30
CA THR D 450 41.93 38.33 -32.16
C THR D 450 42.05 39.62 -31.35
N PHE D 451 41.62 39.56 -30.08
CA PHE D 451 41.58 40.73 -29.19
C PHE D 451 42.81 41.60 -29.31
N ASP D 452 43.95 41.08 -28.86
CA ASP D 452 45.22 41.82 -28.82
C ASP D 452 45.58 42.45 -30.17
N GLN D 453 45.27 41.75 -31.26
CA GLN D 453 45.47 42.26 -32.60
C GLN D 453 44.49 43.38 -32.96
N THR D 454 43.20 43.10 -32.78
CA THR D 454 42.13 44.03 -33.14
C THR D 454 42.07 45.23 -32.18
N ILE D 455 42.21 44.96 -30.90
CA ILE D 455 42.10 45.98 -29.85
C ILE D 455 43.23 47.02 -29.92
N ALA D 456 44.32 46.68 -30.59
CA ALA D 456 45.49 47.56 -30.66
C ALA D 456 45.74 48.17 -32.05
N ALA D 457 45.33 47.45 -33.11
CA ALA D 457 45.45 47.95 -34.48
C ALA D 457 44.46 49.06 -34.82
N ARG D 458 43.39 49.16 -34.03
CA ARG D 458 42.40 50.23 -34.16
C ARG D 458 42.33 51.06 -32.88
#